data_6FM4
#
_entry.id   6FM4
#
_cell.length_a   92.951
_cell.length_b   92.951
_cell.length_c   407.030
_cell.angle_alpha   90.000
_cell.angle_beta   90.000
_cell.angle_gamma   120.000
#
_symmetry.space_group_name_H-M   'P 61'
#
loop_
_entity.id
_entity.type
_entity.pdbx_description
1 polymer 'DNA gyrase subunit B,DNA gyrase subunit B,DNA gyrase subunit A'
2 polymer "DNA (5'-5UA*D(P*GP*CP*CP*GP*TP*AP*GP*GP*GP*CP*CP*CP*TP*AP*CP*GP*GP*CP*T)-3')"
3 polymer "DNA (5'-5UA*D(P*GP*CP*CP*GP*TP*AP*GP*GP*GP*CP*CP*CP*TP*AP*CP*GP*GP*C)-3')"
4 non-polymer 'MANGANESE (II) ION'
5 non-polymer "5'-O-CARBOXY-2'-DEOXYADENOSINE"
6 non-polymer ~{N}-[3-(4-isoquinolin-1-ylpiperazin-1-yl)propyl]benzamide
7 water water
#
loop_
_entity_poly.entity_id
_entity_poly.type
_entity_poly.pdbx_seq_one_letter_code
_entity_poly.pdbx_strand_id
1 'polypeptide(L)'
;MDVASLPGKLADCSSKSPEECEIFLVEGDSAGGSTKSGRDSRTQAILPLRGKILNVEKARLDRILNNNEIRQMITAFGTG
IGGDFDLAKARYHKIVIMTDADVDGAHIRTLLLTFFYRFMRPLIEAGYVYIAQPPTGYKGLGEMNADQLWETTMNPEHRA
LLQVKLEDAIEADQTFEMLMGDVVENRRQFIEDNAVYANLDFAELPQSRINERNITSEMRESFLDYAMSVIVARALPDVR
DGLKPVHRRILYGLNEQGMTPDKSYKKSARIVGDVMGKYHPHGDSSIYEAMVRMAQDFSYRYPLVDGQGNFGSMDGDGAA
AMRFTEARMTKITLELLRDINKDTIDFIDNYDGNEREPSVLPARFPNLLANGASGIAVGMATNIPPHNLTELINGVLSLS
KNPDISIAELMEDIEGPDFPTAGLILGKSGIRRAYETGRGSIQMRSRAVIEERGGGRQRIVVTEIPFQVNKARMIEKIAE
LVRDKKIDGITDLRDETSLRTGVRVVIDVRKDANASVILNNLYKQTPLQTSFGVNMIALVNGRPKLINLKEALVHYLEHQ
KTVVRRRTQYNLRKAKDRAHILEGLRIALDHIDEIISTIRESDTDKVAMESLQQRFKLSEKQAQAILDMRLRRLTGLERD
KIEAEYNELLNYISELETILADEEVLLQLVRDELTEIRDRFGDDRRTEIQLG
;
B,D
2 'polydeoxyribonucleotide' (DG)(DC)(DC)(DG)(DT)(DA)(DG)(DG)(DG)(DC)(DC)(DC)(DT)(DA)(DC)(DG)(DG)(DC)(DT) E
3 'polydeoxyribonucleotide' (DG)(DC)(DC)(DG)(DT)(DA)(DG)(DG)(DG)(DC)(DC)(DC)(DT)(DA)(DC)(DG)(DG)(DC) F
#
loop_
_chem_comp.id
_chem_comp.type
_chem_comp.name
_chem_comp.formula
5UA DNA linking 5'-O-CARBOXY-2'-DEOXYADENOSINE 'C11 H13 N5 O5'
DA DNA linking 2'-DEOXYADENOSINE-5'-MONOPHOSPHATE 'C10 H14 N5 O6 P'
DC DNA linking 2'-DEOXYCYTIDINE-5'-MONOPHOSPHATE 'C9 H14 N3 O7 P'
DG DNA linking 2'-DEOXYGUANOSINE-5'-MONOPHOSPHATE 'C10 H14 N5 O7 P'
DT DNA linking THYMIDINE-5'-MONOPHOSPHATE 'C10 H15 N2 O8 P'
DU5 non-polymer ~{N}-[3-(4-isoquinolin-1-ylpiperazin-1-yl)propyl]benzamide 'C23 H26 N4 O'
MN non-polymer 'MANGANESE (II) ION' 'Mn 2'
#
# COMPACT_ATOMS: atom_id res chain seq x y z
N LYS A 9 13.68 -1.15 24.58
CA LYS A 9 12.20 -1.33 24.32
C LYS A 9 11.26 -0.78 25.45
N LEU A 10 11.67 -0.93 26.71
CA LEU A 10 10.93 -0.38 27.88
C LEU A 10 10.98 1.15 28.08
N ALA A 11 9.92 1.85 27.75
CA ALA A 11 9.78 3.23 28.24
C ALA A 11 9.26 3.24 29.72
N ASP A 12 10.17 3.33 30.67
CA ASP A 12 9.83 3.24 32.10
C ASP A 12 9.37 4.60 32.62
N CYS A 13 8.68 4.60 33.75
CA CYS A 13 8.29 5.86 34.38
C CYS A 13 9.41 6.32 35.30
N SER A 14 9.25 7.50 35.88
CA SER A 14 10.35 8.11 36.65
C SER A 14 10.28 7.74 38.12
N SER A 15 9.12 7.95 38.73
CA SER A 15 8.94 7.57 40.11
C SER A 15 9.41 6.12 40.31
N LYS A 16 10.30 5.89 41.27
CA LYS A 16 10.61 4.52 41.74
C LYS A 16 9.89 4.31 43.06
N SER A 17 8.57 4.18 42.96
CA SER A 17 7.74 3.91 44.12
C SER A 17 6.56 3.04 43.64
N PRO A 18 6.79 1.70 43.63
CA PRO A 18 5.85 0.67 43.22
C PRO A 18 4.39 1.03 43.38
N GLU A 19 4.00 1.40 44.59
CA GLU A 19 2.58 1.57 44.93
C GLU A 19 1.79 2.43 43.95
N GLU A 20 2.46 3.44 43.39
CA GLU A 20 1.81 4.36 42.48
C GLU A 20 2.24 4.23 41.01
N CYS A 21 3.22 3.37 40.73
CA CYS A 21 3.60 3.08 39.34
C CYS A 21 2.81 1.92 38.75
N GLU A 22 2.46 2.07 37.48
CA GLU A 22 1.76 1.05 36.73
C GLU A 22 2.44 0.95 35.35
N ILE A 23 2.33 -0.23 34.72
CA ILE A 23 2.95 -0.51 33.38
C ILE A 23 1.90 -0.92 32.37
N PHE A 24 1.96 -0.38 31.15
CA PHE A 24 1.03 -0.80 30.09
C PHE A 24 1.71 -1.68 29.03
N LEU A 25 1.06 -2.81 28.72
CA LEU A 25 1.48 -3.73 27.67
C LEU A 25 0.64 -3.50 26.42
N VAL A 26 1.33 -3.34 25.28
CA VAL A 26 0.71 -3.02 23.99
C VAL A 26 1.30 -3.96 22.93
N GLU A 27 0.67 -4.06 21.74
CA GLU A 27 1.01 -5.08 20.72
C GLU A 27 2.33 -4.82 20.02
N GLY A 28 2.78 -3.57 20.06
CA GLY A 28 4.05 -3.16 19.43
C GLY A 28 4.33 -1.66 19.51
N ASP A 29 5.07 -1.16 18.53
CA ASP A 29 5.55 0.23 18.57
C ASP A 29 4.58 1.24 17.95
N SER A 30 3.79 0.83 16.97
CA SER A 30 2.80 1.73 16.39
C SER A 30 1.92 2.28 17.54
N ALA A 31 1.63 1.39 18.49
CA ALA A 31 0.81 1.72 19.62
C ALA A 31 1.63 2.39 20.69
N GLY A 32 2.89 2.00 20.81
CA GLY A 32 3.80 2.61 21.78
C GLY A 32 3.85 4.14 21.73
N GLY A 33 4.25 4.67 20.57
CA GLY A 33 4.33 6.13 20.31
C GLY A 33 3.13 6.98 20.71
N SER A 34 1.91 6.51 20.43
CA SER A 34 0.65 7.13 20.89
C SER A 34 0.41 6.99 22.39
N THR A 35 0.98 5.95 22.98
CA THR A 35 0.85 5.66 24.40
C THR A 35 1.99 6.35 25.19
N LYS A 36 3.19 6.38 24.61
CA LYS A 36 4.29 7.22 25.09
C LYS A 36 4.04 8.74 24.96
N SER A 37 3.33 9.16 23.92
CA SER A 37 2.96 10.56 23.77
C SER A 37 1.75 10.98 24.61
N GLY A 38 1.05 10.02 25.23
CA GLY A 38 -0.18 10.32 25.94
C GLY A 38 -0.15 10.00 27.41
N ARG A 39 0.84 9.21 27.85
CA ARG A 39 0.90 8.77 29.25
C ARG A 39 1.28 9.91 30.14
N ASP A 40 0.93 9.78 31.41
CA ASP A 40 1.55 10.61 32.41
C ASP A 40 2.86 9.92 32.74
N SER A 41 3.98 10.54 32.37
CA SER A 41 5.30 9.91 32.43
C SER A 41 5.81 9.57 33.84
N ARG A 42 5.31 10.28 34.84
CA ARG A 42 5.75 10.08 36.21
C ARG A 42 5.49 8.64 36.65
N THR A 43 4.26 8.14 36.44
CA THR A 43 3.79 6.87 37.05
C THR A 43 3.47 5.71 36.10
N GLN A 44 3.59 5.94 34.80
CA GLN A 44 3.12 4.98 33.83
C GLN A 44 4.26 4.57 32.96
N ALA A 45 4.54 3.28 32.92
CA ALA A 45 5.57 2.76 32.07
C ALA A 45 4.93 2.04 30.89
N ILE A 46 5.63 2.04 29.76
CA ILE A 46 5.14 1.42 28.55
C ILE A 46 6.06 0.29 28.11
N LEU A 47 5.44 -0.84 27.76
CA LEU A 47 6.11 -1.98 27.17
C LEU A 47 5.41 -2.34 25.88
N PRO A 48 6.12 -2.20 24.76
CA PRO A 48 5.58 -2.77 23.53
C PRO A 48 5.93 -4.26 23.41
N LEU A 49 5.07 -5.05 22.80
CA LEU A 49 5.42 -6.40 22.43
C LEU A 49 5.61 -6.53 20.91
N ARG A 50 5.42 -7.73 20.36
CA ARG A 50 5.74 -8.02 18.97
C ARG A 50 4.64 -8.89 18.37
N GLY A 51 3.40 -8.41 18.45
CA GLY A 51 2.26 -9.18 17.98
C GLY A 51 2.04 -10.48 18.77
N LYS A 52 1.66 -11.54 18.06
CA LYS A 52 1.22 -12.73 18.80
C LYS A 52 2.37 -13.14 19.71
N ILE A 53 2.10 -13.23 21.02
CA ILE A 53 3.09 -13.81 21.94
C ILE A 53 2.97 -15.33 21.97
N LEU A 54 4.04 -15.99 22.42
CA LEU A 54 4.07 -17.44 22.68
C LEU A 54 2.85 -17.90 23.46
N ASN A 55 2.26 -18.99 23.01
CA ASN A 55 1.33 -19.73 23.86
C ASN A 55 2.19 -20.62 24.71
N VAL A 56 2.22 -20.29 26.02
CA VAL A 56 3.11 -20.97 26.99
C VAL A 56 2.49 -22.25 27.55
N GLU A 57 1.16 -22.29 27.58
CA GLU A 57 0.43 -23.51 27.87
C GLU A 57 0.79 -24.65 26.95
N LYS A 58 1.28 -24.33 25.76
CA LYS A 58 1.59 -25.33 24.74
C LYS A 58 3.10 -25.60 24.65
N ALA A 59 3.89 -24.54 24.52
CA ALA A 59 5.34 -24.68 24.39
C ALA A 59 6.06 -25.02 25.71
N ARG A 60 7.15 -25.74 25.60
CA ARG A 60 7.94 -26.17 26.76
C ARG A 60 8.89 -25.07 27.31
N LEU A 61 9.43 -25.29 28.52
CA LEU A 61 10.25 -24.26 29.18
C LEU A 61 11.52 -23.70 28.46
N ASP A 62 12.24 -24.50 27.68
CA ASP A 62 13.41 -23.94 26.98
C ASP A 62 13.00 -22.91 25.89
N ARG A 63 11.87 -23.15 25.21
CA ARG A 63 11.28 -22.19 24.28
C ARG A 63 10.77 -20.97 25.04
N ILE A 64 9.91 -21.22 26.01
CA ILE A 64 9.43 -20.15 26.86
C ILE A 64 10.55 -19.18 27.23
N LEU A 65 11.55 -19.65 27.99
CA LEU A 65 12.49 -18.73 28.61
C LEU A 65 13.45 -18.13 27.62
N ASN A 66 13.48 -18.62 26.38
CA ASN A 66 14.36 -18.03 25.36
C ASN A 66 13.65 -17.15 24.29
N ASN A 67 12.43 -16.72 24.67
CA ASN A 67 11.53 -15.88 23.84
C ASN A 67 11.66 -14.41 24.21
N ASN A 68 11.84 -13.59 23.23
CA ASN A 68 12.29 -12.25 23.50
C ASN A 68 11.31 -11.43 24.37
N GLU A 69 10.01 -11.53 24.12
CA GLU A 69 9.05 -10.67 24.85
C GLU A 69 8.73 -11.09 26.28
N ILE A 70 8.68 -12.39 26.50
CA ILE A 70 8.51 -12.88 27.84
C ILE A 70 9.66 -12.43 28.76
N ARG A 71 10.91 -12.61 28.31
CA ARG A 71 12.07 -12.14 29.07
C ARG A 71 11.87 -10.68 29.48
N GLN A 72 11.63 -9.80 28.51
CA GLN A 72 11.45 -8.40 28.82
C GLN A 72 10.42 -8.15 29.91
N MET A 73 9.29 -8.83 29.84
CA MET A 73 8.24 -8.66 30.84
C MET A 73 8.70 -9.05 32.25
N ILE A 74 9.23 -10.28 32.40
CA ILE A 74 9.79 -10.78 33.69
C ILE A 74 10.77 -9.80 34.24
N THR A 75 11.64 -9.29 33.38
CA THR A 75 12.62 -8.28 33.73
C THR A 75 11.85 -7.09 34.23
N ALA A 76 10.96 -6.62 33.36
CA ALA A 76 10.18 -5.44 33.66
C ALA A 76 9.55 -5.55 35.06
N PHE A 77 9.03 -6.71 35.42
CA PHE A 77 8.28 -6.84 36.67
C PHE A 77 9.14 -7.05 37.92
N GLY A 78 10.39 -7.47 37.74
CA GLY A 78 11.29 -7.68 38.89
C GLY A 78 10.91 -8.80 39.84
N THR A 79 9.77 -9.47 39.58
CA THR A 79 9.28 -10.54 40.47
C THR A 79 9.90 -11.95 40.35
N GLY A 80 10.71 -12.21 39.30
CA GLY A 80 11.06 -13.59 38.96
C GLY A 80 9.80 -14.37 38.62
N ILE A 81 9.91 -15.68 38.46
CA ILE A 81 8.73 -16.49 38.11
C ILE A 81 8.60 -17.83 38.88
N GLY A 82 7.47 -18.51 38.67
CA GLY A 82 7.25 -19.91 39.10
C GLY A 82 7.41 -20.01 40.59
N GLY A 83 8.31 -20.88 41.01
CA GLY A 83 8.70 -20.89 42.41
C GLY A 83 9.19 -19.49 42.79
N ASP A 84 10.37 -19.14 42.28
CA ASP A 84 11.07 -17.90 42.61
C ASP A 84 10.16 -16.68 42.81
N PHE A 85 9.08 -16.60 42.03
CA PHE A 85 8.16 -15.47 42.15
C PHE A 85 8.06 -14.89 43.56
N ASP A 86 8.08 -13.57 43.62
CA ASP A 86 7.94 -12.93 44.91
C ASP A 86 7.30 -11.57 44.73
N LEU A 87 6.33 -11.28 45.59
CA LEU A 87 5.45 -10.11 45.41
C LEU A 87 6.07 -8.78 45.90
N ALA A 88 7.06 -8.86 46.80
CA ALA A 88 7.65 -7.67 47.37
C ALA A 88 8.42 -6.96 46.29
N LYS A 89 9.13 -7.73 45.46
CA LYS A 89 10.02 -7.15 44.41
C LYS A 89 9.33 -6.63 43.10
N ALA A 90 8.00 -6.45 43.14
CA ALA A 90 7.19 -6.02 42.03
C ALA A 90 7.41 -4.53 41.82
N ARG A 91 7.72 -4.16 40.59
CA ARG A 91 8.10 -2.84 40.24
C ARG A 91 6.86 -1.99 39.93
N TYR A 92 5.73 -2.67 39.77
CA TYR A 92 4.48 -1.95 39.48
C TYR A 92 3.35 -2.66 40.22
N HIS A 93 2.35 -1.91 40.64
CA HIS A 93 1.22 -2.48 41.39
C HIS A 93 -0.07 -2.54 40.56
N LYS A 94 0.02 -2.00 39.34
CA LYS A 94 -0.98 -2.09 38.28
C LYS A 94 -0.29 -2.53 36.97
N ILE A 95 -0.49 -3.78 36.58
CA ILE A 95 0.01 -4.24 35.28
C ILE A 95 -1.21 -4.32 34.41
N VAL A 96 -1.21 -3.52 33.35
CA VAL A 96 -2.43 -3.26 32.62
C VAL A 96 -2.26 -3.81 31.23
N ILE A 97 -3.22 -4.59 30.74
CA ILE A 97 -3.16 -5.05 29.37
C ILE A 97 -3.96 -4.12 28.48
N MET A 98 -3.38 -3.76 27.36
CA MET A 98 -3.98 -2.78 26.51
C MET A 98 -3.64 -3.08 25.03
N THR A 99 -4.23 -4.19 24.57
CA THR A 99 -4.10 -4.68 23.18
C THR A 99 -5.05 -3.92 22.24
N ASP A 100 -4.86 -4.15 20.93
CA ASP A 100 -5.72 -3.60 19.89
C ASP A 100 -7.18 -3.83 20.32
N ALA A 101 -8.11 -2.91 20.01
CA ALA A 101 -9.54 -3.21 20.25
C ALA A 101 -10.15 -4.16 19.20
N ASP A 102 -9.38 -5.15 18.74
CA ASP A 102 -9.81 -6.02 17.62
C ASP A 102 -9.69 -7.51 18.02
N VAL A 103 -10.25 -8.44 17.25
CA VAL A 103 -10.31 -9.85 17.72
C VAL A 103 -8.89 -10.38 17.96
N ASP A 104 -7.92 -9.83 17.23
CA ASP A 104 -6.55 -10.28 17.35
C ASP A 104 -5.88 -9.73 18.61
N GLY A 105 -6.35 -8.58 19.13
CA GLY A 105 -5.95 -8.11 20.43
C GLY A 105 -6.62 -8.88 21.54
N ALA A 106 -7.84 -9.31 21.31
CA ALA A 106 -8.53 -10.17 22.27
C ALA A 106 -7.82 -11.53 22.45
N HIS A 107 -7.08 -11.96 21.43
CA HIS A 107 -6.35 -13.20 21.48
C HIS A 107 -5.01 -13.03 22.19
N ILE A 108 -4.30 -11.98 21.79
CA ILE A 108 -3.04 -11.62 22.43
C ILE A 108 -3.35 -11.56 23.94
N ARG A 109 -4.46 -10.88 24.26
CA ARG A 109 -4.87 -10.75 25.63
C ARG A 109 -4.99 -12.08 26.34
N THR A 110 -5.51 -13.12 25.68
CA THR A 110 -5.65 -14.46 26.35
C THR A 110 -4.35 -15.17 26.42
N LEU A 111 -3.48 -14.88 25.47
CA LEU A 111 -2.11 -15.35 25.44
C LEU A 111 -1.27 -14.77 26.63
N LEU A 112 -1.55 -13.53 27.00
CA LEU A 112 -0.86 -12.97 28.16
C LEU A 112 -1.41 -13.50 29.48
N LEU A 113 -2.73 -13.62 29.61
CA LEU A 113 -3.32 -14.14 30.85
C LEU A 113 -2.85 -15.57 31.15
N THR A 114 -2.88 -16.41 30.12
CA THR A 114 -2.28 -17.72 30.21
C THR A 114 -0.86 -17.67 30.71
N PHE A 115 -0.10 -16.66 30.31
CA PHE A 115 1.28 -16.61 30.69
C PHE A 115 1.38 -16.20 32.13
N PHE A 116 0.82 -15.03 32.45
CA PHE A 116 0.62 -14.60 33.85
C PHE A 116 0.08 -15.71 34.74
N TYR A 117 -0.94 -16.41 34.25
CA TYR A 117 -1.54 -17.46 35.04
C TYR A 117 -0.54 -18.60 35.39
N ARG A 118 0.28 -19.03 34.44
CA ARG A 118 1.16 -20.20 34.70
C ARG A 118 2.46 -19.88 35.37
N PHE A 119 2.82 -18.60 35.46
CA PHE A 119 4.15 -18.21 35.99
C PHE A 119 4.13 -17.06 36.97
N MET A 120 2.95 -16.47 37.18
CA MET A 120 2.79 -15.22 37.92
C MET A 120 1.39 -15.15 38.55
N ARG A 121 0.95 -16.31 39.08
CA ARG A 121 -0.38 -16.41 39.65
C ARG A 121 -0.51 -15.45 40.81
N PRO A 122 0.43 -15.53 41.78
CA PRO A 122 0.22 -14.68 42.99
C PRO A 122 -0.09 -13.23 42.63
N LEU A 123 0.46 -12.78 41.51
CA LEU A 123 0.24 -11.47 40.90
C LEU A 123 -1.22 -11.17 40.58
N ILE A 124 -1.96 -12.16 40.07
CA ILE A 124 -3.40 -11.96 39.83
C ILE A 124 -4.16 -12.03 41.13
N GLU A 125 -3.49 -12.56 42.16
CA GLU A 125 -4.12 -12.83 43.45
C GLU A 125 -4.04 -11.65 44.38
N ALA A 126 -2.99 -10.86 44.21
CA ALA A 126 -2.95 -9.58 44.89
C ALA A 126 -3.77 -8.54 44.12
N GLY A 127 -4.35 -8.91 42.97
CA GLY A 127 -5.18 -7.97 42.20
C GLY A 127 -4.37 -6.91 41.46
N TYR A 128 -3.12 -7.28 41.17
CA TYR A 128 -2.22 -6.45 40.39
C TYR A 128 -2.55 -6.34 38.89
N VAL A 129 -3.22 -7.34 38.29
CA VAL A 129 -3.43 -7.32 36.83
C VAL A 129 -4.75 -6.69 36.42
N TYR A 130 -4.71 -5.95 35.31
CA TYR A 130 -5.86 -5.17 34.84
C TYR A 130 -5.97 -5.22 33.31
N ILE A 131 -7.17 -5.00 32.83
CA ILE A 131 -7.41 -4.89 31.40
C ILE A 131 -7.99 -3.53 31.10
N ALA A 132 -7.49 -2.93 30.02
CA ALA A 132 -7.86 -1.63 29.60
C ALA A 132 -8.81 -1.76 28.46
N GLN A 133 -9.65 -0.73 28.35
CA GLN A 133 -10.78 -0.74 27.45
C GLN A 133 -10.72 0.45 26.52
N PRO A 134 -9.97 0.31 25.44
CA PRO A 134 -9.99 1.35 24.42
C PRO A 134 -11.20 1.20 23.53
N PRO A 135 -11.67 2.32 22.97
CA PRO A 135 -12.90 2.37 22.19
C PRO A 135 -12.76 1.78 20.80
N THR A 136 -13.86 1.17 20.34
CA THR A 136 -13.89 0.43 19.08
C THR A 136 -14.16 1.34 17.87
N GLY A 137 -13.70 0.91 16.69
CA GLY A 137 -14.01 1.56 15.42
C GLY A 137 -12.81 2.20 14.76
N TYR A 138 -10.77 1.35 16.91
CA TYR A 138 -9.76 1.69 15.90
C TYR A 138 -9.04 0.41 15.49
N LYS A 139 -8.43 0.41 14.30
CA LYS A 139 -7.66 -0.74 13.80
C LYS A 139 -6.60 -1.21 14.80
N GLY A 140 -5.79 -0.25 15.29
CA GLY A 140 -4.86 -0.44 16.42
C GLY A 140 -4.82 0.85 17.23
N LEU A 141 -4.17 0.90 18.39
CA LEU A 141 -4.07 2.18 19.11
C LEU A 141 -3.13 3.19 18.41
N GLY A 142 -2.34 2.70 17.45
CA GLY A 142 -1.55 3.56 16.61
C GLY A 142 -2.41 4.44 15.73
N GLU A 143 -3.71 4.16 15.64
CA GLU A 143 -4.69 5.05 14.94
C GLU A 143 -5.28 6.17 15.84
N MET A 144 -5.12 6.08 17.15
CA MET A 144 -5.75 7.09 18.01
C MET A 144 -4.84 8.31 18.08
N ASN A 145 -5.41 9.49 18.33
CA ASN A 145 -4.61 10.70 18.60
C ASN A 145 -4.17 10.65 20.03
N ALA A 146 -3.08 11.33 20.35
CA ALA A 146 -2.45 11.17 21.67
C ALA A 146 -3.40 11.42 22.88
N ASP A 147 -3.98 12.61 22.93
CA ASP A 147 -4.86 13.01 24.05
C ASP A 147 -6.03 12.04 24.24
N GLN A 148 -6.62 11.66 23.10
CA GLN A 148 -7.82 10.85 23.01
C GLN A 148 -7.56 9.48 23.59
N LEU A 149 -6.39 8.92 23.28
CA LEU A 149 -5.97 7.65 23.89
C LEU A 149 -5.89 7.90 25.37
N TRP A 150 -5.29 9.00 25.76
CA TRP A 150 -5.08 9.24 27.19
C TRP A 150 -6.38 9.46 27.90
N GLU A 151 -7.29 10.22 27.29
CA GLU A 151 -8.49 10.67 27.97
C GLU A 151 -9.56 9.59 28.12
N THR A 152 -9.77 8.78 27.10
CA THR A 152 -10.83 7.76 27.18
C THR A 152 -10.36 6.50 27.86
N THR A 153 -9.03 6.32 28.00
CA THR A 153 -8.42 5.01 28.33
C THR A 153 -7.26 5.02 29.37
N MET A 154 -6.41 6.05 29.41
CA MET A 154 -5.26 6.13 30.36
C MET A 154 -5.36 7.13 31.53
N ASN A 155 -6.26 8.11 31.46
CA ASN A 155 -6.39 9.11 32.51
C ASN A 155 -7.08 8.44 33.66
N PRO A 156 -6.40 8.33 34.83
CA PRO A 156 -6.99 7.72 36.03
C PRO A 156 -8.32 8.31 36.51
N GLU A 157 -8.64 9.54 36.13
CA GLU A 157 -9.95 10.13 36.47
C GLU A 157 -11.17 9.62 35.62
N HIS A 158 -11.05 9.42 34.31
CA HIS A 158 -12.22 8.98 33.50
C HIS A 158 -12.11 7.53 32.99
N ARG A 159 -10.99 6.88 33.26
CA ARG A 159 -10.68 5.55 32.72
C ARG A 159 -11.36 4.41 33.46
N ALA A 160 -11.42 3.27 32.77
CA ALA A 160 -12.21 2.10 33.16
C ALA A 160 -11.37 0.84 32.97
N LEU A 161 -10.57 0.58 34.01
CA LEU A 161 -9.77 -0.60 34.04
C LEU A 161 -10.60 -1.64 34.65
N LEU A 162 -10.60 -2.83 34.04
CA LEU A 162 -11.14 -4.04 34.62
C LEU A 162 -10.04 -4.75 35.41
N GLN A 163 -10.20 -4.89 36.72
CA GLN A 163 -9.22 -5.61 37.55
C GLN A 163 -9.43 -7.14 37.50
N VAL A 164 -8.37 -7.93 37.28
CA VAL A 164 -8.58 -9.38 37.05
C VAL A 164 -8.84 -10.17 38.34
N LYS A 165 -10.05 -10.72 38.47
CA LYS A 165 -10.43 -11.56 39.63
C LYS A 165 -10.27 -13.04 39.37
N LEU A 166 -9.56 -13.71 40.28
CA LEU A 166 -9.47 -15.18 40.31
C LEU A 166 -10.39 -15.64 41.45
N GLU A 167 -11.43 -16.43 41.11
CA GLU A 167 -12.42 -16.95 42.08
C GLU A 167 -12.37 -18.48 42.35
N ASP A 168 -11.73 -19.25 41.47
CA ASP A 168 -11.74 -20.69 41.63
C ASP A 168 -10.57 -21.40 40.91
N ALA A 169 -9.47 -21.63 41.64
CA ALA A 169 -8.27 -22.23 41.09
C ALA A 169 -8.55 -23.45 40.24
N ILE A 170 -9.57 -24.19 40.62
CA ILE A 170 -9.88 -25.41 39.91
C ILE A 170 -10.40 -25.02 38.51
N GLU A 171 -11.44 -24.18 38.50
CA GLU A 171 -12.13 -23.75 37.25
C GLU A 171 -11.11 -23.10 36.27
N ALA A 172 -10.24 -22.25 36.82
CA ALA A 172 -9.21 -21.55 36.08
C ALA A 172 -8.26 -22.49 35.37
N ASP A 173 -7.75 -23.47 36.08
CA ASP A 173 -6.81 -24.41 35.51
C ASP A 173 -7.53 -25.04 34.32
N GLN A 174 -8.65 -25.68 34.56
CA GLN A 174 -9.36 -26.34 33.49
C GLN A 174 -9.57 -25.42 32.30
N THR A 175 -10.05 -24.19 32.59
CA THR A 175 -10.30 -23.21 31.53
C THR A 175 -9.09 -23.08 30.62
N PHE A 176 -7.96 -22.83 31.24
CA PHE A 176 -6.80 -22.64 30.49
C PHE A 176 -6.49 -23.91 29.74
N GLU A 177 -6.61 -25.07 30.40
CA GLU A 177 -6.16 -26.35 29.81
C GLU A 177 -6.88 -26.51 28.52
N MET A 178 -8.19 -26.24 28.55
CA MET A 178 -9.05 -26.44 27.37
C MET A 178 -8.76 -25.45 26.27
N LEU A 179 -8.79 -24.15 26.58
CA LEU A 179 -8.69 -23.13 25.55
C LEU A 179 -7.28 -23.07 24.94
N MET A 180 -6.24 -23.07 25.77
CA MET A 180 -4.91 -22.83 25.23
C MET A 180 -4.08 -24.08 25.04
N GLY A 181 -4.53 -25.17 25.66
CA GLY A 181 -3.74 -26.39 25.71
C GLY A 181 -3.73 -26.99 24.35
N ASP A 182 -2.81 -27.93 24.14
CA ASP A 182 -2.65 -28.64 22.85
C ASP A 182 -3.83 -29.54 22.36
N VAL A 183 -4.72 -30.02 23.26
CA VAL A 183 -5.80 -30.90 22.79
C VAL A 183 -6.82 -30.07 22.04
N VAL A 184 -6.84 -30.23 20.73
CA VAL A 184 -7.78 -29.50 19.89
C VAL A 184 -9.21 -29.97 20.12
N GLU A 185 -9.42 -31.28 20.25
CA GLU A 185 -10.76 -31.83 20.44
C GLU A 185 -11.65 -31.18 21.56
N ASN A 186 -11.09 -30.81 22.71
CA ASN A 186 -11.89 -30.15 23.79
C ASN A 186 -12.05 -28.64 23.59
N ARG A 187 -11.20 -28.08 22.75
CA ARG A 187 -11.31 -26.69 22.38
C ARG A 187 -12.37 -26.59 21.31
N ARG A 188 -12.34 -27.55 20.39
CA ARG A 188 -13.36 -27.60 19.36
C ARG A 188 -14.73 -27.70 20.00
N GLN A 189 -14.91 -28.68 20.89
CA GLN A 189 -16.20 -28.92 21.52
C GLN A 189 -16.64 -27.74 22.39
N PHE A 190 -15.68 -26.99 22.95
CA PHE A 190 -16.01 -25.73 23.60
C PHE A 190 -16.76 -24.79 22.64
N ILE A 191 -16.43 -24.85 21.34
CA ILE A 191 -16.94 -23.87 20.37
C ILE A 191 -18.33 -24.27 19.94
N GLU A 192 -18.46 -25.48 19.40
CA GLU A 192 -19.77 -25.99 18.98
C GLU A 192 -20.86 -25.59 20.01
N ASP A 193 -20.65 -25.97 21.26
CA ASP A 193 -21.56 -25.70 22.39
C ASP A 193 -21.95 -24.24 22.58
N ASN A 194 -20.99 -23.32 22.48
CA ASN A 194 -21.16 -21.91 22.93
C ASN A 194 -21.31 -20.89 21.84
N ALA A 195 -20.82 -21.25 20.65
CA ALA A 195 -20.93 -20.43 19.45
C ALA A 195 -22.37 -20.06 19.14
N VAL A 196 -22.59 -18.81 18.73
CA VAL A 196 -23.92 -18.36 18.27
C VAL A 196 -23.75 -17.65 16.93
N TYR A 197 -23.81 -18.42 15.85
CA TYR A 197 -23.48 -17.91 14.51
C TYR A 197 -24.44 -16.84 14.00
N ALA A 198 -24.17 -15.57 14.35
CA ALA A 198 -24.97 -14.45 13.87
C ALA A 198 -24.30 -13.12 14.17
N ASN A 211 -15.17 -1.77 38.29
CA ASN A 211 -15.43 -2.86 37.35
C ASN A 211 -14.34 -3.93 37.45
N GLU A 212 -14.74 -5.10 37.94
CA GLU A 212 -13.86 -6.25 38.19
C GLU A 212 -14.26 -7.44 37.27
N ARG A 213 -13.28 -8.25 36.89
CA ARG A 213 -13.46 -9.21 35.81
C ARG A 213 -12.97 -10.59 36.16
N ASN A 214 -13.86 -11.55 35.96
CA ASN A 214 -13.64 -12.92 36.36
C ASN A 214 -12.77 -13.50 35.23
N ILE A 215 -11.57 -13.93 35.60
CA ILE A 215 -10.55 -14.39 34.64
C ILE A 215 -11.07 -15.52 33.76
N THR A 216 -11.87 -16.41 34.32
CA THR A 216 -12.47 -17.44 33.54
C THR A 216 -13.54 -16.81 32.60
N SER A 217 -14.37 -15.90 33.10
CA SER A 217 -15.36 -15.24 32.23
C SER A 217 -14.61 -14.66 31.02
N GLU A 218 -13.55 -13.90 31.32
CA GLU A 218 -12.79 -13.16 30.32
C GLU A 218 -12.09 -14.05 29.28
N MET A 219 -11.47 -15.12 29.78
CA MET A 219 -10.72 -16.05 28.94
C MET A 219 -11.68 -16.71 28.00
N ARG A 220 -12.81 -17.16 28.56
CA ARG A 220 -13.86 -17.84 27.79
C ARG A 220 -14.46 -16.93 26.73
N GLU A 221 -14.79 -15.68 27.10
CA GLU A 221 -15.41 -14.75 26.15
C GLU A 221 -14.41 -14.32 25.11
N SER A 222 -13.19 -13.96 25.54
CA SER A 222 -12.26 -13.36 24.61
C SER A 222 -11.79 -14.37 23.54
N PHE A 223 -11.52 -15.62 23.93
CA PHE A 223 -11.04 -16.64 23.00
C PHE A 223 -12.13 -17.14 22.06
N LEU A 224 -13.37 -17.10 22.53
CA LEU A 224 -14.53 -17.48 21.69
C LEU A 224 -14.69 -16.50 20.55
N ASP A 225 -14.80 -15.20 20.89
CA ASP A 225 -14.86 -14.09 19.97
C ASP A 225 -13.77 -14.15 18.95
N TYR A 226 -12.55 -14.52 19.35
CA TYR A 226 -11.45 -14.75 18.36
C TYR A 226 -11.66 -16.04 17.53
N ALA A 227 -12.12 -17.12 18.16
CA ALA A 227 -12.33 -18.36 17.43
C ALA A 227 -13.43 -18.18 16.43
N MET A 228 -14.54 -17.62 16.85
CA MET A 228 -15.68 -17.48 15.94
C MET A 228 -15.27 -16.56 14.83
N SER A 229 -14.40 -15.61 15.14
CA SER A 229 -13.90 -14.73 14.13
C SER A 229 -13.05 -15.44 13.10
N VAL A 230 -12.14 -16.29 13.57
CA VAL A 230 -11.23 -16.97 12.66
C VAL A 230 -11.98 -18.00 11.83
N ILE A 231 -13.04 -18.55 12.41
CA ILE A 231 -13.71 -19.66 11.71
C ILE A 231 -14.56 -19.13 10.54
N VAL A 232 -15.43 -18.18 10.82
CA VAL A 232 -16.35 -17.66 9.83
C VAL A 232 -15.79 -16.54 8.99
N ALA A 233 -14.87 -15.75 9.52
CA ALA A 233 -14.44 -14.50 8.87
C ALA A 233 -12.92 -14.40 8.60
N ARG A 234 -12.34 -15.49 8.11
CA ARG A 234 -10.89 -15.56 7.88
C ARG A 234 -10.43 -16.85 7.16
N ALA A 235 -10.24 -17.92 7.97
CA ALA A 235 -9.47 -19.12 7.57
C ALA A 235 -10.22 -20.19 6.76
N LEU A 236 -11.56 -20.14 6.74
CA LEU A 236 -12.35 -21.16 6.04
C LEU A 236 -13.26 -20.53 4.98
N PRO A 237 -13.39 -21.22 3.83
CA PRO A 237 -14.19 -20.76 2.71
C PRO A 237 -15.64 -21.07 2.86
N ASP A 238 -16.41 -20.37 2.05
CA ASP A 238 -17.82 -20.56 1.98
C ASP A 238 -18.04 -21.70 1.03
N VAL A 239 -19.16 -22.39 1.23
CA VAL A 239 -19.45 -23.51 0.39
C VAL A 239 -19.83 -23.08 -1.04
N ARG A 240 -20.40 -21.88 -1.16
CA ARG A 240 -21.15 -21.48 -2.35
C ARG A 240 -20.31 -20.91 -3.44
N ASP A 241 -19.35 -20.05 -3.11
CA ASP A 241 -18.37 -19.52 -4.09
C ASP A 241 -16.93 -19.89 -3.84
N GLY A 242 -16.66 -20.72 -2.82
CA GLY A 242 -15.33 -21.29 -2.54
C GLY A 242 -14.30 -20.38 -1.92
N LEU A 243 -14.68 -19.18 -1.51
CA LEU A 243 -13.65 -18.23 -1.15
C LEU A 243 -13.71 -17.92 0.34
N LYS A 244 -12.58 -17.44 0.86
CA LYS A 244 -12.43 -16.86 2.15
C LYS A 244 -12.44 -15.38 1.99
N PRO A 245 -12.87 -14.60 3.03
CA PRO A 245 -13.11 -13.15 2.87
C PRO A 245 -12.05 -12.37 2.11
N VAL A 246 -10.79 -12.55 2.48
CA VAL A 246 -9.74 -11.82 1.79
C VAL A 246 -9.88 -12.04 0.24
N HIS A 247 -10.00 -13.28 -0.20
CA HIS A 247 -10.14 -13.55 -1.64
C HIS A 247 -11.40 -12.87 -2.22
N ARG A 248 -12.55 -13.09 -1.59
CA ARG A 248 -13.74 -12.34 -1.93
C ARG A 248 -13.48 -10.81 -2.06
N ARG A 249 -12.86 -10.19 -1.05
CA ARG A 249 -12.59 -8.71 -1.07
C ARG A 249 -11.71 -8.24 -2.21
N ILE A 250 -10.50 -8.82 -2.28
CA ILE A 250 -9.62 -8.68 -3.44
C ILE A 250 -10.42 -8.71 -4.78
N LEU A 251 -10.96 -9.89 -5.06
CA LEU A 251 -11.68 -10.10 -6.28
C LEU A 251 -12.84 -9.11 -6.40
N TYR A 252 -13.46 -8.71 -5.28
CA TYR A 252 -14.53 -7.69 -5.33
C TYR A 252 -13.85 -6.35 -5.56
N GLY A 253 -12.72 -6.17 -4.89
CA GLY A 253 -11.89 -5.01 -5.12
C GLY A 253 -11.55 -4.79 -6.60
N LEU A 254 -11.32 -5.85 -7.39
CA LEU A 254 -10.89 -5.64 -8.77
C LEU A 254 -12.08 -5.26 -9.59
N ASN A 255 -13.19 -5.91 -9.29
CA ASN A 255 -14.38 -5.76 -10.10
C ASN A 255 -14.83 -4.35 -10.02
N GLU A 256 -14.77 -3.77 -8.83
CA GLU A 256 -15.36 -2.47 -8.57
C GLU A 256 -14.60 -1.40 -9.29
N GLN A 257 -13.29 -1.56 -9.38
CA GLN A 257 -12.48 -0.66 -10.19
C GLN A 257 -12.26 -1.26 -11.58
N GLY A 258 -13.25 -1.95 -12.12
CA GLY A 258 -13.10 -2.69 -13.38
C GLY A 258 -11.67 -2.87 -13.90
N MET A 259 -10.88 -3.71 -13.22
CA MET A 259 -9.54 -4.09 -13.68
C MET A 259 -9.72 -5.42 -14.35
N THR A 260 -10.28 -5.35 -15.56
CA THR A 260 -10.73 -6.48 -16.33
C THR A 260 -9.69 -7.00 -17.29
N PRO A 261 -9.86 -8.25 -17.76
CA PRO A 261 -8.98 -8.89 -18.73
C PRO A 261 -8.59 -8.03 -19.93
N ASP A 262 -9.59 -7.41 -20.56
CA ASP A 262 -9.37 -6.65 -21.80
C ASP A 262 -8.72 -5.28 -21.53
N LYS A 263 -8.70 -4.85 -20.27
CA LYS A 263 -7.99 -3.63 -19.87
C LYS A 263 -6.60 -3.97 -19.46
N SER A 264 -5.73 -2.97 -19.52
CA SER A 264 -4.34 -3.15 -19.11
C SER A 264 -4.19 -3.56 -17.62
N TYR A 265 -2.99 -4.07 -17.27
CA TYR A 265 -2.67 -4.44 -15.89
C TYR A 265 -2.72 -3.22 -15.05
N LYS A 266 -2.83 -3.42 -13.74
CA LYS A 266 -2.81 -2.33 -12.79
C LYS A 266 -1.90 -2.67 -11.61
N LYS A 267 -1.49 -1.62 -10.92
CA LYS A 267 -0.36 -1.70 -10.03
C LYS A 267 -0.78 -2.49 -8.81
N SER A 268 0.01 -3.52 -8.48
CA SER A 268 -0.27 -4.34 -7.28
C SER A 268 -0.50 -3.51 -6.02
N ALA A 269 0.32 -2.49 -5.80
CA ALA A 269 0.21 -1.66 -4.60
C ALA A 269 -1.08 -0.80 -4.49
N ARG A 270 -1.66 -0.35 -5.62
CA ARG A 270 -2.92 0.42 -5.57
C ARG A 270 -4.10 -0.45 -5.19
N ILE A 271 -4.18 -1.62 -5.84
CA ILE A 271 -5.15 -2.69 -5.59
C ILE A 271 -5.21 -3.00 -4.10
N VAL A 272 -4.04 -3.26 -3.54
CA VAL A 272 -3.91 -3.65 -2.12
C VAL A 272 -4.21 -2.51 -1.11
N GLY A 273 -3.81 -1.29 -1.43
CA GLY A 273 -4.23 -0.13 -0.65
C GLY A 273 -5.74 0.03 -0.62
N ASP A 274 -6.34 0.06 -1.81
CA ASP A 274 -7.76 0.14 -1.99
C ASP A 274 -8.48 -0.87 -1.13
N VAL A 275 -8.00 -2.12 -1.22
CA VAL A 275 -8.70 -3.26 -0.63
C VAL A 275 -8.64 -3.18 0.87
N MET A 276 -7.63 -2.48 1.37
CA MET A 276 -7.35 -2.42 2.80
C MET A 276 -7.90 -1.15 3.44
N GLY A 277 -8.18 -0.16 2.63
CA GLY A 277 -9.02 0.92 3.10
C GLY A 277 -10.51 0.60 3.09
N LYS A 278 -10.93 -0.29 2.21
CA LYS A 278 -12.34 -0.42 1.89
C LYS A 278 -13.00 -1.68 2.43
N TYR A 279 -12.28 -2.80 2.43
CA TYR A 279 -12.90 -4.09 2.82
C TYR A 279 -12.12 -4.99 3.80
N HIS A 280 -10.81 -4.75 3.98
CA HIS A 280 -9.95 -5.67 4.77
C HIS A 280 -8.92 -4.96 5.70
N PRO A 281 -9.30 -4.62 6.97
CA PRO A 281 -8.40 -3.96 7.96
C PRO A 281 -7.33 -4.88 8.60
N HIS A 282 -6.66 -5.66 7.74
CA HIS A 282 -5.60 -6.52 8.14
C HIS A 282 -4.38 -6.07 7.37
N GLY A 283 -3.23 -6.64 7.68
CA GLY A 283 -1.98 -6.18 7.09
C GLY A 283 -1.92 -6.33 5.58
N ASP A 284 -0.94 -5.68 4.98
CA ASP A 284 -0.85 -5.63 3.51
C ASP A 284 -0.28 -6.90 2.84
N SER A 285 0.57 -7.64 3.55
CA SER A 285 1.12 -8.93 3.10
C SER A 285 0.13 -10.10 3.20
N SER A 286 -0.80 -10.06 4.15
CA SER A 286 -1.86 -11.10 4.21
C SER A 286 -2.74 -11.00 2.99
N ILE A 287 -2.93 -9.76 2.50
CA ILE A 287 -3.69 -9.46 1.30
C ILE A 287 -2.88 -9.58 0.00
N TYR A 288 -1.66 -9.07 -0.03
CA TYR A 288 -0.92 -9.06 -1.28
C TYR A 288 -0.61 -10.52 -1.67
N GLU A 289 -0.09 -11.30 -0.73
CA GLU A 289 0.15 -12.74 -0.95
C GLU A 289 -1.09 -13.61 -1.17
N ALA A 290 -2.25 -13.17 -0.71
CA ALA A 290 -3.48 -13.82 -1.10
C ALA A 290 -3.67 -13.65 -2.60
N MET A 291 -3.41 -12.43 -3.06
CA MET A 291 -3.57 -12.11 -4.45
C MET A 291 -2.55 -12.86 -5.34
N VAL A 292 -1.29 -12.92 -4.90
CA VAL A 292 -0.29 -13.73 -5.52
C VAL A 292 -0.73 -15.21 -5.62
N ARG A 293 -1.08 -15.87 -4.52
CA ARG A 293 -1.54 -17.28 -4.62
C ARG A 293 -2.58 -17.49 -5.71
N MET A 294 -3.50 -16.54 -5.84
CA MET A 294 -4.50 -16.57 -6.91
C MET A 294 -3.89 -16.35 -8.31
N ALA A 295 -2.72 -15.76 -8.39
CA ALA A 295 -2.09 -15.58 -9.67
C ALA A 295 -1.23 -16.80 -10.16
N GLN A 296 -0.73 -17.63 -9.23
CA GLN A 296 0.19 -18.76 -9.53
C GLN A 296 -0.51 -20.01 -10.10
N ASP A 297 -0.11 -20.40 -11.30
CA ASP A 297 -0.70 -21.54 -11.94
C ASP A 297 -0.24 -22.90 -11.42
N PHE A 298 0.70 -22.91 -10.47
CA PHE A 298 1.03 -24.13 -9.66
C PHE A 298 0.33 -24.18 -8.31
N SER A 299 -0.54 -23.20 -8.01
CA SER A 299 -1.34 -23.12 -6.78
C SER A 299 -2.83 -23.24 -7.07
N TYR A 300 -3.26 -22.56 -8.12
CA TYR A 300 -4.67 -22.56 -8.53
C TYR A 300 -4.81 -23.35 -9.83
N ARG A 301 -5.72 -24.31 -9.77
CA ARG A 301 -6.02 -25.12 -10.89
C ARG A 301 -6.66 -24.24 -11.94
N TYR A 302 -7.49 -23.29 -11.55
CA TYR A 302 -7.99 -22.27 -12.47
C TYR A 302 -7.68 -20.94 -11.82
N PRO A 303 -6.51 -20.35 -12.17
CA PRO A 303 -6.07 -19.09 -11.56
C PRO A 303 -7.13 -18.01 -11.73
N LEU A 304 -7.33 -17.26 -10.66
CA LEU A 304 -8.31 -16.20 -10.61
C LEU A 304 -7.69 -14.84 -10.85
N VAL A 305 -6.36 -14.80 -10.76
CA VAL A 305 -5.63 -13.57 -11.01
C VAL A 305 -4.61 -13.81 -12.12
N ASP A 306 -4.36 -12.74 -12.86
CA ASP A 306 -3.42 -12.72 -13.93
C ASP A 306 -2.26 -11.93 -13.37
N GLY A 307 -1.06 -12.44 -13.59
CA GLY A 307 0.13 -11.92 -12.92
C GLY A 307 1.18 -11.35 -13.85
N GLN A 308 1.47 -10.07 -13.63
CA GLN A 308 2.54 -9.36 -14.35
C GLN A 308 3.78 -9.16 -13.44
N GLY A 309 4.88 -9.80 -13.86
CA GLY A 309 6.13 -9.75 -13.13
C GLY A 309 6.40 -11.03 -12.38
N ASN A 310 7.38 -10.92 -11.51
CA ASN A 310 7.70 -11.96 -10.53
C ASN A 310 6.58 -12.27 -9.48
N PHE A 311 5.90 -13.38 -9.70
CA PHE A 311 4.82 -13.84 -8.77
C PHE A 311 5.13 -15.16 -8.07
N GLY A 312 6.40 -15.54 -7.95
CA GLY A 312 6.74 -16.71 -7.16
C GLY A 312 7.21 -17.83 -8.04
N SER A 313 7.52 -18.96 -7.41
CA SER A 313 7.96 -20.14 -8.13
C SER A 313 7.68 -21.39 -7.30
N MET A 314 7.95 -22.54 -7.88
CA MET A 314 7.75 -23.79 -7.18
C MET A 314 8.92 -24.14 -6.27
N ASP A 315 9.98 -23.31 -6.26
CA ASP A 315 11.06 -23.44 -5.26
C ASP A 315 10.81 -22.53 -4.07
N GLY A 316 9.57 -22.10 -3.87
CA GLY A 316 9.18 -21.42 -2.62
C GLY A 316 9.48 -19.96 -2.58
N ASP A 317 10.14 -19.46 -3.64
CA ASP A 317 10.46 -18.03 -3.77
C ASP A 317 9.19 -17.17 -3.70
N GLY A 318 9.29 -16.06 -2.97
CA GLY A 318 8.20 -15.08 -2.90
C GLY A 318 8.14 -14.24 -4.16
N ALA A 319 7.00 -13.60 -4.36
CA ALA A 319 6.83 -12.68 -5.46
C ALA A 319 7.79 -11.54 -5.26
N ALA A 320 8.05 -10.77 -6.32
CA ALA A 320 8.65 -9.46 -6.14
C ALA A 320 7.94 -8.74 -5.03
N ALA A 321 8.47 -7.63 -4.57
CA ALA A 321 7.67 -6.75 -3.72
C ALA A 321 6.57 -6.17 -4.61
N MET A 322 5.52 -5.64 -3.98
CA MET A 322 4.29 -5.24 -4.67
C MET A 322 4.33 -3.85 -5.29
N ARG A 323 5.45 -3.14 -5.16
CA ARG A 323 5.62 -1.97 -5.99
C ARG A 323 6.00 -2.34 -7.46
N PHE A 324 6.54 -3.57 -7.69
CA PHE A 324 7.07 -4.03 -9.02
C PHE A 324 6.06 -4.76 -9.86
N THR A 325 5.08 -5.35 -9.20
CA THR A 325 4.17 -6.28 -9.87
C THR A 325 2.92 -5.52 -10.30
N GLU A 326 2.14 -6.14 -11.20
CA GLU A 326 0.84 -5.56 -11.64
C GLU A 326 -0.15 -6.70 -11.87
N ALA A 327 -1.45 -6.44 -11.82
CA ALA A 327 -2.43 -7.54 -11.91
C ALA A 327 -3.76 -7.11 -12.46
N ARG A 328 -4.57 -8.09 -12.77
CA ARG A 328 -5.94 -7.87 -13.18
C ARG A 328 -6.60 -9.25 -13.18
N MET A 329 -7.87 -9.30 -13.54
CA MET A 329 -8.66 -10.54 -13.50
C MET A 329 -8.27 -11.56 -14.58
N THR A 330 -8.48 -12.84 -14.28
CA THR A 330 -8.33 -13.89 -15.27
C THR A 330 -9.69 -13.91 -15.87
N LYS A 331 -9.83 -14.48 -17.07
CA LYS A 331 -11.17 -14.50 -17.71
C LYS A 331 -12.12 -15.37 -16.86
N ILE A 332 -11.57 -16.42 -16.28
CA ILE A 332 -12.40 -17.25 -15.46
C ILE A 332 -12.98 -16.44 -14.28
N THR A 333 -12.28 -15.41 -13.81
CA THR A 333 -12.71 -14.71 -12.62
C THR A 333 -14.01 -13.96 -12.82
N LEU A 334 -14.22 -13.47 -14.03
CA LEU A 334 -15.51 -12.86 -14.43
C LEU A 334 -16.75 -13.76 -14.27
N GLU A 335 -16.53 -15.06 -14.33
CA GLU A 335 -17.65 -15.98 -14.18
C GLU A 335 -17.98 -16.16 -12.72
N LEU A 336 -17.21 -15.60 -11.81
CA LEU A 336 -17.57 -15.56 -10.39
C LEU A 336 -18.38 -14.31 -10.09
N LEU A 337 -18.09 -13.26 -10.84
CA LEU A 337 -18.65 -11.96 -10.59
C LEU A 337 -19.82 -11.68 -11.50
N ARG A 338 -20.11 -12.56 -12.45
CA ARG A 338 -21.20 -12.32 -13.37
C ARG A 338 -22.49 -12.19 -12.55
N ASP A 339 -23.36 -11.27 -12.97
CA ASP A 339 -24.74 -11.13 -12.46
C ASP A 339 -24.77 -10.65 -11.03
N ILE A 340 -23.79 -9.81 -10.72
CA ILE A 340 -23.56 -9.41 -9.33
C ILE A 340 -24.33 -8.17 -9.02
N ASN A 341 -24.42 -7.28 -10.02
CA ASN A 341 -25.20 -6.05 -9.91
C ASN A 341 -26.66 -6.14 -10.42
N LYS A 342 -27.17 -7.37 -10.41
CA LYS A 342 -28.54 -7.66 -10.66
C LYS A 342 -29.15 -8.30 -9.35
N ASP A 343 -28.76 -7.77 -8.19
CA ASP A 343 -29.41 -8.13 -6.94
C ASP A 343 -29.26 -9.64 -6.57
N THR A 344 -28.33 -10.37 -7.20
CA THR A 344 -28.20 -11.80 -6.96
C THR A 344 -27.76 -12.10 -5.55
N ILE A 345 -26.96 -11.23 -4.98
CA ILE A 345 -26.39 -11.51 -3.68
C ILE A 345 -26.52 -10.29 -2.79
N ASP A 346 -26.73 -10.55 -1.51
CA ASP A 346 -26.89 -9.50 -0.53
C ASP A 346 -25.54 -8.80 -0.34
N PHE A 347 -25.58 -7.48 -0.22
CA PHE A 347 -24.42 -6.70 0.15
C PHE A 347 -24.49 -6.45 1.68
N ILE A 348 -23.34 -6.23 2.32
CA ILE A 348 -23.28 -5.89 3.74
C ILE A 348 -22.43 -4.63 4.00
N ASP A 349 -22.72 -3.92 5.08
CA ASP A 349 -21.84 -2.80 5.43
C ASP A 349 -20.46 -3.42 5.63
N ASN A 350 -19.41 -2.75 5.14
CA ASN A 350 -18.05 -3.20 5.37
C ASN A 350 -17.71 -2.93 6.83
N TYR A 351 -16.49 -3.20 7.25
CA TYR A 351 -16.09 -3.03 8.67
C TYR A 351 -16.41 -1.65 9.32
N ASP A 352 -16.29 -0.57 8.57
CA ASP A 352 -16.52 0.75 9.14
C ASP A 352 -17.78 1.46 8.63
N GLY A 353 -18.68 0.74 7.95
CA GLY A 353 -19.98 1.31 7.56
C GLY A 353 -19.95 2.43 6.51
N ASN A 354 -18.77 2.80 6.03
CA ASN A 354 -18.66 3.79 4.97
C ASN A 354 -18.84 3.15 3.60
N GLU A 355 -19.01 1.83 3.55
CA GLU A 355 -18.83 1.11 2.31
C GLU A 355 -19.63 -0.20 2.35
N ARG A 356 -19.94 -0.73 1.18
CA ARG A 356 -20.72 -1.96 1.08
C ARG A 356 -19.81 -3.00 0.49
N GLU A 357 -20.09 -4.27 0.77
CA GLU A 357 -19.35 -5.38 0.17
C GLU A 357 -20.27 -6.58 -0.04
N PRO A 358 -19.87 -7.51 -0.94
CA PRO A 358 -20.70 -8.68 -1.15
C PRO A 358 -20.46 -9.65 -0.05
N SER A 359 -21.51 -10.23 0.50
CA SER A 359 -21.34 -11.33 1.44
C SER A 359 -20.88 -12.58 0.70
N VAL A 360 -21.30 -12.77 -0.56
CA VAL A 360 -20.87 -13.94 -1.37
C VAL A 360 -20.78 -13.55 -2.83
N LEU A 361 -19.98 -14.26 -3.61
CA LEU A 361 -20.02 -13.98 -5.04
C LEU A 361 -21.08 -14.90 -5.69
N PRO A 362 -21.69 -14.45 -6.79
CA PRO A 362 -22.54 -15.31 -7.57
C PRO A 362 -21.88 -16.68 -7.89
N ALA A 363 -20.65 -16.65 -8.41
CA ALA A 363 -19.87 -17.85 -8.62
C ALA A 363 -20.39 -18.76 -9.71
N ARG A 364 -20.37 -18.32 -10.97
CA ARG A 364 -21.09 -19.11 -12.00
C ARG A 364 -20.33 -20.37 -12.40
N PHE A 365 -19.27 -20.73 -11.66
CA PHE A 365 -18.76 -22.13 -11.65
C PHE A 365 -18.36 -22.56 -10.22
N PRO A 366 -18.46 -23.88 -9.87
CA PRO A 366 -18.27 -24.43 -8.49
C PRO A 366 -16.84 -24.28 -7.96
N ASN A 367 -16.52 -23.09 -7.46
CA ASN A 367 -15.13 -22.75 -7.21
C ASN A 367 -14.49 -23.61 -6.10
N LEU A 368 -15.14 -23.61 -4.96
CA LEU A 368 -14.65 -24.33 -3.81
C LEU A 368 -13.86 -25.60 -4.16
N LEU A 369 -14.47 -26.46 -4.97
CA LEU A 369 -13.90 -27.75 -5.34
C LEU A 369 -12.85 -27.66 -6.45
N ALA A 370 -13.03 -26.74 -7.40
CA ALA A 370 -12.24 -26.73 -8.64
C ALA A 370 -10.82 -26.29 -8.34
N ASN A 371 -10.73 -25.23 -7.54
CA ASN A 371 -9.46 -24.70 -7.00
C ASN A 371 -9.19 -25.22 -5.60
N GLY A 372 -10.19 -25.84 -5.00
CA GLY A 372 -10.01 -26.40 -3.66
C GLY A 372 -9.78 -25.31 -2.62
N ALA A 373 -9.36 -25.74 -1.43
CA ALA A 373 -8.98 -24.87 -0.30
C ALA A 373 -8.00 -25.55 0.69
N SER A 374 -7.18 -24.70 1.32
CA SER A 374 -6.41 -25.09 2.47
C SER A 374 -6.57 -23.99 3.51
N GLY A 375 -6.77 -24.32 4.77
CA GLY A 375 -6.84 -23.27 5.76
C GLY A 375 -6.75 -23.76 7.19
N ILE A 376 -6.05 -22.98 8.03
CA ILE A 376 -5.94 -23.28 9.46
C ILE A 376 -6.80 -22.32 10.28
N ALA A 377 -7.69 -22.87 11.12
CA ALA A 377 -8.63 -22.07 11.85
C ALA A 377 -8.36 -22.28 13.33
N VAL A 378 -9.40 -22.17 14.15
CA VAL A 378 -9.30 -22.66 15.52
C VAL A 378 -10.28 -23.77 15.88
N GLY A 379 -9.75 -24.76 16.61
CA GLY A 379 -10.46 -26.00 16.98
C GLY A 379 -10.76 -26.88 15.79
N MET A 380 -10.21 -26.53 14.65
CA MET A 380 -10.39 -27.26 13.40
C MET A 380 -9.52 -26.63 12.32
N ALA A 381 -9.58 -27.20 11.13
CA ALA A 381 -8.75 -26.80 9.95
C ALA A 381 -9.37 -27.44 8.72
N THR A 382 -9.04 -26.97 7.53
CA THR A 382 -9.68 -27.53 6.35
C THR A 382 -8.66 -27.75 5.30
N ASN A 383 -8.94 -28.68 4.40
CA ASN A 383 -8.04 -28.97 3.33
C ASN A 383 -8.76 -29.65 2.15
N ILE A 384 -9.30 -28.86 1.22
CA ILE A 384 -10.02 -29.35 0.05
C ILE A 384 -9.15 -29.30 -1.22
N PRO A 385 -9.01 -30.43 -1.90
CA PRO A 385 -8.16 -30.39 -3.08
C PRO A 385 -8.86 -29.78 -4.31
N PRO A 386 -8.08 -29.39 -5.32
CA PRO A 386 -8.65 -28.94 -6.58
C PRO A 386 -9.14 -30.11 -7.44
N HIS A 387 -10.05 -29.76 -8.36
CA HIS A 387 -10.76 -30.71 -9.24
C HIS A 387 -10.76 -30.17 -10.66
N ASN A 388 -11.33 -30.93 -11.59
CA ASN A 388 -11.32 -30.59 -12.99
C ASN A 388 -12.69 -30.05 -13.34
N LEU A 389 -12.68 -28.93 -14.02
CA LEU A 389 -13.89 -28.17 -14.14
C LEU A 389 -14.89 -28.92 -14.98
N THR A 390 -14.40 -29.65 -15.96
CA THR A 390 -15.29 -30.35 -16.88
C THR A 390 -16.05 -31.41 -16.09
N GLU A 391 -15.31 -32.17 -15.28
CA GLU A 391 -15.87 -33.22 -14.41
C GLU A 391 -16.91 -32.69 -13.39
N LEU A 392 -16.50 -31.67 -12.64
CA LEU A 392 -17.40 -31.09 -11.67
C LEU A 392 -18.73 -30.87 -12.30
N ILE A 393 -18.69 -30.16 -13.43
CA ILE A 393 -19.89 -29.61 -14.05
C ILE A 393 -20.76 -30.71 -14.56
N ASN A 394 -20.20 -31.63 -15.33
CA ASN A 394 -20.93 -32.83 -15.74
C ASN A 394 -21.59 -33.50 -14.52
N GLY A 395 -20.86 -33.55 -13.41
CA GLY A 395 -21.41 -34.00 -12.15
C GLY A 395 -22.56 -33.17 -11.66
N VAL A 396 -22.41 -31.86 -11.57
CA VAL A 396 -23.54 -31.00 -11.18
C VAL A 396 -24.77 -31.30 -12.05
N LEU A 397 -24.53 -31.53 -13.32
CA LEU A 397 -25.58 -31.80 -14.31
C LEU A 397 -26.39 -33.07 -13.98
N SER A 398 -25.69 -34.18 -13.84
CA SER A 398 -26.31 -35.42 -13.44
C SER A 398 -27.20 -35.23 -12.17
N LEU A 399 -26.61 -34.67 -11.12
CA LEU A 399 -27.36 -34.34 -9.91
C LEU A 399 -28.49 -33.38 -10.19
N SER A 400 -28.30 -32.36 -11.03
CA SER A 400 -29.48 -31.50 -11.31
C SER A 400 -30.67 -32.39 -11.76
N LYS A 401 -30.36 -33.49 -12.49
CA LYS A 401 -31.40 -34.43 -12.96
C LYS A 401 -31.82 -35.55 -12.00
N ASN A 402 -31.31 -35.58 -10.78
CA ASN A 402 -31.50 -36.76 -9.95
C ASN A 402 -31.01 -36.57 -8.49
N PRO A 403 -31.81 -35.85 -7.68
CA PRO A 403 -31.49 -35.47 -6.29
C PRO A 403 -30.97 -36.63 -5.44
N ASP A 404 -31.42 -37.84 -5.80
CA ASP A 404 -31.01 -39.13 -5.22
C ASP A 404 -29.73 -39.79 -5.78
N ILE A 405 -29.03 -39.15 -6.72
CA ILE A 405 -27.85 -39.79 -7.37
C ILE A 405 -26.78 -40.22 -6.35
N SER A 406 -26.26 -41.44 -6.45
CA SER A 406 -25.36 -41.88 -5.36
C SER A 406 -23.94 -41.35 -5.60
N ILE A 407 -23.02 -41.68 -4.68
CA ILE A 407 -21.63 -41.21 -4.70
C ILE A 407 -20.76 -42.06 -5.64
N ALA A 408 -21.05 -43.37 -5.68
CA ALA A 408 -20.57 -44.24 -6.75
C ALA A 408 -20.86 -43.61 -8.14
N GLU A 409 -22.07 -43.06 -8.31
CA GLU A 409 -22.50 -42.56 -9.59
C GLU A 409 -21.85 -41.20 -9.96
N LEU A 410 -21.78 -40.28 -9.01
CA LEU A 410 -20.92 -39.07 -9.18
C LEU A 410 -19.47 -39.33 -9.62
N MET A 411 -18.79 -40.32 -9.05
CA MET A 411 -17.41 -40.64 -9.45
C MET A 411 -17.26 -41.30 -10.82
N GLU A 412 -18.36 -41.42 -11.58
CA GLU A 412 -18.35 -41.82 -12.99
C GLU A 412 -17.96 -40.55 -13.76
N ASP A 413 -18.60 -39.45 -13.37
CA ASP A 413 -18.21 -38.14 -13.85
C ASP A 413 -16.87 -37.75 -13.15
N ILE A 414 -16.92 -37.38 -11.86
CA ILE A 414 -15.74 -36.86 -11.14
C ILE A 414 -14.76 -37.95 -10.67
N GLU A 415 -13.78 -38.25 -11.50
CA GLU A 415 -12.87 -39.34 -11.17
C GLU A 415 -12.13 -39.03 -9.87
N GLY A 416 -11.82 -37.77 -9.60
CA GLY A 416 -11.04 -37.43 -8.40
C GLY A 416 -10.35 -36.09 -8.56
N PRO A 417 -9.61 -35.62 -7.52
CA PRO A 417 -9.06 -34.27 -7.65
C PRO A 417 -8.07 -34.24 -8.80
N ASP A 418 -7.75 -33.02 -9.26
CA ASP A 418 -6.96 -32.83 -10.44
C ASP A 418 -6.07 -31.62 -10.28
N PHE A 419 -4.81 -31.87 -9.99
CA PHE A 419 -3.89 -30.87 -9.49
C PHE A 419 -3.30 -30.05 -10.59
N PRO A 420 -3.00 -28.77 -10.32
CA PRO A 420 -2.36 -27.91 -11.32
C PRO A 420 -0.95 -28.32 -11.65
N THR A 421 -0.40 -29.16 -10.76
CA THR A 421 0.97 -29.69 -10.81
C THR A 421 0.94 -31.14 -11.32
N ALA A 422 -0.27 -31.59 -11.70
CA ALA A 422 -0.54 -32.95 -12.13
C ALA A 422 0.08 -34.05 -11.23
N GLY A 423 0.63 -35.07 -11.88
CA GLY A 423 1.30 -36.18 -11.24
C GLY A 423 0.34 -37.36 -11.18
N LEU A 424 0.62 -38.29 -10.27
CA LEU A 424 -0.24 -39.45 -10.12
C LEU A 424 -1.01 -39.46 -8.77
N ILE A 425 -2.11 -40.16 -8.75
CA ILE A 425 -2.73 -40.46 -7.54
C ILE A 425 -2.83 -41.95 -7.56
N LEU A 426 -2.23 -42.60 -6.56
CA LEU A 426 -2.27 -44.02 -6.37
C LEU A 426 -3.61 -44.52 -5.79
N GLY A 427 -4.59 -44.83 -6.66
CA GLY A 427 -5.81 -45.58 -6.32
C GLY A 427 -7.06 -44.82 -5.89
N LYS A 428 -8.20 -45.51 -5.92
CA LYS A 428 -9.47 -44.87 -5.68
C LYS A 428 -10.05 -45.03 -4.29
N SER A 429 -9.44 -45.83 -3.43
CA SER A 429 -9.99 -46.03 -2.07
C SER A 429 -10.02 -44.71 -1.25
N GLY A 430 -8.97 -43.92 -1.37
CA GLY A 430 -8.83 -42.72 -0.56
C GLY A 430 -9.77 -41.63 -1.00
N ILE A 431 -9.84 -41.49 -2.32
CA ILE A 431 -10.81 -40.62 -3.01
C ILE A 431 -12.17 -40.99 -2.51
N ARG A 432 -12.50 -42.28 -2.61
CA ARG A 432 -13.81 -42.77 -2.24
C ARG A 432 -14.13 -42.50 -0.79
N ARG A 433 -13.21 -42.86 0.11
CA ARG A 433 -13.42 -42.59 1.54
C ARG A 433 -13.64 -41.08 1.80
N ALA A 434 -12.96 -40.25 1.00
CA ALA A 434 -13.01 -38.80 1.20
C ALA A 434 -14.20 -38.13 0.56
N TYR A 435 -14.66 -38.61 -0.59
CA TYR A 435 -15.93 -38.12 -1.17
C TYR A 435 -17.17 -38.63 -0.44
N GLU A 436 -17.07 -39.71 0.33
CA GLU A 436 -18.25 -40.28 0.98
C GLU A 436 -18.45 -39.65 2.35
N THR A 437 -17.34 -39.29 2.99
CA THR A 437 -17.30 -38.81 4.40
C THR A 437 -16.73 -37.42 4.57
N GLY A 438 -16.10 -36.87 3.53
CA GLY A 438 -15.37 -35.60 3.59
C GLY A 438 -13.97 -35.71 4.15
N ARG A 439 -13.47 -36.95 4.24
CA ARG A 439 -12.18 -37.25 4.87
C ARG A 439 -11.59 -38.50 4.30
N GLY A 440 -10.31 -38.44 4.03
CA GLY A 440 -9.59 -39.53 3.46
C GLY A 440 -8.21 -39.06 3.01
N SER A 441 -7.31 -40.01 2.91
CA SER A 441 -5.94 -39.76 2.59
C SER A 441 -5.68 -40.21 1.15
N ILE A 442 -5.11 -39.31 0.34
CA ILE A 442 -4.78 -39.64 -1.06
C ILE A 442 -3.29 -39.50 -1.29
N GLN A 443 -2.67 -40.53 -1.85
CA GLN A 443 -1.22 -40.58 -1.95
C GLN A 443 -0.88 -40.02 -3.27
N MET A 444 -0.19 -38.89 -3.25
CA MET A 444 0.23 -38.27 -4.49
C MET A 444 1.60 -38.82 -4.90
N ARG A 445 1.87 -38.80 -6.19
CA ARG A 445 3.12 -39.36 -6.66
C ARG A 445 3.69 -38.62 -7.82
N SER A 446 4.98 -38.32 -7.78
CA SER A 446 5.64 -37.58 -8.85
C SER A 446 5.58 -38.41 -10.09
N ARG A 447 5.63 -37.77 -11.26
CA ARG A 447 5.79 -38.53 -12.49
C ARG A 447 7.28 -38.72 -12.71
N ALA A 448 7.71 -39.96 -12.53
CA ALA A 448 9.09 -40.28 -12.74
C ALA A 448 9.23 -41.40 -13.77
N VAL A 449 10.15 -41.22 -14.72
CA VAL A 449 10.51 -42.33 -15.62
C VAL A 449 11.99 -42.71 -15.47
N ILE A 450 12.34 -43.90 -15.92
CA ILE A 450 13.74 -44.31 -15.89
C ILE A 450 14.29 -44.38 -17.30
N GLU A 451 15.39 -43.71 -17.54
CA GLU A 451 15.88 -43.64 -18.89
C GLU A 451 17.40 -43.70 -18.93
N GLU A 452 17.90 -44.12 -20.07
CA GLU A 452 19.34 -44.38 -20.22
C GLU A 452 20.03 -43.07 -20.50
N ARG A 453 21.29 -42.93 -20.12
CA ARG A 453 22.00 -41.70 -20.38
C ARG A 453 23.35 -41.98 -21.03
N GLY A 454 23.46 -43.11 -21.71
CA GLY A 454 24.69 -43.44 -22.44
C GLY A 454 25.86 -43.89 -21.57
N GLY A 455 26.72 -44.74 -22.15
CA GLY A 455 27.77 -45.42 -21.40
C GLY A 455 27.26 -46.62 -20.57
N GLY A 456 26.10 -47.17 -20.95
CA GLY A 456 25.52 -48.31 -20.24
C GLY A 456 24.89 -47.98 -18.91
N ARG A 457 24.75 -46.68 -18.59
CA ARG A 457 24.19 -46.16 -17.33
C ARG A 457 22.78 -45.47 -17.47
N GLN A 458 22.10 -45.24 -16.34
CA GLN A 458 20.72 -44.80 -16.35
C GLN A 458 20.55 -43.57 -15.50
N ARG A 459 19.35 -43.01 -15.55
CA ARG A 459 18.93 -42.00 -14.62
C ARG A 459 17.44 -42.05 -14.45
N ILE A 460 17.01 -41.44 -13.35
CA ILE A 460 15.61 -41.11 -13.09
C ILE A 460 15.33 -39.68 -13.56
N VAL A 461 14.26 -39.54 -14.31
CA VAL A 461 13.73 -38.23 -14.60
C VAL A 461 12.32 -38.00 -14.03
N VAL A 462 12.22 -37.21 -12.96
CA VAL A 462 10.94 -36.71 -12.50
C VAL A 462 10.70 -35.42 -13.26
N THR A 463 9.51 -35.23 -13.84
CA THR A 463 9.13 -33.95 -14.51
C THR A 463 7.90 -33.36 -13.87
N GLU A 464 7.39 -33.99 -12.82
CA GLU A 464 6.18 -33.48 -12.15
C GLU A 464 6.22 -33.94 -10.74
N ILE A 465 5.84 -33.03 -9.87
CA ILE A 465 5.81 -33.27 -8.46
C ILE A 465 4.42 -33.08 -7.89
N PRO A 466 4.21 -33.52 -6.66
CA PRO A 466 2.91 -33.34 -6.10
C PRO A 466 2.59 -31.88 -5.83
N PHE A 467 1.35 -31.66 -5.47
CA PHE A 467 0.78 -30.38 -5.20
C PHE A 467 1.19 -29.89 -3.79
N GLN A 468 1.75 -28.68 -3.71
CA GLN A 468 2.20 -28.08 -2.45
C GLN A 468 3.50 -28.77 -1.87
N VAL A 469 4.35 -29.18 -2.80
CA VAL A 469 5.62 -29.80 -2.47
C VAL A 469 6.63 -28.89 -3.11
N ASN A 470 7.38 -28.22 -2.25
CA ASN A 470 8.39 -27.30 -2.66
C ASN A 470 9.51 -28.06 -3.31
N LYS A 471 9.85 -27.68 -4.51
CA LYS A 471 10.74 -28.53 -5.30
C LYS A 471 12.17 -28.45 -4.73
N ALA A 472 12.66 -27.24 -4.44
CA ALA A 472 14.02 -27.05 -3.91
C ALA A 472 14.19 -27.71 -2.55
N ARG A 473 13.13 -27.72 -1.77
CA ARG A 473 13.13 -28.35 -0.45
C ARG A 473 13.13 -29.88 -0.57
N MET A 474 12.38 -30.38 -1.55
CA MET A 474 12.40 -31.79 -1.93
C MET A 474 13.74 -32.21 -2.56
N ILE A 475 14.29 -31.36 -3.43
CA ILE A 475 15.64 -31.57 -3.93
C ILE A 475 16.72 -31.47 -2.84
N GLU A 476 16.51 -30.73 -1.76
CA GLU A 476 17.46 -30.80 -0.62
C GLU A 476 17.29 -32.06 0.29
N LYS A 477 16.04 -32.52 0.52
CA LYS A 477 15.80 -33.74 1.30
C LYS A 477 16.37 -34.97 0.64
N ILE A 478 16.41 -34.95 -0.68
CA ILE A 478 17.09 -35.96 -1.48
C ILE A 478 18.61 -35.86 -1.30
N ALA A 479 19.18 -34.68 -1.54
CA ALA A 479 20.61 -34.52 -1.37
C ALA A 479 20.98 -35.00 0.02
N GLU A 480 20.25 -34.50 1.03
CA GLU A 480 20.41 -34.91 2.43
C GLU A 480 20.43 -36.44 2.67
N LEU A 481 19.39 -37.10 2.16
CA LEU A 481 19.35 -38.54 2.13
C LEU A 481 20.55 -39.27 1.47
N VAL A 482 21.26 -38.67 0.53
CA VAL A 482 22.43 -39.33 -0.08
C VAL A 482 23.70 -38.89 0.67
N ARG A 483 23.72 -37.63 1.06
CA ARG A 483 24.77 -37.11 1.91
C ARG A 483 24.91 -37.97 3.17
N ASP A 484 23.79 -38.26 3.88
CA ASP A 484 23.78 -39.03 5.17
C ASP A 484 23.71 -40.59 5.02
N LYS A 485 23.98 -41.09 3.80
CA LYS A 485 24.11 -42.53 3.46
C LYS A 485 22.98 -43.37 4.00
N LYS A 486 21.76 -42.92 3.67
CA LYS A 486 20.52 -43.62 3.95
C LYS A 486 19.90 -44.18 2.64
N ILE A 487 20.62 -44.01 1.52
CA ILE A 487 20.15 -44.44 0.22
C ILE A 487 21.30 -44.74 -0.73
N ASP A 488 21.35 -45.97 -1.18
CA ASP A 488 22.43 -46.38 -2.02
C ASP A 488 21.93 -46.33 -3.44
N GLY A 489 22.66 -45.63 -4.28
CA GLY A 489 22.42 -45.70 -5.70
C GLY A 489 22.65 -44.43 -6.47
N ILE A 490 22.65 -43.30 -5.79
CA ILE A 490 22.57 -42.07 -6.50
C ILE A 490 23.95 -41.42 -6.78
N THR A 491 24.19 -40.98 -8.02
CA THR A 491 25.52 -40.48 -8.44
C THR A 491 25.57 -38.96 -8.68
N ASP A 492 24.43 -38.33 -8.85
CA ASP A 492 24.34 -36.88 -9.06
C ASP A 492 22.88 -36.48 -9.00
N LEU A 493 22.65 -35.30 -8.46
CA LEU A 493 21.30 -34.74 -8.44
C LEU A 493 21.34 -33.31 -9.01
N ARG A 494 20.58 -33.09 -10.08
CA ARG A 494 20.55 -31.78 -10.72
C ARG A 494 19.14 -31.41 -10.96
N ASP A 495 18.91 -30.10 -11.10
CA ASP A 495 17.59 -29.51 -11.33
C ASP A 495 17.65 -28.88 -12.71
N GLU A 496 17.18 -29.56 -13.76
CA GLU A 496 17.36 -29.04 -15.13
C GLU A 496 16.14 -28.31 -15.64
N THR A 497 15.31 -27.84 -14.71
CA THR A 497 14.14 -27.07 -15.02
C THR A 497 14.43 -25.74 -15.66
N SER A 498 13.50 -25.32 -16.51
CA SER A 498 13.56 -24.09 -17.26
C SER A 498 12.20 -23.91 -17.87
N LEU A 499 11.96 -22.73 -18.40
CA LEU A 499 10.72 -22.44 -19.10
C LEU A 499 10.53 -23.34 -20.32
N ARG A 500 11.60 -23.55 -21.07
CA ARG A 500 11.55 -24.32 -22.34
C ARG A 500 11.25 -25.79 -22.06
N THR A 501 12.14 -26.37 -21.27
CA THR A 501 12.05 -27.76 -20.79
C THR A 501 10.91 -28.07 -19.84
N GLY A 502 10.38 -27.10 -19.09
CA GLY A 502 9.44 -27.41 -17.98
C GLY A 502 10.18 -27.97 -16.75
N VAL A 503 9.42 -28.43 -15.74
CA VAL A 503 10.01 -29.04 -14.55
C VAL A 503 10.74 -30.28 -14.99
N ARG A 504 12.05 -30.32 -14.78
CA ARG A 504 12.82 -31.50 -15.12
C ARG A 504 13.91 -31.75 -14.06
N VAL A 505 13.71 -32.76 -13.22
CA VAL A 505 14.69 -33.02 -12.15
C VAL A 505 15.32 -34.33 -12.43
N VAL A 506 16.65 -34.33 -12.53
CA VAL A 506 17.42 -35.54 -12.87
C VAL A 506 18.27 -36.08 -11.73
N ILE A 507 18.21 -37.39 -11.59
CA ILE A 507 18.92 -38.13 -10.56
C ILE A 507 19.67 -39.25 -11.27
N ASP A 508 20.98 -39.14 -11.31
CA ASP A 508 21.79 -40.13 -12.04
C ASP A 508 21.77 -41.39 -11.16
N VAL A 509 22.09 -42.51 -11.78
CA VAL A 509 22.21 -43.73 -11.03
C VAL A 509 23.59 -44.33 -11.26
N ARG A 510 24.09 -45.00 -10.25
CA ARG A 510 25.37 -45.63 -10.31
C ARG A 510 25.25 -46.82 -11.25
N LYS A 511 26.29 -47.04 -12.03
CA LYS A 511 26.28 -48.15 -12.99
C LYS A 511 25.81 -49.49 -12.41
N ASP A 512 24.81 -50.06 -13.08
CA ASP A 512 24.24 -51.38 -12.81
C ASP A 512 23.25 -51.44 -11.70
N ALA A 513 23.16 -50.42 -10.85
CA ALA A 513 22.14 -50.44 -9.82
C ALA A 513 20.78 -50.53 -10.48
N ASN A 514 19.91 -51.40 -9.96
CA ASN A 514 18.53 -51.34 -10.31
C ASN A 514 18.11 -49.92 -10.00
N ALA A 515 17.35 -49.31 -10.91
CA ALA A 515 16.86 -47.96 -10.70
C ALA A 515 15.39 -47.92 -10.30
N SER A 516 14.66 -49.02 -10.44
CA SER A 516 13.31 -49.10 -9.89
C SER A 516 13.26 -49.09 -8.35
N VAL A 517 14.16 -49.86 -7.74
CA VAL A 517 14.30 -49.99 -6.28
C VAL A 517 14.66 -48.62 -5.71
N ILE A 518 15.58 -47.95 -6.41
CA ILE A 518 16.07 -46.65 -5.95
C ILE A 518 14.97 -45.60 -6.01
N LEU A 519 14.16 -45.64 -7.08
CA LEU A 519 13.07 -44.70 -7.25
C LEU A 519 12.06 -44.96 -6.15
N ASN A 520 11.75 -46.24 -5.91
CA ASN A 520 10.80 -46.62 -4.89
C ASN A 520 11.26 -46.19 -3.49
N ASN A 521 12.56 -46.28 -3.26
CA ASN A 521 13.06 -45.83 -2.00
C ASN A 521 12.77 -44.35 -1.86
N LEU A 522 13.06 -43.61 -2.90
CA LEU A 522 12.86 -42.17 -2.85
C LEU A 522 11.40 -41.80 -2.56
N TYR A 523 10.45 -42.69 -2.88
CA TYR A 523 9.02 -42.41 -2.75
C TYR A 523 8.66 -42.55 -1.32
N LYS A 524 9.20 -43.60 -0.71
CA LYS A 524 8.95 -43.90 0.68
C LYS A 524 9.66 -42.89 1.58
N GLN A 525 10.82 -42.42 1.14
CA GLN A 525 11.71 -41.71 2.04
C GLN A 525 11.65 -40.19 1.90
N THR A 526 11.00 -39.70 0.83
CA THR A 526 11.06 -38.28 0.48
C THR A 526 9.70 -37.75 0.11
N PRO A 527 9.60 -36.45 -0.14
CA PRO A 527 8.27 -35.94 -0.50
C PRO A 527 7.85 -36.29 -1.97
N LEU A 528 8.79 -36.80 -2.77
CA LEU A 528 8.48 -37.47 -4.04
C LEU A 528 7.13 -38.30 -4.08
N GLN A 529 6.73 -38.79 -2.93
CA GLN A 529 5.40 -39.28 -2.72
C GLN A 529 4.95 -38.54 -1.48
N THR A 530 3.85 -37.78 -1.58
CA THR A 530 3.19 -37.10 -0.43
C THR A 530 1.71 -37.54 -0.27
N SER A 531 1.24 -37.48 0.97
CA SER A 531 -0.17 -37.67 1.24
C SER A 531 -0.88 -36.32 1.43
N PHE A 532 -1.87 -36.04 0.56
CA PHE A 532 -2.88 -35.03 0.79
C PHE A 532 -4.05 -35.63 1.63
N GLY A 533 -4.25 -35.17 2.86
CA GLY A 533 -5.17 -35.82 3.79
C GLY A 533 -6.38 -34.96 3.85
N VAL A 534 -7.42 -35.33 3.09
CA VAL A 534 -8.55 -34.44 2.85
C VAL A 534 -9.35 -34.21 4.12
N ASN A 535 -9.80 -32.98 4.29
CA ASN A 535 -10.67 -32.62 5.36
C ASN A 535 -11.61 -31.57 4.84
N MET A 536 -12.70 -32.01 4.19
CA MET A 536 -13.60 -31.05 3.52
C MET A 536 -14.55 -30.30 4.47
N ILE A 537 -13.98 -29.33 5.19
CA ILE A 537 -14.81 -28.39 5.94
C ILE A 537 -15.00 -27.11 5.08
N ALA A 538 -16.19 -26.50 5.19
CA ALA A 538 -16.49 -25.23 4.54
C ALA A 538 -17.62 -24.56 5.28
N LEU A 539 -17.89 -23.30 4.95
CA LEU A 539 -19.00 -22.56 5.62
C LEU A 539 -20.42 -22.71 4.99
N VAL A 540 -21.19 -23.64 5.55
CA VAL A 540 -22.60 -23.85 5.25
C VAL A 540 -23.46 -22.96 6.17
N ASN A 541 -24.07 -21.94 5.58
CA ASN A 541 -24.86 -20.93 6.30
C ASN A 541 -24.07 -20.30 7.45
N GLY A 542 -22.86 -19.86 7.15
CA GLY A 542 -22.00 -19.19 8.15
C GLY A 542 -21.62 -20.03 9.37
N ARG A 543 -21.99 -21.31 9.38
CA ARG A 543 -21.58 -22.22 10.42
C ARG A 543 -20.71 -23.27 9.76
N PRO A 544 -19.55 -23.59 10.34
CA PRO A 544 -18.65 -24.58 9.71
C PRO A 544 -19.15 -26.06 9.77
N LYS A 545 -18.78 -26.84 8.75
CA LYS A 545 -19.37 -28.13 8.56
C LYS A 545 -18.53 -29.06 7.63
N LEU A 546 -18.33 -30.27 8.13
CA LEU A 546 -17.71 -31.34 7.41
C LEU A 546 -18.70 -31.85 6.40
N ILE A 547 -18.33 -31.80 5.13
CA ILE A 547 -19.21 -32.20 4.04
C ILE A 547 -18.53 -33.19 3.13
N ASN A 548 -19.33 -34.05 2.50
CA ASN A 548 -18.82 -34.91 1.47
C ASN A 548 -19.21 -34.31 0.14
N LEU A 549 -18.75 -34.92 -0.94
CA LEU A 549 -18.94 -34.40 -2.28
C LEU A 549 -20.37 -34.05 -2.58
N LYS A 550 -21.33 -34.94 -2.39
CA LYS A 550 -22.70 -34.61 -2.77
C LYS A 550 -23.23 -33.39 -2.05
N GLU A 551 -22.99 -33.29 -0.73
N GLU A 551 -22.99 -33.27 -0.74
CA GLU A 551 -23.37 -32.09 0.02
CA GLU A 551 -23.43 -32.05 -0.05
C GLU A 551 -22.87 -30.83 -0.72
C GLU A 551 -22.87 -30.82 -0.75
N ALA A 552 -21.56 -30.79 -0.98
CA ALA A 552 -20.90 -29.66 -1.67
C ALA A 552 -21.55 -29.30 -3.02
N LEU A 553 -21.69 -30.29 -3.90
CA LEU A 553 -22.38 -30.01 -5.15
C LEU A 553 -23.82 -29.52 -4.89
N VAL A 554 -24.57 -30.18 -4.00
CA VAL A 554 -25.94 -29.69 -3.61
C VAL A 554 -25.98 -28.24 -3.11
N HIS A 555 -25.15 -27.84 -2.16
CA HIS A 555 -25.23 -26.44 -1.71
C HIS A 555 -24.93 -25.43 -2.80
N TYR A 556 -23.90 -25.75 -3.58
CA TYR A 556 -23.50 -24.95 -4.73
C TYR A 556 -24.71 -24.82 -5.69
N LEU A 557 -25.25 -25.95 -6.15
CA LEU A 557 -26.38 -25.93 -7.07
C LEU A 557 -27.60 -25.38 -6.42
N GLU A 558 -27.64 -25.34 -5.11
CA GLU A 558 -28.75 -24.66 -4.48
C GLU A 558 -28.50 -23.17 -4.71
N HIS A 559 -27.24 -22.78 -4.62
CA HIS A 559 -26.85 -21.40 -4.77
C HIS A 559 -27.09 -20.80 -6.15
N GLN A 560 -26.88 -21.61 -7.18
CA GLN A 560 -27.19 -21.22 -8.57
C GLN A 560 -28.72 -21.09 -8.82
N LYS A 561 -29.52 -21.88 -8.12
CA LYS A 561 -30.98 -21.72 -8.27
C LYS A 561 -31.35 -20.29 -7.84
N THR A 562 -30.76 -19.81 -6.74
CA THR A 562 -31.04 -18.47 -6.18
C THR A 562 -30.41 -17.39 -7.00
N VAL A 563 -29.23 -17.64 -7.55
CA VAL A 563 -28.58 -16.60 -8.37
C VAL A 563 -29.35 -16.26 -9.66
N VAL A 564 -29.87 -17.30 -10.32
CA VAL A 564 -30.66 -17.14 -11.53
C VAL A 564 -32.09 -16.67 -11.20
N ARG A 565 -32.75 -17.30 -10.24
CA ARG A 565 -34.08 -16.84 -9.81
C ARG A 565 -34.04 -15.36 -9.46
N ARG A 566 -33.10 -14.94 -8.64
CA ARG A 566 -33.00 -13.52 -8.24
C ARG A 566 -32.55 -12.56 -9.35
N ARG A 567 -31.76 -13.02 -10.28
CA ARG A 567 -31.38 -12.20 -11.41
C ARG A 567 -32.62 -11.94 -12.28
N THR A 568 -33.50 -12.94 -12.31
CA THR A 568 -34.64 -12.95 -13.20
C THR A 568 -35.74 -12.11 -12.53
N GLN A 569 -35.96 -12.27 -11.24
CA GLN A 569 -36.86 -11.35 -10.50
C GLN A 569 -36.39 -9.88 -10.69
N TYR A 570 -35.05 -9.67 -10.61
CA TYR A 570 -34.42 -8.33 -10.86
C TYR A 570 -34.75 -7.80 -12.25
N ASN A 571 -34.32 -8.50 -13.29
CA ASN A 571 -34.64 -8.12 -14.66
C ASN A 571 -36.12 -7.81 -14.89
N LEU A 572 -36.99 -8.60 -14.28
CA LEU A 572 -38.41 -8.44 -14.47
C LEU A 572 -38.84 -7.12 -13.85
N ARG A 573 -38.47 -6.91 -12.61
CA ARG A 573 -38.72 -5.63 -11.96
C ARG A 573 -38.16 -4.43 -12.74
N LYS A 574 -36.93 -4.58 -13.26
CA LYS A 574 -36.25 -3.53 -14.02
C LYS A 574 -37.07 -3.35 -15.26
N ALA A 575 -37.30 -4.45 -15.98
CA ALA A 575 -38.04 -4.37 -17.26
C ALA A 575 -39.39 -3.66 -17.13
N LYS A 576 -40.10 -3.92 -16.04
CA LYS A 576 -41.40 -3.30 -15.77
C LYS A 576 -41.26 -1.81 -15.47
N ASP A 577 -40.24 -1.46 -14.70
CA ASP A 577 -39.96 -0.05 -14.37
C ASP A 577 -39.74 0.80 -15.67
N ARG A 578 -39.11 0.16 -16.66
CA ARG A 578 -38.84 0.74 -17.98
C ARG A 578 -40.11 0.96 -18.84
N ALA A 579 -40.91 -0.12 -18.94
CA ALA A 579 -42.14 -0.13 -19.71
C ALA A 579 -43.19 0.83 -19.14
N HIS A 580 -43.35 0.89 -17.83
CA HIS A 580 -44.01 2.04 -17.20
C HIS A 580 -43.48 3.39 -17.76
N ILE A 581 -42.15 3.55 -17.88
CA ILE A 581 -41.57 4.83 -18.36
C ILE A 581 -41.81 5.12 -19.84
N LEU A 582 -41.80 4.07 -20.63
CA LEU A 582 -42.10 4.21 -22.01
C LEU A 582 -43.56 4.47 -22.17
N GLU A 583 -44.39 3.90 -21.28
CA GLU A 583 -45.84 4.21 -21.25
C GLU A 583 -46.03 5.70 -21.06
N GLY A 584 -45.12 6.32 -20.33
CA GLY A 584 -45.18 7.74 -20.11
C GLY A 584 -44.54 8.56 -21.20
N LEU A 585 -43.46 8.04 -21.79
CA LEU A 585 -42.79 8.78 -22.86
C LEU A 585 -43.67 8.78 -24.12
N ARG A 586 -44.33 7.65 -24.39
CA ARG A 586 -45.27 7.55 -25.49
C ARG A 586 -46.25 8.74 -25.44
N ILE A 587 -46.70 9.05 -24.22
CA ILE A 587 -47.78 10.03 -24.03
C ILE A 587 -47.32 11.46 -24.18
N ALA A 588 -46.10 11.75 -23.73
CA ALA A 588 -45.44 13.02 -24.06
C ALA A 588 -45.47 13.19 -25.57
N LEU A 589 -44.77 12.30 -26.26
CA LEU A 589 -44.58 12.41 -27.70
C LEU A 589 -45.88 12.36 -28.47
N ASP A 590 -46.93 11.78 -27.91
CA ASP A 590 -48.30 11.88 -28.48
C ASP A 590 -49.08 13.15 -28.12
N HIS A 591 -48.51 14.02 -27.30
CA HIS A 591 -49.21 15.22 -26.88
C HIS A 591 -48.22 16.32 -26.68
N ILE A 592 -47.16 16.27 -27.48
CA ILE A 592 -45.95 16.98 -27.18
C ILE A 592 -46.14 18.47 -26.85
N ASP A 593 -46.84 19.21 -27.69
CA ASP A 593 -46.85 20.65 -27.47
C ASP A 593 -47.71 21.09 -26.24
N GLU A 594 -48.83 20.41 -25.99
CA GLU A 594 -49.57 20.59 -24.75
C GLU A 594 -48.84 20.03 -23.54
N ILE A 595 -47.82 19.19 -23.75
CA ILE A 595 -46.89 18.87 -22.67
C ILE A 595 -46.02 20.07 -22.46
N ILE A 596 -45.49 20.61 -23.57
CA ILE A 596 -44.57 21.74 -23.54
C ILE A 596 -45.24 22.96 -22.93
N SER A 597 -46.53 23.14 -23.24
CA SER A 597 -47.25 24.35 -22.77
C SER A 597 -47.65 24.21 -21.29
N THR A 598 -47.86 22.99 -20.84
CA THR A 598 -48.01 22.70 -19.43
C THR A 598 -46.78 23.13 -18.66
N ILE A 599 -45.60 22.79 -19.18
CA ILE A 599 -44.37 23.05 -18.45
C ILE A 599 -44.14 24.56 -18.39
N ARG A 600 -44.36 25.24 -19.52
CA ARG A 600 -44.01 26.64 -19.68
C ARG A 600 -44.88 27.57 -18.88
N GLU A 601 -46.16 27.22 -18.79
CA GLU A 601 -47.11 28.04 -18.03
C GLU A 601 -46.82 27.92 -16.55
N SER A 602 -46.17 26.83 -16.14
CA SER A 602 -45.86 26.55 -14.74
C SER A 602 -44.50 27.15 -14.44
N ASP A 603 -44.27 27.48 -13.17
CA ASP A 603 -43.05 28.26 -12.80
C ASP A 603 -41.99 27.40 -12.15
N THR A 604 -42.44 26.42 -11.36
CA THR A 604 -41.57 25.61 -10.56
C THR A 604 -41.67 24.18 -11.06
N ASP A 605 -40.62 23.38 -10.73
CA ASP A 605 -40.47 21.96 -11.16
C ASP A 605 -41.60 21.07 -10.60
N LYS A 606 -41.97 21.34 -9.35
CA LYS A 606 -43.04 20.64 -8.58
C LYS A 606 -44.45 20.92 -9.18
N VAL A 607 -44.73 22.19 -9.46
CA VAL A 607 -46.02 22.62 -10.00
C VAL A 607 -46.19 22.06 -11.40
N ALA A 608 -45.13 22.01 -12.20
CA ALA A 608 -45.18 21.23 -13.45
C ALA A 608 -45.52 19.78 -13.19
N MET A 609 -44.76 19.10 -12.33
CA MET A 609 -45.00 17.68 -12.02
C MET A 609 -46.45 17.50 -11.56
N GLU A 610 -46.94 18.49 -10.84
CA GLU A 610 -48.32 18.46 -10.34
C GLU A 610 -49.30 18.47 -11.51
N SER A 611 -49.01 19.29 -12.50
CA SER A 611 -49.92 19.44 -13.63
C SER A 611 -49.93 18.26 -14.60
N LEU A 612 -48.78 17.67 -14.90
CA LEU A 612 -48.76 16.58 -15.88
C LEU A 612 -49.49 15.33 -15.35
N GLN A 613 -49.02 14.82 -14.22
CA GLN A 613 -49.68 13.72 -13.54
C GLN A 613 -51.20 13.86 -13.66
N GLN A 614 -51.71 15.03 -13.37
CA GLN A 614 -53.14 15.21 -13.29
C GLN A 614 -53.78 15.32 -14.66
N ARG A 615 -53.05 15.93 -15.62
CA ARG A 615 -53.59 16.24 -16.96
C ARG A 615 -53.65 15.05 -17.89
N PHE A 616 -52.56 14.29 -17.92
CA PHE A 616 -52.38 13.22 -18.90
C PHE A 616 -52.27 11.85 -18.22
N LYS A 617 -52.72 11.81 -16.96
CA LYS A 617 -52.70 10.61 -16.14
C LYS A 617 -51.31 9.97 -16.02
N LEU A 618 -50.38 10.65 -15.36
CA LEU A 618 -49.05 10.10 -15.14
C LEU A 618 -48.76 9.76 -13.68
N SER A 619 -47.77 8.92 -13.46
CA SER A 619 -47.25 8.67 -12.12
C SER A 619 -46.13 9.67 -11.83
N GLU A 620 -45.62 9.68 -10.60
CA GLU A 620 -44.54 10.60 -10.26
C GLU A 620 -43.38 10.34 -11.21
N LYS A 621 -42.88 9.12 -11.21
CA LYS A 621 -41.75 8.77 -12.04
C LYS A 621 -41.92 9.11 -13.55
N GLN A 622 -43.16 9.15 -14.05
CA GLN A 622 -43.38 9.34 -15.50
C GLN A 622 -43.13 10.81 -15.87
N ALA A 623 -43.96 11.64 -15.26
CA ALA A 623 -43.79 13.07 -15.21
C ALA A 623 -42.33 13.41 -15.00
N GLN A 624 -41.68 12.63 -14.13
CA GLN A 624 -40.29 12.90 -13.79
C GLN A 624 -39.43 12.56 -14.98
N ALA A 625 -39.70 11.39 -15.53
CA ALA A 625 -39.04 10.95 -16.75
C ALA A 625 -39.27 11.95 -17.88
N ILE A 626 -40.45 12.56 -17.88
CA ILE A 626 -40.84 13.44 -18.98
C ILE A 626 -40.08 14.76 -18.86
N LEU A 627 -39.80 15.11 -17.61
CA LEU A 627 -39.09 16.34 -17.28
C LEU A 627 -37.61 16.21 -17.48
N ASP A 628 -37.08 14.98 -17.49
CA ASP A 628 -35.65 14.77 -17.69
C ASP A 628 -35.29 14.52 -19.14
N MET A 629 -36.23 14.71 -20.04
CA MET A 629 -36.02 14.37 -21.42
C MET A 629 -35.39 15.48 -22.23
N ARG A 630 -34.38 15.10 -23.01
CA ARG A 630 -33.67 16.08 -23.80
C ARG A 630 -34.48 16.30 -25.06
N LEU A 631 -34.31 17.46 -25.67
CA LEU A 631 -35.05 17.81 -26.88
C LEU A 631 -34.69 16.95 -28.07
N ARG A 632 -33.47 16.41 -28.10
CA ARG A 632 -33.07 15.49 -29.18
C ARG A 632 -33.91 14.22 -29.17
N ARG A 633 -34.56 13.93 -28.05
CA ARG A 633 -35.54 12.84 -27.99
C ARG A 633 -36.89 13.20 -28.64
N LEU A 634 -36.97 14.32 -29.36
CA LEU A 634 -38.16 14.65 -30.14
C LEU A 634 -37.96 14.48 -31.65
N THR A 635 -36.73 14.27 -32.13
CA THR A 635 -36.56 13.97 -33.57
C THR A 635 -37.51 12.84 -34.02
N GLY A 636 -37.76 12.80 -35.33
CA GLY A 636 -38.95 12.12 -35.83
C GLY A 636 -39.03 10.61 -35.56
N LEU A 637 -37.91 9.92 -35.79
CA LEU A 637 -37.88 8.47 -35.71
C LEU A 637 -37.81 8.01 -34.27
N GLU A 638 -37.51 8.96 -33.37
CA GLU A 638 -37.49 8.68 -31.92
C GLU A 638 -38.76 8.03 -31.40
N ARG A 639 -39.90 8.46 -31.91
CA ARG A 639 -41.16 7.88 -31.50
C ARG A 639 -41.11 6.38 -31.71
N ASP A 640 -40.68 6.00 -32.90
CA ASP A 640 -40.71 4.62 -33.32
C ASP A 640 -39.72 3.75 -32.59
N LYS A 641 -38.51 4.27 -32.39
CA LYS A 641 -37.49 3.57 -31.62
C LYS A 641 -38.12 3.15 -30.30
N ILE A 642 -38.68 4.13 -29.62
CA ILE A 642 -39.52 3.93 -28.47
C ILE A 642 -40.54 2.80 -28.65
N GLU A 643 -41.38 2.87 -29.66
CA GLU A 643 -42.46 1.88 -29.76
C GLU A 643 -41.79 0.54 -29.97
N ALA A 644 -40.91 0.47 -30.97
CA ALA A 644 -40.01 -0.67 -31.17
C ALA A 644 -39.42 -1.23 -29.86
N GLU A 645 -39.02 -0.37 -28.92
CA GLU A 645 -38.45 -0.83 -27.65
C GLU A 645 -39.52 -1.31 -26.68
N TYR A 646 -40.67 -0.65 -26.69
CA TYR A 646 -41.75 -1.04 -25.79
C TYR A 646 -42.20 -2.46 -26.06
N ASN A 647 -42.24 -2.83 -27.33
CA ASN A 647 -42.86 -4.09 -27.70
C ASN A 647 -41.96 -5.27 -27.38
N GLU A 648 -40.71 -5.18 -27.83
CA GLU A 648 -39.62 -6.09 -27.42
C GLU A 648 -39.46 -6.26 -25.88
N LEU A 649 -39.80 -5.25 -25.11
CA LEU A 649 -39.71 -5.35 -23.67
C LEU A 649 -40.84 -6.18 -23.17
N LEU A 650 -42.03 -5.95 -23.73
CA LEU A 650 -43.22 -6.74 -23.38
C LEU A 650 -43.02 -8.21 -23.61
N ASN A 651 -42.53 -8.56 -24.80
CA ASN A 651 -41.97 -9.85 -25.08
C ASN A 651 -41.12 -10.20 -23.92
N TYR A 652 -40.08 -9.41 -23.72
CA TYR A 652 -39.05 -9.79 -22.79
C TYR A 652 -39.66 -10.19 -21.46
N ILE A 653 -40.55 -9.32 -21.02
CA ILE A 653 -41.21 -9.43 -19.74
C ILE A 653 -41.90 -10.79 -19.61
N SER A 654 -42.79 -11.06 -20.58
CA SER A 654 -43.47 -12.38 -20.74
C SER A 654 -42.51 -13.56 -20.52
N GLU A 655 -41.49 -13.72 -21.37
CA GLU A 655 -40.39 -14.68 -21.10
C GLU A 655 -39.99 -14.80 -19.58
N LEU A 656 -39.63 -13.69 -18.93
CA LEU A 656 -39.17 -13.77 -17.54
C LEU A 656 -40.25 -14.26 -16.58
N GLU A 657 -41.54 -14.13 -16.91
CA GLU A 657 -42.61 -14.69 -16.04
C GLU A 657 -42.83 -16.15 -16.33
N THR A 658 -42.32 -16.62 -17.48
CA THR A 658 -42.33 -18.03 -17.84
C THR A 658 -41.33 -18.70 -16.95
N ILE A 659 -40.19 -18.03 -16.84
CA ILE A 659 -39.03 -18.61 -16.15
C ILE A 659 -39.21 -18.61 -14.60
N LEU A 660 -40.04 -17.72 -14.05
CA LEU A 660 -40.36 -17.77 -12.59
C LEU A 660 -41.57 -18.63 -12.24
N ALA A 661 -42.25 -19.14 -13.26
CA ALA A 661 -43.48 -19.91 -13.08
C ALA A 661 -43.14 -21.36 -12.93
N ASP A 662 -42.34 -21.88 -13.85
CA ASP A 662 -42.03 -23.31 -13.91
C ASP A 662 -40.63 -23.56 -13.40
N GLU A 663 -40.53 -24.15 -12.22
CA GLU A 663 -39.25 -24.65 -11.67
C GLU A 663 -38.35 -25.43 -12.67
N GLU A 664 -38.91 -26.37 -13.42
CA GLU A 664 -38.11 -27.07 -14.44
C GLU A 664 -37.47 -26.09 -15.43
N VAL A 665 -38.20 -25.07 -15.86
CA VAL A 665 -37.65 -24.12 -16.85
C VAL A 665 -36.48 -23.40 -16.17
N LEU A 666 -36.74 -22.84 -14.98
CA LEU A 666 -35.71 -22.25 -14.10
C LEU A 666 -34.41 -23.05 -13.99
N LEU A 667 -34.57 -24.34 -13.69
CA LEU A 667 -33.48 -25.27 -13.48
C LEU A 667 -32.90 -25.69 -14.79
N GLN A 668 -33.65 -25.51 -15.88
CA GLN A 668 -33.12 -25.81 -17.19
C GLN A 668 -32.28 -24.66 -17.68
N LEU A 669 -32.65 -23.44 -17.35
CA LEU A 669 -31.73 -22.36 -17.61
C LEU A 669 -30.34 -22.62 -16.94
N VAL A 670 -30.33 -22.77 -15.63
CA VAL A 670 -29.07 -22.92 -14.87
C VAL A 670 -28.13 -23.85 -15.63
N ARG A 671 -28.64 -25.03 -15.98
CA ARG A 671 -27.91 -26.03 -16.76
C ARG A 671 -27.29 -25.36 -17.98
N ASP A 672 -28.14 -24.84 -18.86
CA ASP A 672 -27.71 -24.24 -20.13
C ASP A 672 -26.51 -23.34 -19.93
N GLU A 673 -26.61 -22.52 -18.88
CA GLU A 673 -25.57 -21.56 -18.56
C GLU A 673 -24.36 -22.20 -17.94
N LEU A 674 -24.58 -23.25 -17.14
CA LEU A 674 -23.51 -24.15 -16.69
C LEU A 674 -22.82 -24.90 -17.85
N THR A 675 -23.62 -25.35 -18.82
CA THR A 675 -23.12 -26.15 -19.94
C THR A 675 -22.22 -25.30 -20.80
N GLU A 676 -22.39 -23.97 -20.68
CA GLU A 676 -21.73 -22.98 -21.51
C GLU A 676 -20.38 -22.54 -20.91
N ILE A 677 -20.28 -22.58 -19.59
CA ILE A 677 -19.02 -22.42 -18.83
C ILE A 677 -18.00 -23.55 -19.09
N ARG A 678 -18.48 -24.77 -18.87
CA ARG A 678 -17.75 -25.95 -19.22
C ARG A 678 -17.25 -25.86 -20.65
N ASP A 679 -18.16 -25.59 -21.58
CA ASP A 679 -17.79 -25.52 -23.00
C ASP A 679 -16.69 -24.51 -23.24
N ARG A 680 -16.83 -23.37 -22.58
CA ARG A 680 -15.90 -22.28 -22.81
C ARG A 680 -14.63 -22.44 -21.99
N PHE A 681 -14.75 -23.07 -20.81
CA PHE A 681 -13.64 -23.09 -19.85
C PHE A 681 -13.06 -24.44 -19.49
N GLY A 682 -13.80 -25.53 -19.73
CA GLY A 682 -13.35 -26.90 -19.38
C GLY A 682 -12.18 -27.43 -20.18
N ASP A 683 -11.34 -28.21 -19.50
CA ASP A 683 -9.97 -28.58 -19.94
C ASP A 683 -9.65 -30.02 -19.56
N ASP A 684 -8.57 -30.58 -20.11
CA ASP A 684 -8.31 -32.00 -19.94
C ASP A 684 -7.73 -32.33 -18.59
N ARG A 685 -8.24 -33.37 -17.96
CA ARG A 685 -7.63 -33.86 -16.75
C ARG A 685 -6.11 -33.91 -16.84
N ARG A 686 -5.41 -33.28 -15.87
CA ARG A 686 -3.93 -33.26 -15.78
C ARG A 686 -3.33 -34.40 -14.93
N THR A 687 -4.00 -34.76 -13.85
CA THR A 687 -3.48 -35.75 -12.88
C THR A 687 -4.04 -37.13 -13.22
N GLU A 688 -3.15 -38.11 -13.30
CA GLU A 688 -3.56 -39.46 -13.70
C GLU A 688 -3.88 -40.23 -12.43
N ILE A 689 -4.90 -41.08 -12.48
CA ILE A 689 -5.33 -41.86 -11.32
C ILE A 689 -5.07 -43.33 -11.60
N GLN A 690 -3.81 -43.72 -11.52
CA GLN A 690 -3.45 -45.13 -11.61
C GLN A 690 -4.18 -45.97 -10.58
N LEU A 691 -4.63 -47.14 -11.00
CA LEU A 691 -5.27 -48.06 -10.08
C LEU A 691 -4.47 -49.35 -9.99
N GLY A 692 -4.58 -49.98 -8.83
CA GLY A 692 -3.65 -51.01 -8.42
C GLY A 692 -2.95 -50.46 -7.20
N LYS B 9 22.53 -17.16 -0.80
CA LYS B 9 21.96 -16.11 -1.70
C LYS B 9 22.17 -16.55 -3.15
N LEU B 10 23.43 -16.80 -3.48
CA LEU B 10 23.80 -17.27 -4.80
C LEU B 10 23.03 -18.49 -5.30
N ALA B 11 22.25 -18.32 -6.36
CA ALA B 11 21.78 -19.45 -7.17
C ALA B 11 22.84 -19.92 -8.22
N ASP B 12 23.58 -20.99 -7.91
CA ASP B 12 24.68 -21.45 -8.77
C ASP B 12 24.18 -22.06 -10.04
N CYS B 13 25.09 -22.27 -10.99
CA CYS B 13 24.79 -23.04 -12.18
C CYS B 13 25.35 -24.46 -12.04
N SER B 14 24.84 -25.36 -12.89
CA SER B 14 25.07 -26.81 -12.79
C SER B 14 26.49 -27.16 -13.21
N SER B 15 27.00 -26.47 -14.23
CA SER B 15 28.34 -26.73 -14.75
C SER B 15 29.45 -26.10 -13.94
N LYS B 16 30.58 -26.80 -13.88
CA LYS B 16 31.77 -26.36 -13.16
C LYS B 16 32.91 -25.87 -14.12
N SER B 17 32.56 -25.69 -15.40
CA SER B 17 33.47 -25.17 -16.43
C SER B 17 33.19 -23.70 -16.57
N PRO B 18 34.07 -22.84 -16.00
CA PRO B 18 34.00 -21.39 -16.15
C PRO B 18 33.95 -20.98 -17.60
N GLU B 19 34.48 -21.85 -18.45
CA GLU B 19 34.51 -21.66 -19.89
C GLU B 19 33.18 -21.09 -20.33
N GLU B 20 32.11 -21.83 -20.05
CA GLU B 20 30.76 -21.56 -20.56
C GLU B 20 29.83 -20.94 -19.52
N CYS B 21 30.37 -20.69 -18.32
CA CYS B 21 29.62 -20.21 -17.19
C CYS B 21 29.76 -18.74 -17.00
N GLU B 22 28.60 -18.12 -16.80
CA GLU B 22 28.47 -16.70 -16.57
C GLU B 22 27.54 -16.44 -15.40
N ILE B 23 27.74 -15.34 -14.70
CA ILE B 23 26.98 -15.09 -13.47
C ILE B 23 26.38 -13.69 -13.58
N PHE B 24 25.06 -13.59 -13.39
CA PHE B 24 24.35 -12.32 -13.51
C PHE B 24 24.08 -11.66 -12.16
N LEU B 25 24.55 -10.43 -11.97
CA LEU B 25 24.36 -9.72 -10.70
C LEU B 25 23.13 -8.80 -10.68
N VAL B 26 22.14 -9.10 -9.84
CA VAL B 26 20.96 -8.21 -9.73
C VAL B 26 20.74 -7.50 -8.38
N GLU B 27 19.79 -6.56 -8.39
CA GLU B 27 19.47 -5.71 -7.24
C GLU B 27 18.96 -6.43 -6.01
N GLY B 28 18.34 -7.58 -6.20
CA GLY B 28 17.72 -8.28 -5.10
C GLY B 28 16.84 -9.43 -5.51
N ASP B 29 15.89 -9.81 -4.66
CA ASP B 29 15.07 -11.00 -4.92
C ASP B 29 13.79 -10.72 -5.71
N SER B 30 13.33 -9.47 -5.63
CA SER B 30 12.32 -9.05 -6.52
C SER B 30 12.87 -9.30 -7.92
N ALA B 31 14.11 -8.90 -8.16
CA ALA B 31 14.67 -9.01 -9.50
C ALA B 31 15.26 -10.39 -9.76
N GLY B 32 15.69 -11.08 -8.71
CA GLY B 32 16.38 -12.37 -8.83
C GLY B 32 15.38 -13.47 -9.12
N GLY B 33 14.17 -13.30 -8.60
CA GLY B 33 13.15 -14.31 -8.73
C GLY B 33 12.80 -14.42 -10.18
N SER B 34 12.65 -13.26 -10.82
CA SER B 34 12.29 -13.19 -12.26
C SER B 34 13.45 -13.61 -13.19
N THR B 35 14.67 -13.59 -12.62
CA THR B 35 15.89 -13.98 -13.31
C THR B 35 16.22 -15.43 -13.08
N LYS B 36 15.93 -15.92 -11.89
CA LYS B 36 16.11 -17.33 -11.60
C LYS B 36 15.14 -18.08 -12.46
N SER B 37 13.99 -17.48 -12.78
CA SER B 37 12.94 -18.22 -13.50
C SER B 37 13.35 -18.33 -14.95
N GLY B 38 13.86 -17.23 -15.50
CA GLY B 38 14.09 -17.18 -16.93
C GLY B 38 15.40 -17.78 -17.41
N ARG B 39 16.27 -18.18 -16.48
CA ARG B 39 17.62 -18.57 -16.87
C ARG B 39 17.74 -20.00 -17.41
N ASP B 40 18.85 -20.23 -18.12
CA ASP B 40 19.36 -21.57 -18.34
C ASP B 40 20.29 -21.97 -17.19
N SER B 41 19.73 -22.69 -16.21
CA SER B 41 20.46 -23.17 -15.04
C SER B 41 21.83 -23.89 -15.28
N ARG B 42 22.08 -24.36 -16.49
CA ARG B 42 23.32 -25.09 -16.76
C ARG B 42 24.51 -24.14 -16.68
N THR B 43 24.40 -23.01 -17.37
CA THR B 43 25.51 -22.09 -17.60
C THR B 43 25.39 -20.70 -16.95
N GLN B 44 24.29 -20.45 -16.23
CA GLN B 44 23.82 -19.09 -15.84
C GLN B 44 23.49 -18.92 -14.33
N ALA B 45 24.47 -18.48 -13.56
CA ALA B 45 24.32 -18.22 -12.14
C ALA B 45 23.77 -16.81 -11.79
N ILE B 46 23.21 -16.67 -10.59
CA ILE B 46 22.65 -15.41 -10.13
C ILE B 46 23.00 -15.12 -8.68
N LEU B 47 23.69 -14.00 -8.48
CA LEU B 47 23.87 -13.49 -7.15
C LEU B 47 22.99 -12.25 -7.04
N PRO B 48 22.04 -12.27 -6.11
CA PRO B 48 21.25 -11.10 -5.82
C PRO B 48 21.92 -10.31 -4.74
N LEU B 49 22.09 -9.01 -4.94
CA LEU B 49 22.69 -8.18 -3.89
C LEU B 49 21.58 -7.65 -2.98
N ARG B 50 21.84 -6.57 -2.25
CA ARG B 50 20.78 -5.87 -1.53
C ARG B 50 20.96 -4.37 -1.62
N GLY B 51 20.23 -3.75 -2.56
CA GLY B 51 20.28 -2.31 -2.81
C GLY B 51 21.67 -1.82 -3.12
N LYS B 52 21.95 -0.59 -2.71
CA LYS B 52 23.26 0.07 -2.95
C LYS B 52 24.36 -0.69 -2.20
N ILE B 53 25.40 -1.11 -2.93
CA ILE B 53 26.56 -1.72 -2.28
C ILE B 53 27.45 -0.62 -1.69
N LEU B 54 28.41 -0.95 -0.84
CA LEU B 54 29.30 0.07 -0.30
C LEU B 54 30.11 0.73 -1.41
N ASN B 55 30.28 2.05 -1.33
CA ASN B 55 31.22 2.75 -2.21
C ASN B 55 32.62 2.58 -1.67
N VAL B 56 33.43 1.79 -2.35
CA VAL B 56 34.76 1.49 -1.81
C VAL B 56 35.72 2.67 -1.83
N GLU B 57 35.54 3.58 -2.78
CA GLU B 57 36.40 4.76 -2.88
C GLU B 57 36.25 5.68 -1.69
N LYS B 58 35.14 5.63 -0.97
CA LYS B 58 35.01 6.44 0.25
C LYS B 58 35.02 5.58 1.50
N ALA B 59 35.38 4.30 1.41
CA ALA B 59 35.31 3.40 2.57
C ALA B 59 36.68 2.92 3.05
N ARG B 60 36.73 2.42 4.29
CA ARG B 60 37.99 1.93 4.84
C ARG B 60 38.16 0.46 4.65
N LEU B 61 39.39 0.05 4.38
CA LEU B 61 39.70 -1.31 3.95
C LEU B 61 39.22 -2.36 4.93
N ASP B 62 39.12 -2.04 6.21
CA ASP B 62 38.59 -3.02 7.17
C ASP B 62 37.09 -3.24 6.88
N ARG B 63 36.36 -2.14 6.74
CA ARG B 63 34.91 -2.13 6.62
C ARG B 63 34.50 -2.91 5.40
N ILE B 64 35.25 -2.68 4.33
CA ILE B 64 34.97 -3.24 3.03
C ILE B 64 35.00 -4.73 3.09
N LEU B 65 36.01 -5.30 3.76
CA LEU B 65 36.13 -6.76 3.74
C LEU B 65 35.08 -7.42 4.62
N ASN B 66 34.81 -6.87 5.80
CA ASN B 66 33.68 -7.34 6.65
C ASN B 66 32.33 -7.36 5.88
N ASN B 67 32.11 -6.40 4.97
CA ASN B 67 30.83 -6.21 4.23
C ASN B 67 30.26 -7.44 3.53
N ASN B 68 29.08 -7.87 3.98
CA ASN B 68 28.46 -9.10 3.54
C ASN B 68 28.40 -9.32 2.00
N GLU B 69 27.80 -8.38 1.28
CA GLU B 69 27.62 -8.49 -0.18
C GLU B 69 28.93 -8.66 -0.86
N ILE B 70 29.85 -7.74 -0.58
CA ILE B 70 31.26 -7.82 -0.98
C ILE B 70 31.74 -9.25 -0.86
N ARG B 71 31.64 -9.79 0.34
CA ARG B 71 32.19 -11.10 0.58
C ARG B 71 31.56 -12.19 -0.33
N GLN B 72 30.23 -12.15 -0.48
CA GLN B 72 29.54 -13.17 -1.31
C GLN B 72 30.00 -13.13 -2.76
N MET B 73 30.32 -11.93 -3.22
CA MET B 73 30.74 -11.71 -4.58
C MET B 73 32.13 -12.22 -4.75
N ILE B 74 32.90 -12.17 -3.68
CA ILE B 74 34.27 -12.60 -3.74
C ILE B 74 34.23 -14.11 -3.84
N THR B 75 33.60 -14.73 -2.87
CA THR B 75 33.40 -16.14 -2.92
C THR B 75 32.83 -16.61 -4.27
N ALA B 76 31.86 -15.88 -4.79
CA ALA B 76 31.23 -16.30 -6.05
C ALA B 76 32.32 -16.42 -7.13
N PHE B 77 33.06 -15.34 -7.33
CA PHE B 77 34.17 -15.35 -8.26
C PHE B 77 35.28 -16.31 -7.83
N GLY B 78 35.46 -16.46 -6.51
CA GLY B 78 36.36 -17.46 -5.98
C GLY B 78 37.80 -17.19 -6.35
N THR B 79 38.13 -15.92 -6.62
CA THR B 79 39.43 -15.51 -7.14
C THR B 79 40.34 -14.77 -6.13
N GLY B 80 39.84 -14.41 -4.95
CA GLY B 80 40.63 -13.62 -3.98
C GLY B 80 40.83 -12.21 -4.48
N ILE B 81 41.49 -11.37 -3.69
CA ILE B 81 41.47 -9.89 -3.91
C ILE B 81 42.84 -9.20 -3.87
N GLY B 82 43.01 -8.22 -4.74
CA GLY B 82 44.30 -7.51 -4.84
C GLY B 82 45.50 -8.36 -5.27
N GLY B 83 46.56 -8.37 -4.47
CA GLY B 83 47.75 -9.18 -4.77
C GLY B 83 47.54 -10.70 -4.73
N ASP B 84 46.55 -11.14 -3.94
CA ASP B 84 46.11 -12.54 -3.89
C ASP B 84 45.15 -12.94 -5.01
N PHE B 85 44.80 -12.00 -5.90
CA PHE B 85 43.95 -12.27 -7.07
C PHE B 85 44.52 -13.42 -7.92
N ASP B 86 43.66 -14.07 -8.69
CA ASP B 86 44.07 -15.22 -9.53
C ASP B 86 43.12 -15.46 -10.69
N LEU B 87 43.52 -15.02 -11.88
CA LEU B 87 42.64 -15.12 -13.06
C LEU B 87 42.31 -16.58 -13.46
N ALA B 88 43.21 -17.51 -13.17
CA ALA B 88 42.94 -18.95 -13.41
C ALA B 88 41.96 -19.55 -12.39
N LYS B 89 41.77 -18.88 -11.25
CA LYS B 89 40.79 -19.29 -10.23
C LYS B 89 39.40 -18.64 -10.42
N ALA B 90 39.06 -18.19 -11.62
CA ALA B 90 37.78 -17.50 -11.85
C ALA B 90 36.67 -18.46 -12.22
N ARG B 91 35.60 -18.40 -11.46
CA ARG B 91 34.54 -19.39 -11.63
C ARG B 91 33.57 -19.11 -12.79
N TYR B 92 33.63 -17.91 -13.34
CA TYR B 92 32.82 -17.52 -14.47
C TYR B 92 33.65 -16.61 -15.34
N HIS B 93 33.68 -16.90 -16.64
CA HIS B 93 34.41 -16.04 -17.58
C HIS B 93 33.63 -14.84 -18.05
N LYS B 94 32.44 -14.66 -17.51
CA LYS B 94 31.60 -13.52 -17.82
C LYS B 94 30.84 -13.13 -16.54
N ILE B 95 31.08 -11.91 -16.07
CA ILE B 95 30.33 -11.34 -14.94
C ILE B 95 29.40 -10.29 -15.49
N VAL B 96 28.10 -10.44 -15.21
CA VAL B 96 27.09 -9.63 -15.87
C VAL B 96 26.38 -8.76 -14.84
N ILE B 97 26.44 -7.45 -15.09
CA ILE B 97 25.82 -6.43 -14.25
C ILE B 97 24.40 -6.17 -14.73
N MET B 98 23.44 -6.81 -14.11
CA MET B 98 22.05 -6.66 -14.56
C MET B 98 21.18 -6.03 -13.50
N THR B 99 21.30 -4.71 -13.35
CA THR B 99 20.51 -3.92 -12.41
C THR B 99 19.15 -3.54 -12.99
N ASP B 100 18.31 -2.90 -12.17
CA ASP B 100 17.03 -2.34 -12.63
C ASP B 100 17.45 -1.42 -13.74
N ALA B 101 16.55 -1.18 -14.70
CA ALA B 101 16.74 -0.11 -15.73
C ALA B 101 16.41 1.32 -15.24
N ASP B 102 16.84 1.71 -14.03
CA ASP B 102 16.60 3.09 -13.55
C ASP B 102 17.82 3.76 -12.96
N VAL B 103 17.75 5.08 -12.87
CA VAL B 103 18.87 5.86 -12.33
C VAL B 103 19.60 5.14 -11.17
N ASP B 104 18.87 4.61 -10.21
CA ASP B 104 19.52 3.89 -9.10
C ASP B 104 20.22 2.63 -9.61
N GLY B 105 19.62 1.92 -10.56
CA GLY B 105 20.34 0.84 -11.27
C GLY B 105 21.69 1.30 -11.79
N ALA B 106 21.70 2.42 -12.52
CA ALA B 106 22.94 3.04 -13.01
C ALA B 106 23.90 3.28 -11.87
N HIS B 107 23.37 3.92 -10.86
CA HIS B 107 24.22 4.19 -9.70
C HIS B 107 24.88 2.92 -9.21
N ILE B 108 24.09 1.87 -9.10
CA ILE B 108 24.56 0.66 -8.52
C ILE B 108 25.58 0.09 -9.44
N ARG B 109 25.33 0.26 -10.74
CA ARG B 109 26.29 -0.14 -11.75
C ARG B 109 27.66 0.42 -11.43
N THR B 110 27.71 1.76 -11.32
CA THR B 110 28.97 2.51 -11.15
C THR B 110 29.70 2.08 -9.92
N LEU B 111 28.94 1.92 -8.85
CA LEU B 111 29.44 1.38 -7.60
C LEU B 111 30.06 0.02 -7.79
N LEU B 112 29.37 -0.86 -8.48
CA LEU B 112 29.87 -2.21 -8.72
C LEU B 112 31.19 -2.17 -9.52
N LEU B 113 31.29 -1.28 -10.50
CA LEU B 113 32.51 -1.16 -11.30
C LEU B 113 33.66 -0.73 -10.43
N THR B 114 33.40 0.24 -9.55
CA THR B 114 34.39 0.81 -8.69
C THR B 114 34.97 -0.27 -7.83
N PHE B 115 34.12 -1.15 -7.33
CA PHE B 115 34.62 -2.31 -6.59
C PHE B 115 35.50 -3.16 -7.51
N PHE B 116 34.92 -3.63 -8.60
CA PHE B 116 35.68 -4.39 -9.58
C PHE B 116 37.05 -3.75 -9.90
N TYR B 117 37.05 -2.48 -10.25
CA TYR B 117 38.25 -1.84 -10.80
C TYR B 117 39.36 -1.63 -9.79
N ARG B 118 39.00 -1.47 -8.51
CA ARG B 118 40.00 -1.22 -7.48
C ARG B 118 40.54 -2.51 -6.93
N PHE B 119 39.72 -3.55 -6.87
CA PHE B 119 40.18 -4.80 -6.30
C PHE B 119 40.38 -5.95 -7.31
N MET B 120 39.55 -5.98 -8.35
CA MET B 120 39.59 -7.03 -9.37
C MET B 120 39.80 -6.42 -10.76
N ARG B 121 40.72 -5.47 -10.82
CA ARG B 121 41.07 -4.85 -12.10
C ARG B 121 41.36 -5.84 -13.25
N PRO B 122 42.06 -6.98 -12.96
CA PRO B 122 42.42 -7.83 -14.11
C PRO B 122 41.25 -8.62 -14.70
N LEU B 123 40.11 -8.53 -14.06
CA LEU B 123 38.85 -9.09 -14.54
C LEU B 123 38.27 -8.20 -15.68
N ILE B 124 38.57 -6.91 -15.64
CA ILE B 124 38.14 -5.98 -16.71
C ILE B 124 39.21 -6.00 -17.82
N GLU B 125 40.47 -6.20 -17.44
CA GLU B 125 41.58 -6.42 -18.38
C GLU B 125 41.33 -7.70 -19.15
N ALA B 126 41.10 -8.79 -18.44
CA ALA B 126 40.75 -10.10 -19.04
C ALA B 126 39.43 -10.15 -19.88
N GLY B 127 38.67 -9.05 -19.91
CA GLY B 127 37.48 -8.93 -20.75
C GLY B 127 36.31 -9.71 -20.19
N TYR B 128 36.39 -9.97 -18.88
CA TYR B 128 35.41 -10.76 -18.15
C TYR B 128 34.22 -9.92 -17.58
N VAL B 129 34.25 -8.58 -17.75
CA VAL B 129 33.17 -7.71 -17.21
C VAL B 129 32.16 -7.17 -18.26
N TYR B 130 30.90 -7.58 -18.12
CA TYR B 130 29.84 -7.17 -19.02
C TYR B 130 28.71 -6.35 -18.36
N ILE B 131 27.90 -5.72 -19.21
CA ILE B 131 26.74 -4.98 -18.72
C ILE B 131 25.52 -5.34 -19.55
N ALA B 132 24.53 -5.92 -18.91
CA ALA B 132 23.30 -6.29 -19.62
C ALA B 132 22.37 -5.12 -19.94
N GLN B 133 21.41 -5.39 -20.83
CA GLN B 133 20.50 -4.37 -21.36
C GLN B 133 19.00 -4.76 -21.33
N PRO B 134 18.44 -4.79 -20.11
CA PRO B 134 16.99 -4.84 -19.97
C PRO B 134 16.31 -3.65 -20.64
N PRO B 135 15.02 -3.79 -21.02
CA PRO B 135 14.17 -2.68 -21.56
C PRO B 135 13.78 -1.55 -20.56
N THR B 136 13.43 -0.37 -21.08
CA THR B 136 13.22 0.87 -20.28
C THR B 136 11.76 1.25 -20.01
N GLY B 137 11.52 1.85 -18.84
CA GLY B 137 10.17 2.30 -18.42
C GLY B 137 9.41 1.24 -17.65
N TYR B 138 11.74 -0.90 -17.13
CA TYR B 138 10.87 -1.32 -16.05
C TYR B 138 11.45 -0.96 -14.68
N LYS B 139 10.61 -0.41 -13.80
CA LYS B 139 10.97 -0.03 -12.41
C LYS B 139 11.97 -0.99 -11.76
N GLY B 140 11.72 -2.27 -11.98
CA GLY B 140 12.73 -3.31 -11.73
C GLY B 140 12.59 -4.39 -12.78
N LEU B 141 13.49 -5.38 -12.71
CA LEU B 141 13.40 -6.54 -13.62
C LEU B 141 12.33 -7.46 -13.13
N GLY B 142 11.81 -7.19 -11.94
CA GLY B 142 10.82 -8.03 -11.31
C GLY B 142 9.44 -7.71 -11.82
N GLU B 143 9.36 -6.56 -12.45
CA GLU B 143 8.17 -6.18 -13.10
C GLU B 143 8.06 -6.97 -14.41
N MET B 144 9.09 -7.72 -14.79
CA MET B 144 9.06 -8.45 -16.05
C MET B 144 8.78 -9.91 -15.85
N ASN B 145 7.94 -10.47 -16.72
CA ASN B 145 7.76 -11.90 -16.77
C ASN B 145 9.11 -12.50 -17.06
N ALA B 146 9.23 -13.81 -16.79
CA ALA B 146 10.49 -14.52 -16.92
C ALA B 146 10.88 -14.65 -18.42
N ASP B 147 9.96 -15.22 -19.19
CA ASP B 147 10.18 -15.44 -20.60
C ASP B 147 10.58 -14.12 -21.30
N GLN B 148 9.95 -13.00 -20.97
CA GLN B 148 10.29 -11.73 -21.63
C GLN B 148 11.63 -11.17 -21.14
N LEU B 149 12.08 -11.56 -19.95
CA LEU B 149 13.39 -11.14 -19.45
C LEU B 149 14.47 -11.96 -20.15
N TRP B 150 14.12 -13.22 -20.40
CA TRP B 150 14.96 -14.14 -21.20
C TRP B 150 15.16 -13.71 -22.69
N GLU B 151 14.09 -13.34 -23.39
CA GLU B 151 14.24 -13.01 -24.82
C GLU B 151 15.04 -11.73 -25.09
N THR B 152 15.15 -10.87 -24.07
CA THR B 152 15.73 -9.56 -24.26
C THR B 152 17.12 -9.43 -23.66
N THR B 153 17.33 -10.02 -22.50
CA THR B 153 18.50 -9.69 -21.72
C THR B 153 19.47 -10.87 -21.54
N MET B 154 18.96 -12.10 -21.57
CA MET B 154 19.73 -13.26 -21.09
C MET B 154 20.04 -14.35 -22.10
N ASN B 155 19.21 -14.46 -23.13
CA ASN B 155 19.42 -15.49 -24.16
C ASN B 155 20.54 -15.10 -25.11
N PRO B 156 21.59 -15.95 -25.19
CA PRO B 156 22.70 -15.63 -26.09
C PRO B 156 22.38 -15.24 -27.55
N GLU B 157 21.28 -15.70 -28.10
CA GLU B 157 20.91 -15.38 -29.48
C GLU B 157 20.29 -13.99 -29.71
N HIS B 158 19.83 -13.31 -28.66
CA HIS B 158 19.05 -12.05 -28.82
C HIS B 158 19.57 -10.86 -27.95
N ARG B 159 19.94 -11.18 -26.71
CA ARG B 159 20.63 -10.25 -25.82
C ARG B 159 21.69 -9.38 -26.49
N ALA B 160 21.77 -8.13 -26.08
CA ALA B 160 22.84 -7.27 -26.53
C ALA B 160 23.63 -6.76 -25.31
N LEU B 161 24.75 -7.44 -25.03
CA LEU B 161 25.58 -7.09 -23.90
C LEU B 161 26.59 -6.05 -24.34
N LEU B 162 27.30 -5.51 -23.37
CA LEU B 162 28.38 -4.58 -23.60
C LEU B 162 29.56 -5.21 -22.88
N GLN B 163 30.64 -5.49 -23.61
CA GLN B 163 31.86 -5.86 -22.93
C GLN B 163 32.53 -4.61 -22.44
N VAL B 164 32.66 -4.47 -21.13
CA VAL B 164 33.37 -3.31 -20.53
C VAL B 164 34.86 -3.26 -20.91
N LYS B 165 35.25 -2.17 -21.56
CA LYS B 165 36.61 -2.02 -22.09
C LYS B 165 37.42 -0.99 -21.29
N LEU B 166 38.54 -1.41 -20.73
CA LEU B 166 39.50 -0.50 -20.11
C LEU B 166 40.48 -0.13 -21.23
N GLU B 167 40.71 1.16 -21.43
CA GLU B 167 41.68 1.62 -22.46
C GLU B 167 42.87 2.36 -21.85
N ASP B 168 42.60 3.40 -21.06
CA ASP B 168 43.65 4.16 -20.37
C ASP B 168 43.52 4.11 -18.84
N ALA B 169 44.38 3.29 -18.23
CA ALA B 169 44.45 3.16 -16.78
C ALA B 169 44.55 4.47 -16.01
N ILE B 170 45.02 5.56 -16.64
CA ILE B 170 45.19 6.83 -15.92
C ILE B 170 43.96 7.78 -15.94
N GLU B 171 43.26 7.86 -17.07
CA GLU B 171 41.99 8.61 -17.11
C GLU B 171 40.93 7.89 -16.29
N ALA B 172 41.08 6.57 -16.16
CA ALA B 172 40.19 5.73 -15.36
C ALA B 172 40.47 5.85 -13.87
N ASP B 173 41.72 6.12 -13.49
CA ASP B 173 42.08 6.41 -12.08
C ASP B 173 41.61 7.80 -11.66
N GLN B 174 41.88 8.78 -12.51
CA GLN B 174 41.42 10.15 -12.31
C GLN B 174 39.88 10.18 -12.28
N THR B 175 39.25 9.38 -13.12
CA THR B 175 37.80 9.37 -13.25
C THR B 175 37.06 8.72 -12.07
N PHE B 176 37.62 7.64 -11.55
CA PHE B 176 37.00 6.94 -10.42
C PHE B 176 37.16 7.83 -9.17
N GLU B 177 38.35 8.44 -9.06
CA GLU B 177 38.68 9.31 -7.94
C GLU B 177 37.73 10.49 -7.95
N MET B 178 37.46 11.03 -9.15
CA MET B 178 36.57 12.18 -9.30
C MET B 178 35.09 11.91 -9.01
N LEU B 179 34.53 10.88 -9.64
CA LEU B 179 33.13 10.56 -9.45
C LEU B 179 32.92 9.99 -8.03
N MET B 180 33.68 8.95 -7.67
CA MET B 180 33.42 8.21 -6.44
C MET B 180 34.33 8.58 -5.24
N GLY B 181 35.35 9.42 -5.47
CA GLY B 181 36.25 9.87 -4.42
C GLY B 181 35.60 10.86 -3.50
N ASP B 182 36.22 11.13 -2.35
CA ASP B 182 35.54 11.86 -1.25
C ASP B 182 35.66 13.41 -1.27
N VAL B 183 36.28 13.95 -2.34
CA VAL B 183 36.30 15.39 -2.64
C VAL B 183 35.17 15.87 -3.61
N VAL B 184 34.07 16.36 -3.01
CA VAL B 184 32.88 16.82 -3.76
C VAL B 184 33.20 17.80 -4.88
N GLU B 185 33.98 18.85 -4.54
CA GLU B 185 34.19 20.01 -5.44
C GLU B 185 34.56 19.61 -6.85
N ASN B 186 35.30 18.53 -7.00
CA ASN B 186 35.64 18.03 -8.32
C ASN B 186 34.42 17.42 -8.97
N ARG B 187 33.69 16.65 -8.18
CA ARG B 187 32.52 15.94 -8.64
C ARG B 187 31.45 16.92 -8.97
N ARG B 188 31.23 17.89 -8.07
CA ARG B 188 30.33 19.00 -8.38
C ARG B 188 30.73 19.70 -9.65
N GLN B 189 32.00 20.07 -9.75
CA GLN B 189 32.45 20.82 -10.90
C GLN B 189 32.30 19.96 -12.14
N PHE B 190 32.35 18.65 -11.97
CA PHE B 190 32.02 17.76 -13.09
C PHE B 190 30.55 17.90 -13.56
N ILE B 191 29.58 17.97 -12.64
CA ILE B 191 28.14 18.08 -13.05
C ILE B 191 27.88 19.34 -13.84
N GLU B 192 28.09 20.48 -13.19
CA GLU B 192 28.06 21.79 -13.85
C GLU B 192 28.61 21.63 -15.26
N ASP B 193 29.84 21.12 -15.34
CA ASP B 193 30.56 21.06 -16.61
C ASP B 193 29.77 20.35 -17.69
N ASN B 194 29.13 19.23 -17.32
CA ASN B 194 28.52 18.28 -18.25
C ASN B 194 26.97 18.26 -18.17
N ALA B 195 26.36 19.24 -17.53
CA ALA B 195 24.92 19.19 -17.30
C ALA B 195 24.14 19.68 -18.50
N VAL B 196 23.21 18.85 -18.98
CA VAL B 196 22.30 19.23 -20.06
C VAL B 196 20.85 18.98 -19.61
N TYR B 197 20.05 20.04 -19.60
CA TYR B 197 18.69 20.03 -19.01
C TYR B 197 17.56 19.94 -20.07
N ASN B 211 27.37 -4.44 -28.19
CA ASN B 211 28.50 -3.63 -28.61
C ASN B 211 29.63 -3.78 -27.59
N GLU B 212 30.69 -2.99 -27.76
CA GLU B 212 31.72 -2.83 -26.73
C GLU B 212 31.59 -1.43 -26.12
N ARG B 213 31.91 -1.33 -24.83
CA ARG B 213 31.78 -0.07 -24.06
C ARG B 213 33.10 0.26 -23.36
N ASN B 214 33.48 1.55 -23.33
CA ASN B 214 34.66 1.96 -22.53
C ASN B 214 34.34 2.38 -21.07
N ILE B 215 35.06 1.79 -20.11
CA ILE B 215 34.78 1.98 -18.68
C ILE B 215 34.64 3.41 -18.14
N THR B 216 35.49 4.30 -18.62
CA THR B 216 35.49 5.66 -18.16
C THR B 216 34.22 6.25 -18.64
N SER B 217 33.94 5.98 -19.92
CA SER B 217 32.81 6.56 -20.66
C SER B 217 31.43 6.11 -20.14
N GLU B 218 31.38 4.97 -19.49
CA GLU B 218 30.18 4.46 -18.89
C GLU B 218 30.03 5.22 -17.58
N MET B 219 31.11 5.19 -16.80
CA MET B 219 31.16 5.79 -15.49
C MET B 219 30.69 7.24 -15.50
N ARG B 220 31.16 8.04 -16.46
CA ARG B 220 30.70 9.47 -16.54
C ARG B 220 29.21 9.53 -16.87
N GLU B 221 28.85 8.95 -18.02
CA GLU B 221 27.45 8.96 -18.48
C GLU B 221 26.46 8.36 -17.48
N SER B 222 26.87 7.30 -16.77
CA SER B 222 26.00 6.68 -15.75
C SER B 222 25.89 7.48 -14.45
N PHE B 223 27.02 7.89 -13.89
CA PHE B 223 27.02 8.75 -12.69
C PHE B 223 26.33 10.07 -12.98
N LEU B 224 26.54 10.61 -14.16
CA LEU B 224 25.84 11.82 -14.53
C LEU B 224 24.32 11.60 -14.60
N ASP B 225 23.84 10.49 -15.19
CA ASP B 225 22.38 10.17 -15.18
C ASP B 225 21.85 10.07 -13.77
N TYR B 226 22.62 9.47 -12.86
CA TYR B 226 22.18 9.41 -11.48
C TYR B 226 22.14 10.85 -10.88
N ALA B 227 23.29 11.47 -10.71
CA ALA B 227 23.45 12.79 -10.12
C ALA B 227 22.41 13.78 -10.60
N MET B 228 22.20 13.82 -11.91
CA MET B 228 21.24 14.72 -12.49
C MET B 228 19.80 14.38 -12.06
N SER B 229 19.49 13.11 -11.98
CA SER B 229 18.21 12.73 -11.49
C SER B 229 18.05 13.27 -10.04
N VAL B 230 18.99 12.92 -9.19
CA VAL B 230 18.86 13.31 -7.81
C VAL B 230 18.71 14.85 -7.64
N ILE B 231 19.45 15.60 -8.45
CA ILE B 231 19.50 17.04 -8.33
C ILE B 231 18.20 17.69 -8.79
N VAL B 232 17.68 17.33 -10.00
CA VAL B 232 16.41 17.97 -10.50
C VAL B 232 15.13 17.24 -10.12
N ALA B 233 15.21 15.97 -9.72
CA ALA B 233 13.97 15.23 -9.46
C ALA B 233 14.06 14.30 -8.28
N ARG B 234 14.62 14.80 -7.20
CA ARG B 234 14.55 14.15 -5.93
C ARG B 234 14.81 15.12 -4.76
N ALA B 235 16.08 15.54 -4.59
CA ALA B 235 16.58 16.03 -3.31
C ALA B 235 16.37 17.50 -3.14
N LEU B 236 16.14 18.20 -4.27
CA LEU B 236 16.00 19.65 -4.23
C LEU B 236 14.60 20.23 -4.47
N PRO B 237 14.19 21.15 -3.59
CA PRO B 237 12.92 21.79 -3.75
C PRO B 237 12.91 22.74 -4.96
N ASP B 238 11.73 23.22 -5.33
CA ASP B 238 11.56 24.16 -6.44
C ASP B 238 11.36 25.53 -5.80
N VAL B 239 12.07 26.53 -6.28
CA VAL B 239 12.00 27.84 -5.65
C VAL B 239 10.57 28.46 -5.68
N ARG B 240 9.76 27.98 -6.63
CA ARG B 240 8.38 28.41 -6.88
C ARG B 240 7.33 27.91 -5.85
N ASP B 241 7.40 26.64 -5.44
CA ASP B 241 6.45 26.11 -4.44
C ASP B 241 7.13 25.49 -3.22
N GLY B 242 8.46 25.47 -3.20
CA GLY B 242 9.19 24.91 -2.08
C GLY B 242 9.17 23.39 -1.95
N LEU B 243 8.86 22.69 -3.04
CA LEU B 243 8.55 21.28 -2.93
C LEU B 243 9.46 20.34 -3.72
N LYS B 244 9.84 19.26 -3.04
CA LYS B 244 10.47 18.17 -3.71
C LYS B 244 9.38 17.49 -4.52
N PRO B 245 9.79 16.85 -5.61
CA PRO B 245 8.81 16.00 -6.26
C PRO B 245 7.97 15.06 -5.35
N VAL B 246 8.57 14.32 -4.42
CA VAL B 246 7.78 13.38 -3.65
C VAL B 246 6.75 14.01 -2.73
N HIS B 247 6.92 15.30 -2.41
CA HIS B 247 5.90 16.02 -1.62
C HIS B 247 4.79 16.52 -2.49
N ARG B 248 5.16 17.05 -3.65
CA ARG B 248 4.20 17.60 -4.61
C ARG B 248 3.22 16.52 -5.08
N ARG B 249 3.81 15.43 -5.52
CA ARG B 249 3.05 14.25 -5.84
C ARG B 249 2.17 13.86 -4.63
N ILE B 250 2.69 14.01 -3.42
CA ILE B 250 1.85 13.67 -2.27
C ILE B 250 0.61 14.57 -2.14
N LEU B 251 0.82 15.86 -2.26
CA LEU B 251 -0.27 16.82 -2.10
C LEU B 251 -1.32 16.82 -3.25
N TYR B 252 -0.86 16.50 -4.47
CA TYR B 252 -1.73 16.29 -5.63
C TYR B 252 -2.53 14.99 -5.52
N GLY B 253 -1.90 13.95 -4.96
CA GLY B 253 -2.57 12.69 -4.77
C GLY B 253 -3.74 12.95 -3.88
N LEU B 254 -3.57 13.80 -2.86
CA LEU B 254 -4.66 14.10 -1.92
C LEU B 254 -5.71 14.92 -2.60
N ASN B 255 -5.25 15.84 -3.44
CA ASN B 255 -6.19 16.67 -4.13
C ASN B 255 -7.04 15.81 -5.04
N GLU B 256 -6.39 15.00 -5.87
CA GLU B 256 -7.09 14.17 -6.87
C GLU B 256 -7.90 12.99 -6.31
N GLN B 257 -7.94 12.85 -4.98
CA GLN B 257 -8.92 11.99 -4.35
C GLN B 257 -9.79 12.83 -3.43
N GLY B 258 -9.84 14.15 -3.66
CA GLY B 258 -10.62 15.03 -2.81
C GLY B 258 -10.44 14.84 -1.29
N MET B 259 -9.23 14.51 -0.86
CA MET B 259 -8.97 14.23 0.54
C MET B 259 -8.76 15.55 1.26
N THR B 260 -9.78 16.41 1.21
CA THR B 260 -9.77 17.79 1.68
C THR B 260 -10.19 17.82 3.16
N PRO B 261 -9.83 18.89 3.93
CA PRO B 261 -10.08 18.86 5.40
C PRO B 261 -11.53 18.69 5.84
N ASP B 262 -12.47 19.23 5.06
CA ASP B 262 -13.92 19.08 5.33
C ASP B 262 -14.35 17.62 5.25
N LYS B 263 -13.82 16.87 4.29
CA LYS B 263 -14.07 15.42 4.23
C LYS B 263 -13.34 14.75 5.38
N SER B 264 -13.71 13.51 5.70
CA SER B 264 -13.08 12.75 6.80
C SER B 264 -11.65 12.33 6.41
N TYR B 265 -11.05 11.48 7.27
CA TYR B 265 -9.63 11.13 7.22
C TYR B 265 -9.47 9.79 6.52
N LYS B 266 -8.98 9.86 5.28
CA LYS B 266 -8.62 8.69 4.45
C LYS B 266 -7.41 7.93 5.03
N LYS B 267 -7.36 6.61 4.86
CA LYS B 267 -6.25 5.79 5.38
C LYS B 267 -4.96 6.17 4.66
N SER B 268 -3.87 6.21 5.44
CA SER B 268 -2.51 6.39 4.93
C SER B 268 -2.08 5.40 3.82
N ALA B 269 -2.56 4.16 3.85
CA ALA B 269 -2.19 3.15 2.84
C ALA B 269 -2.79 3.42 1.48
N ARG B 270 -3.96 4.05 1.45
CA ARG B 270 -4.64 4.34 0.18
C ARG B 270 -3.92 5.43 -0.62
N ILE B 271 -3.75 6.58 0.04
CA ILE B 271 -2.91 7.63 -0.46
C ILE B 271 -1.59 7.00 -0.91
N VAL B 272 -0.87 6.37 0.00
CA VAL B 272 0.48 5.95 -0.35
C VAL B 272 0.46 5.08 -1.63
N GLY B 273 -0.59 4.28 -1.75
CA GLY B 273 -0.82 3.50 -2.95
C GLY B 273 -1.33 4.29 -4.14
N ASP B 274 -2.13 5.31 -3.93
CA ASP B 274 -2.54 6.15 -5.05
C ASP B 274 -1.28 6.70 -5.75
N VAL B 275 -0.49 7.39 -4.92
CA VAL B 275 0.73 8.09 -5.31
C VAL B 275 1.75 7.23 -6.02
N MET B 276 2.05 6.08 -5.45
CA MET B 276 3.06 5.20 -6.01
C MET B 276 2.77 4.84 -7.47
N GLY B 277 1.60 4.26 -7.71
CA GLY B 277 1.20 3.79 -9.03
C GLY B 277 0.91 4.86 -10.08
N LYS B 278 0.51 6.04 -9.65
CA LYS B 278 0.19 7.13 -10.58
C LYS B 278 1.40 8.04 -10.81
N TYR B 279 2.24 8.15 -9.80
CA TYR B 279 3.00 9.35 -9.72
C TYR B 279 4.46 9.10 -9.42
N HIS B 280 4.74 8.35 -8.34
CA HIS B 280 6.07 8.19 -7.75
C HIS B 280 6.55 6.73 -7.78
N PRO B 281 7.32 6.35 -8.80
CA PRO B 281 7.72 4.93 -8.96
C PRO B 281 8.74 4.40 -7.94
N HIS B 282 8.55 4.66 -6.65
CA HIS B 282 9.64 4.46 -5.69
C HIS B 282 9.12 3.73 -4.48
N GLY B 283 10.00 3.47 -3.52
CA GLY B 283 9.64 2.66 -2.34
C GLY B 283 8.53 3.37 -1.56
N ASP B 284 7.73 2.59 -0.84
CA ASP B 284 6.51 3.08 -0.19
C ASP B 284 6.81 3.67 1.19
N SER B 285 7.97 3.29 1.70
CA SER B 285 8.51 3.87 2.88
C SER B 285 9.11 5.25 2.62
N SER B 286 9.46 5.55 1.37
CA SER B 286 9.94 6.91 1.02
C SER B 286 8.82 7.94 1.13
N ILE B 287 7.67 7.53 0.55
CA ILE B 287 6.43 8.27 0.49
C ILE B 287 5.86 8.47 1.90
N TYR B 288 5.60 7.38 2.58
CA TYR B 288 4.88 7.48 3.82
C TYR B 288 5.70 8.33 4.80
N GLU B 289 6.96 7.98 5.01
CA GLU B 289 7.83 8.84 5.82
C GLU B 289 7.83 10.31 5.40
N ALA B 290 7.89 10.60 4.12
CA ALA B 290 7.85 11.98 3.70
C ALA B 290 6.48 12.64 3.90
N MET B 291 5.39 11.88 3.81
CA MET B 291 4.05 12.46 4.12
C MET B 291 3.92 12.60 5.62
N VAL B 292 4.63 11.74 6.33
CA VAL B 292 4.65 11.77 7.80
C VAL B 292 5.22 13.08 8.27
N ARG B 293 6.35 13.46 7.69
CA ARG B 293 7.08 14.62 8.15
C ARG B 293 6.21 15.84 8.10
N MET B 294 5.33 15.87 7.10
CA MET B 294 4.44 16.99 6.80
C MET B 294 3.27 17.13 7.76
N ALA B 295 3.12 16.16 8.67
CA ALA B 295 2.02 16.18 9.64
C ALA B 295 2.46 16.62 11.03
N GLN B 296 3.77 16.47 11.29
CA GLN B 296 4.43 16.66 12.60
C GLN B 296 4.73 18.12 12.84
N ASP B 297 4.20 18.66 13.94
CA ASP B 297 4.22 20.12 14.15
C ASP B 297 5.54 20.62 14.71
N PHE B 298 6.42 19.67 15.06
CA PHE B 298 7.83 19.96 15.41
C PHE B 298 8.78 19.83 14.22
N SER B 299 8.24 19.65 13.01
CA SER B 299 9.06 19.59 11.80
C SER B 299 8.60 20.65 10.76
N TYR B 300 7.33 20.81 10.57
CA TYR B 300 6.88 21.73 9.57
C TYR B 300 6.43 22.96 10.28
N ARG B 301 6.82 24.12 9.76
CA ARG B 301 6.42 25.40 10.34
C ARG B 301 4.94 25.68 10.12
N TYR B 302 4.41 25.18 8.99
CA TYR B 302 2.99 25.28 8.62
C TYR B 302 2.62 23.91 8.06
N PRO B 303 2.36 22.98 8.99
CA PRO B 303 2.16 21.56 8.62
C PRO B 303 1.19 21.38 7.45
N LEU B 304 1.63 20.62 6.44
CA LEU B 304 0.88 20.45 5.19
C LEU B 304 -0.12 19.30 5.20
N VAL B 305 0.13 18.28 6.00
CA VAL B 305 -0.76 17.16 6.17
C VAL B 305 -1.29 17.06 7.60
N ASP B 306 -2.58 16.73 7.70
CA ASP B 306 -3.28 16.54 8.96
C ASP B 306 -3.52 15.03 9.11
N GLY B 307 -2.95 14.51 10.19
CA GLY B 307 -2.94 13.09 10.46
C GLY B 307 -3.67 12.64 11.71
N GLN B 308 -4.35 11.50 11.57
CA GLN B 308 -5.13 10.91 12.62
C GLN B 308 -4.36 9.70 13.16
N GLY B 309 -3.76 9.82 14.35
CA GLY B 309 -2.94 8.74 14.94
C GLY B 309 -1.48 9.09 15.23
N ASN B 310 -0.70 8.06 15.58
CA ASN B 310 0.76 8.20 15.95
C ASN B 310 1.65 8.54 14.74
N PHE B 311 2.17 9.79 14.72
CA PHE B 311 2.92 10.37 13.61
C PHE B 311 4.34 10.67 14.07
N GLY B 312 4.79 9.98 15.11
CA GLY B 312 6.15 10.18 15.61
C GLY B 312 6.29 11.22 16.73
N SER B 313 7.54 11.47 17.13
CA SER B 313 7.80 12.29 18.29
C SER B 313 9.10 13.03 18.15
N MET B 314 9.22 14.03 19.02
CA MET B 314 10.46 14.77 19.19
C MET B 314 11.54 13.84 19.69
N ASP B 315 11.18 12.73 20.35
CA ASP B 315 12.19 11.75 20.80
C ASP B 315 12.76 10.76 19.67
N GLY B 316 12.49 11.02 18.39
CA GLY B 316 12.95 10.12 17.30
C GLY B 316 11.97 9.02 16.91
N ASP B 317 11.04 8.68 17.82
CA ASP B 317 9.90 7.82 17.48
C ASP B 317 9.45 7.92 16.01
N GLY B 318 9.52 6.81 15.29
CA GLY B 318 8.94 6.80 13.96
C GLY B 318 7.44 7.02 14.10
N ALA B 319 6.77 7.24 12.97
CA ALA B 319 5.31 7.13 12.88
C ALA B 319 4.83 5.69 13.06
N ALA B 320 3.56 5.51 13.33
CA ALA B 320 2.96 4.18 13.29
C ALA B 320 2.93 3.68 11.86
N ALA B 321 2.92 2.36 11.66
CA ALA B 321 2.81 1.80 10.32
C ALA B 321 1.57 2.36 9.59
N MET B 322 1.65 2.42 8.27
CA MET B 322 0.66 3.16 7.47
C MET B 322 -0.66 2.43 7.29
N ARG B 323 -0.73 1.20 7.82
CA ARG B 323 -2.00 0.50 7.90
C ARG B 323 -2.87 1.05 9.02
N PHE B 324 -2.30 1.85 9.91
CA PHE B 324 -3.05 2.34 11.07
C PHE B 324 -3.46 3.79 10.93
N THR B 325 -2.48 4.61 10.59
CA THR B 325 -2.62 6.06 10.54
C THR B 325 -3.59 6.49 9.43
N GLU B 326 -3.98 7.74 9.42
CA GLU B 326 -5.00 8.24 8.51
C GLU B 326 -4.64 9.72 8.30
N ALA B 327 -5.14 10.35 7.24
CA ALA B 327 -4.75 11.73 6.98
C ALA B 327 -5.54 12.40 5.88
N ARG B 328 -5.42 13.71 5.85
CA ARG B 328 -6.01 14.54 4.81
C ARG B 328 -5.14 15.83 4.65
N MET B 329 -5.62 16.76 3.83
CA MET B 329 -5.04 18.10 3.76
C MET B 329 -5.31 18.88 5.05
N THR B 330 -4.34 19.68 5.44
CA THR B 330 -4.63 20.78 6.35
C THR B 330 -5.35 21.88 5.56
N LYS B 331 -5.80 22.92 6.26
CA LYS B 331 -6.34 24.10 5.61
C LYS B 331 -5.33 24.83 4.69
N ILE B 332 -4.05 24.95 5.08
CA ILE B 332 -3.08 25.75 4.27
C ILE B 332 -2.58 25.10 2.96
N THR B 333 -2.81 23.82 2.79
CA THR B 333 -2.34 23.13 1.60
C THR B 333 -3.33 23.42 0.46
N LEU B 334 -4.59 23.70 0.83
CA LEU B 334 -5.59 24.13 -0.18
C LEU B 334 -5.08 25.31 -0.98
N GLU B 335 -4.27 26.13 -0.29
CA GLU B 335 -3.68 27.36 -0.82
C GLU B 335 -2.48 27.10 -1.74
N LEU B 336 -1.79 26.02 -1.51
CA LEU B 336 -0.75 25.60 -2.39
C LEU B 336 -1.41 25.07 -3.64
N LEU B 337 -2.63 24.56 -3.50
CA LEU B 337 -3.24 23.88 -4.60
C LEU B 337 -4.24 24.80 -5.29
N ARG B 338 -4.60 25.90 -4.64
CA ARG B 338 -5.70 26.74 -5.07
C ARG B 338 -5.55 26.96 -6.56
N ASP B 339 -6.60 26.66 -7.36
CA ASP B 339 -6.66 27.00 -8.80
C ASP B 339 -5.66 26.23 -9.63
N ILE B 340 -5.16 25.12 -9.12
CA ILE B 340 -4.32 24.27 -9.91
C ILE B 340 -4.96 23.84 -11.24
N ASN B 341 -6.27 23.64 -11.21
CA ASN B 341 -6.98 23.06 -12.34
C ASN B 341 -7.42 24.14 -13.36
N LYS B 342 -7.14 25.41 -13.06
CA LYS B 342 -7.48 26.58 -13.91
C LYS B 342 -6.33 26.96 -14.83
N ASP B 343 -5.77 25.95 -15.48
CA ASP B 343 -4.50 26.10 -16.18
C ASP B 343 -3.62 27.23 -15.66
N THR B 344 -3.44 27.24 -14.34
CA THR B 344 -2.51 28.15 -13.70
C THR B 344 -1.09 27.61 -13.85
N ILE B 345 -0.99 26.29 -14.02
CA ILE B 345 0.27 25.57 -14.10
C ILE B 345 0.27 24.52 -15.19
N ASP B 346 1.48 24.26 -15.72
CA ASP B 346 1.72 23.28 -16.79
C ASP B 346 1.75 21.86 -16.26
N PHE B 347 0.81 21.04 -16.69
CA PHE B 347 0.90 19.60 -16.40
C PHE B 347 1.95 18.98 -17.35
N ILE B 348 2.38 17.76 -17.02
CA ILE B 348 3.34 17.00 -17.81
C ILE B 348 3.03 15.56 -17.59
N ASP B 349 3.64 14.71 -18.43
CA ASP B 349 3.42 13.25 -18.41
C ASP B 349 4.22 12.60 -17.31
N ASN B 350 3.52 11.83 -16.48
CA ASN B 350 4.13 11.01 -15.46
C ASN B 350 5.08 10.00 -16.09
N TYR B 351 5.65 9.16 -15.23
CA TYR B 351 6.69 8.22 -15.63
C TYR B 351 6.28 7.19 -16.70
N ASP B 352 5.17 6.51 -16.53
CA ASP B 352 4.82 5.46 -17.48
C ASP B 352 3.95 5.95 -18.67
N GLY B 353 3.65 7.25 -18.74
CA GLY B 353 2.75 7.80 -19.78
C GLY B 353 1.27 7.51 -19.60
N ASN B 354 0.84 7.20 -18.38
CA ASN B 354 -0.56 6.84 -18.09
C ASN B 354 -1.35 7.92 -17.34
N GLU B 355 -0.70 9.00 -16.93
CA GLU B 355 -1.37 10.06 -16.16
C GLU B 355 -0.73 11.43 -16.43
N ARG B 356 -1.43 12.49 -15.98
CA ARG B 356 -0.91 13.84 -15.91
C ARG B 356 -0.71 14.28 -14.45
N GLU B 357 0.51 14.77 -14.17
CA GLU B 357 0.91 15.32 -12.87
C GLU B 357 1.43 16.75 -13.04
N PRO B 358 1.27 17.60 -12.02
CA PRO B 358 1.70 18.99 -12.14
C PRO B 358 3.22 19.18 -12.11
N SER B 359 3.74 20.00 -13.04
CA SER B 359 5.16 20.36 -13.00
C SER B 359 5.44 21.10 -11.66
N VAL B 360 4.47 21.90 -11.20
CA VAL B 360 4.59 22.68 -9.97
C VAL B 360 3.18 23.06 -9.47
N LEU B 361 3.04 23.48 -8.22
CA LEU B 361 1.76 23.87 -7.65
C LEU B 361 1.65 25.36 -7.57
N PRO B 362 0.42 25.89 -7.61
CA PRO B 362 0.25 27.35 -7.60
C PRO B 362 1.00 28.03 -6.47
N ALA B 363 1.13 27.36 -5.33
CA ALA B 363 1.86 27.91 -4.18
C ALA B 363 1.40 29.32 -3.77
N ARG B 364 0.16 29.45 -3.32
CA ARG B 364 -0.43 30.79 -3.09
C ARG B 364 0.14 31.53 -1.85
N PHE B 365 0.96 30.84 -1.05
CA PHE B 365 1.83 31.48 -0.07
C PHE B 365 3.25 30.90 -0.32
N PRO B 366 4.35 31.64 0.03
CA PRO B 366 5.74 31.23 -0.30
C PRO B 366 6.29 30.03 0.54
N ASN B 367 5.82 28.84 0.20
CA ASN B 367 6.12 27.63 0.93
C ASN B 367 7.59 27.35 1.16
N LEU B 368 8.42 27.52 0.12
CA LEU B 368 9.82 27.23 0.25
C LEU B 368 10.45 27.82 1.52
N LEU B 369 10.25 29.12 1.66
CA LEU B 369 10.81 29.84 2.78
C LEU B 369 10.06 29.57 4.09
N ALA B 370 8.75 29.44 4.02
CA ALA B 370 7.91 29.23 5.24
C ALA B 370 8.21 27.94 5.98
N ASN B 371 8.25 26.87 5.22
CA ASN B 371 8.58 25.56 5.76
C ASN B 371 10.07 25.28 5.59
N GLY B 372 10.77 25.96 4.70
CA GLY B 372 12.19 25.74 4.54
C GLY B 372 12.42 24.46 3.78
N ALA B 373 13.50 23.74 4.06
CA ALA B 373 13.84 22.55 3.33
C ALA B 373 15.26 22.05 3.62
N SER B 374 15.45 20.74 3.55
CA SER B 374 16.76 20.13 3.63
C SER B 374 16.78 18.95 2.70
N GLY B 375 17.85 18.78 1.93
CA GLY B 375 17.99 17.57 1.10
C GLY B 375 19.43 17.32 0.70
N ILE B 376 19.86 16.09 0.77
CA ILE B 376 21.24 15.79 0.43
C ILE B 376 21.23 15.36 -1.00
N ALA B 377 21.78 16.19 -1.88
CA ALA B 377 21.79 15.86 -3.32
C ALA B 377 23.03 15.05 -3.76
N VAL B 378 23.54 15.35 -4.95
CA VAL B 378 24.79 14.77 -5.43
C VAL B 378 25.68 15.92 -5.93
N GLY B 379 26.89 16.02 -5.38
CA GLY B 379 27.75 17.17 -5.61
C GLY B 379 27.25 18.44 -4.94
N MET B 380 26.14 18.35 -4.21
CA MET B 380 25.57 19.53 -3.58
C MET B 380 24.46 19.16 -2.70
N ALA B 381 24.22 19.99 -1.69
CA ALA B 381 23.20 19.79 -0.66
C ALA B 381 22.48 21.09 -0.48
N THR B 382 21.35 21.04 0.21
CA THR B 382 20.64 22.24 0.51
C THR B 382 20.12 22.19 1.89
N ASN B 383 20.10 23.34 2.53
CA ASN B 383 19.60 23.48 3.90
C ASN B 383 19.13 24.93 4.11
N ILE B 384 17.79 25.07 4.06
CA ILE B 384 17.00 26.32 4.22
C ILE B 384 16.11 26.17 5.43
N PRO B 385 15.97 27.23 6.24
CA PRO B 385 15.16 27.12 7.48
C PRO B 385 13.76 27.67 7.35
N PRO B 386 12.84 27.23 8.23
CA PRO B 386 11.52 27.82 8.16
C PRO B 386 11.56 29.31 8.56
N HIS B 387 10.46 30.02 8.30
CA HIS B 387 10.26 31.44 8.59
C HIS B 387 8.81 31.72 8.98
N ASN B 388 8.58 32.87 9.55
CA ASN B 388 7.22 33.15 9.96
C ASN B 388 6.46 33.75 8.78
N LEU B 389 5.27 33.22 8.52
CA LEU B 389 4.52 33.59 7.30
C LEU B 389 4.08 35.02 7.25
N THR B 390 3.80 35.60 8.40
CA THR B 390 3.39 36.98 8.44
C THR B 390 4.51 37.89 7.90
N GLU B 391 5.73 37.63 8.37
CA GLU B 391 6.89 38.41 7.96
C GLU B 391 7.20 38.12 6.50
N LEU B 392 7.11 36.85 6.09
CA LEU B 392 7.46 36.50 4.71
C LEU B 392 6.60 37.32 3.78
N ILE B 393 5.28 37.25 4.00
CA ILE B 393 4.31 38.03 3.21
C ILE B 393 4.54 39.52 3.36
N ASN B 394 4.84 40.02 4.55
CA ASN B 394 5.19 41.44 4.60
C ASN B 394 6.36 41.70 3.68
N GLY B 395 7.31 40.77 3.60
CA GLY B 395 8.48 40.94 2.74
C GLY B 395 8.10 41.17 1.29
N VAL B 396 7.32 40.23 0.76
CA VAL B 396 6.88 40.20 -0.65
C VAL B 396 6.11 41.46 -1.00
N LEU B 397 5.19 41.86 -0.14
CA LEU B 397 4.50 43.15 -0.31
C LEU B 397 5.49 44.29 -0.51
N SER B 398 6.46 44.40 0.37
CA SER B 398 7.48 45.47 0.22
C SER B 398 8.16 45.43 -1.14
N LEU B 399 8.56 44.23 -1.55
CA LEU B 399 9.15 44.00 -2.86
C LEU B 399 8.23 44.37 -4.04
N SER B 400 6.94 44.06 -3.93
CA SER B 400 6.01 44.37 -5.01
C SER B 400 6.00 45.88 -5.30
N LYS B 401 5.92 46.70 -4.24
CA LYS B 401 5.97 48.17 -4.36
C LYS B 401 7.41 48.74 -4.29
N ASN B 402 8.41 47.86 -4.34
CA ASN B 402 9.80 48.30 -4.48
C ASN B 402 10.66 47.17 -5.06
N PRO B 403 10.90 47.19 -6.39
CA PRO B 403 11.77 46.17 -7.03
C PRO B 403 13.21 46.21 -6.51
N ASP B 404 13.62 47.40 -6.04
CA ASP B 404 15.01 47.73 -5.69
C ASP B 404 15.28 47.78 -4.18
N ILE B 405 14.46 47.02 -3.48
CA ILE B 405 14.60 46.87 -2.03
C ILE B 405 15.87 46.08 -1.69
N SER B 406 16.61 46.54 -0.69
CA SER B 406 17.88 45.87 -0.32
C SER B 406 17.56 44.69 0.60
N ILE B 407 18.50 43.76 0.70
CA ILE B 407 18.32 42.64 1.60
C ILE B 407 18.01 43.21 2.99
N ALA B 408 18.59 44.37 3.31
CA ALA B 408 18.44 44.93 4.67
C ALA B 408 17.04 45.53 4.88
N GLU B 409 16.60 46.41 3.97
CA GLU B 409 15.20 46.86 3.98
C GLU B 409 14.33 45.63 4.33
N LEU B 410 14.35 44.64 3.44
CA LEU B 410 13.59 43.41 3.58
C LEU B 410 13.67 42.93 4.99
N MET B 411 14.89 42.84 5.50
CA MET B 411 15.12 42.36 6.86
C MET B 411 14.38 43.17 7.93
N GLU B 412 14.00 44.43 7.67
CA GLU B 412 13.05 45.09 8.57
C GLU B 412 11.72 44.31 8.68
N ASP B 413 11.34 43.60 7.63
CA ASP B 413 10.14 42.75 7.67
C ASP B 413 10.47 41.41 8.30
N ILE B 414 11.34 40.67 7.63
CA ILE B 414 11.71 39.30 7.99
C ILE B 414 12.84 39.37 9.03
N GLU B 415 12.53 39.29 10.34
CA GLU B 415 13.59 39.32 11.35
C GLU B 415 14.61 38.26 10.99
N GLY B 416 14.15 37.02 10.87
CA GLY B 416 15.00 35.85 10.61
C GLY B 416 14.18 34.58 10.62
N PRO B 417 14.82 33.42 10.82
CA PRO B 417 14.03 32.22 10.68
C PRO B 417 13.19 32.08 11.87
N ASP B 418 12.29 31.13 11.81
CA ASP B 418 11.31 30.99 12.87
C ASP B 418 10.99 29.53 12.96
N PHE B 419 11.66 28.85 13.88
CA PHE B 419 11.56 27.42 13.95
C PHE B 419 10.25 27.05 14.60
N PRO B 420 9.65 25.94 14.17
CA PRO B 420 8.40 25.45 14.73
C PRO B 420 8.59 24.94 16.18
N THR B 421 9.84 24.63 16.55
CA THR B 421 10.22 24.16 17.90
C THR B 421 10.61 25.33 18.85
N ALA B 422 10.49 26.57 18.33
CA ALA B 422 10.80 27.81 19.05
C ALA B 422 12.28 27.90 19.29
N GLY B 423 12.66 28.31 20.50
CA GLY B 423 14.08 28.43 20.89
C GLY B 423 14.55 29.86 20.73
N LEU B 424 15.87 30.04 20.81
CA LEU B 424 16.52 31.34 20.73
C LEU B 424 17.57 31.28 19.69
N ILE B 425 17.55 32.24 18.79
CA ILE B 425 18.67 32.48 17.92
C ILE B 425 19.62 33.50 18.56
N LEU B 426 20.92 33.16 18.58
CA LEU B 426 22.00 33.99 19.07
C LEU B 426 22.56 34.85 17.94
N GLY B 427 22.06 36.08 17.85
CA GLY B 427 22.59 37.06 16.92
C GLY B 427 21.85 37.23 15.62
N LYS B 428 22.26 38.24 14.87
CA LYS B 428 21.68 38.53 13.60
C LYS B 428 22.76 38.38 12.49
N SER B 429 24.01 38.09 12.85
CA SER B 429 25.08 38.23 11.83
C SER B 429 25.01 37.04 10.84
N GLY B 430 24.99 35.80 11.34
CA GLY B 430 24.76 34.63 10.50
C GLY B 430 23.54 34.71 9.59
N ILE B 431 22.45 35.22 10.16
CA ILE B 431 21.19 35.43 9.40
C ILE B 431 21.48 36.36 8.21
N ARG B 432 22.00 37.54 8.52
CA ARG B 432 22.28 38.60 7.56
C ARG B 432 23.12 38.06 6.44
N ARG B 433 24.23 37.47 6.84
CA ARG B 433 25.12 36.72 5.96
C ARG B 433 24.32 35.74 5.06
N ALA B 434 23.40 35.01 5.68
CA ALA B 434 22.71 33.92 5.00
C ALA B 434 21.75 34.45 3.94
N TYR B 435 21.15 35.60 4.20
CA TYR B 435 20.26 36.22 3.21
C TYR B 435 20.98 37.09 2.19
N GLU B 436 22.17 37.58 2.52
CA GLU B 436 22.96 38.34 1.55
C GLU B 436 23.62 37.40 0.53
N THR B 437 24.13 36.27 1.01
CA THR B 437 24.92 35.34 0.19
C THR B 437 24.24 34.01 -0.06
N GLY B 438 23.27 33.63 0.77
CA GLY B 438 22.70 32.30 0.73
C GLY B 438 23.40 31.31 1.62
N ARG B 439 24.44 31.75 2.32
CA ARG B 439 25.16 30.84 3.25
C ARG B 439 25.57 31.48 4.61
N GLY B 440 25.40 30.69 5.67
CA GLY B 440 25.78 31.12 6.98
C GLY B 440 25.49 30.13 8.08
N SER B 441 26.17 30.32 9.20
CA SER B 441 25.88 29.62 10.43
C SER B 441 24.95 30.50 11.24
N ILE B 442 24.03 29.87 11.94
CA ILE B 442 23.13 30.55 12.89
C ILE B 442 23.04 29.65 14.08
N GLN B 443 23.28 30.21 15.25
CA GLN B 443 23.49 29.38 16.42
C GLN B 443 22.16 29.30 17.12
N MET B 444 21.72 28.10 17.45
CA MET B 444 20.41 27.93 18.06
C MET B 444 20.56 27.48 19.49
N ARG B 445 19.70 27.95 20.41
CA ARG B 445 19.76 27.50 21.82
C ARG B 445 18.41 27.10 22.33
N SER B 446 18.33 26.07 23.16
CA SER B 446 17.08 25.77 23.85
C SER B 446 16.71 27.01 24.60
N ARG B 447 15.42 27.21 24.80
CA ARG B 447 15.02 28.17 25.80
C ARG B 447 15.15 27.44 27.13
N ALA B 448 15.93 28.01 28.05
CA ALA B 448 16.24 27.40 29.34
C ALA B 448 16.28 28.42 30.46
N VAL B 449 15.86 27.99 31.65
CA VAL B 449 15.81 28.88 32.82
C VAL B 449 16.13 28.17 34.14
N ILE B 450 16.69 28.98 35.02
CA ILE B 450 17.15 28.52 36.27
C ILE B 450 16.09 29.00 37.24
N GLU B 451 15.74 28.14 38.17
CA GLU B 451 14.69 28.45 39.12
C GLU B 451 14.93 27.63 40.32
N GLU B 452 14.47 28.12 41.44
CA GLU B 452 14.62 27.39 42.68
C GLU B 452 13.73 26.15 42.70
N ARG B 453 14.09 25.20 43.58
CA ARG B 453 13.25 24.04 43.87
C ARG B 453 13.05 23.85 45.37
N GLY B 454 13.72 24.65 46.19
CA GLY B 454 13.54 24.58 47.65
C GLY B 454 14.86 24.29 48.32
N GLY B 455 15.00 24.68 49.57
CA GLY B 455 16.21 24.37 50.32
C GLY B 455 17.52 25.01 49.87
N GLY B 456 17.41 26.16 49.21
CA GLY B 456 18.56 26.80 48.61
C GLY B 456 18.74 26.22 47.24
N ARG B 457 18.69 24.89 47.13
CA ARG B 457 18.93 24.18 45.87
C ARG B 457 18.21 24.79 44.62
N GLN B 458 18.71 24.48 43.43
CA GLN B 458 18.15 25.04 42.16
C GLN B 458 17.94 23.94 41.13
N ARG B 459 17.23 24.26 40.07
CA ARG B 459 17.30 23.40 38.89
C ARG B 459 17.36 24.22 37.63
N ILE B 460 17.64 23.53 36.54
CA ILE B 460 17.63 24.09 35.22
C ILE B 460 16.45 23.41 34.54
N VAL B 461 15.58 24.21 33.94
CA VAL B 461 14.41 23.68 33.26
C VAL B 461 14.41 24.16 31.82
N VAL B 462 14.48 23.24 30.87
CA VAL B 462 14.50 23.57 29.45
C VAL B 462 13.12 23.34 28.86
N THR B 463 12.70 24.17 27.92
CA THR B 463 11.31 24.18 27.44
C THR B 463 11.10 24.24 25.93
N GLU B 464 12.08 24.74 25.20
CA GLU B 464 12.03 24.63 23.78
C GLU B 464 13.43 24.12 23.49
N ILE B 465 13.59 23.38 22.42
CA ILE B 465 14.90 22.84 22.09
C ILE B 465 15.14 23.12 20.59
N PRO B 466 16.37 23.01 20.12
CA PRO B 466 16.53 23.40 18.74
C PRO B 466 15.78 22.53 17.77
N PHE B 467 15.65 23.10 16.59
CA PHE B 467 15.10 22.45 15.41
C PHE B 467 16.00 21.28 14.99
N GLN B 468 15.37 20.18 14.58
CA GLN B 468 16.02 18.95 14.15
C GLN B 468 16.80 18.21 15.27
N VAL B 469 16.47 18.49 16.53
CA VAL B 469 17.19 17.87 17.66
C VAL B 469 16.35 16.89 18.47
N ASN B 470 16.85 15.67 18.57
CA ASN B 470 16.12 14.58 19.18
C ASN B 470 16.12 14.77 20.67
N LYS B 471 14.98 15.15 21.26
CA LYS B 471 14.96 15.43 22.68
C LYS B 471 15.52 14.28 23.52
N ALA B 472 15.24 13.04 23.16
CA ALA B 472 15.82 11.87 23.87
C ALA B 472 17.34 11.75 23.68
N ARG B 473 17.79 11.58 22.45
CA ARG B 473 19.23 11.54 22.21
C ARG B 473 19.94 12.63 22.98
N MET B 474 19.34 13.82 23.06
CA MET B 474 19.97 14.96 23.76
C MET B 474 20.14 14.71 25.25
N ILE B 475 19.17 14.01 25.82
CA ILE B 475 19.14 13.75 27.27
C ILE B 475 20.19 12.70 27.65
N GLU B 476 20.21 11.62 26.86
CA GLU B 476 21.21 10.59 27.02
C GLU B 476 22.60 11.17 26.96
N LYS B 477 22.86 12.00 25.96
CA LYS B 477 24.17 12.60 25.78
C LYS B 477 24.50 13.21 27.14
N ILE B 478 23.63 14.10 27.64
CA ILE B 478 23.83 14.69 28.99
C ILE B 478 24.15 13.62 30.05
N ALA B 479 23.39 12.53 30.07
CA ALA B 479 23.52 11.46 31.09
C ALA B 479 24.84 10.69 31.02
N GLU B 480 25.33 10.51 29.78
CA GLU B 480 26.66 9.96 29.50
C GLU B 480 27.70 10.93 30.02
N LEU B 481 27.50 12.24 29.86
CA LEU B 481 28.49 13.25 30.34
C LEU B 481 28.61 13.39 31.87
N VAL B 482 27.51 13.21 32.58
CA VAL B 482 27.50 13.18 34.05
C VAL B 482 28.22 11.93 34.56
N ARG B 483 27.79 10.78 34.05
CA ARG B 483 28.39 9.49 34.35
C ARG B 483 29.92 9.46 34.10
N ASP B 484 30.37 9.99 32.96
CA ASP B 484 31.81 10.12 32.62
C ASP B 484 32.48 11.35 33.25
N LYS B 485 31.69 12.09 34.03
CA LYS B 485 32.08 13.27 34.81
C LYS B 485 32.68 14.42 34.02
N LYS B 486 32.34 14.52 32.74
CA LYS B 486 32.83 15.60 31.88
C LYS B 486 32.11 16.90 32.21
N ILE B 487 30.99 16.76 32.90
CA ILE B 487 30.22 17.89 33.31
C ILE B 487 29.95 17.77 34.80
N ASP B 488 30.23 18.85 35.54
CA ASP B 488 30.15 18.75 36.98
C ASP B 488 28.98 19.53 37.57
N GLY B 489 28.47 19.04 38.70
CA GLY B 489 27.48 19.77 39.52
C GLY B 489 26.02 19.36 39.32
N ILE B 490 25.78 18.26 38.63
CA ILE B 490 24.44 17.84 38.37
C ILE B 490 24.11 16.73 39.37
N THR B 491 22.86 16.69 39.84
CA THR B 491 22.41 15.64 40.79
C THR B 491 21.20 14.86 40.27
N ASP B 492 20.52 15.37 39.23
CA ASP B 492 19.48 14.61 38.55
C ASP B 492 19.18 15.14 37.15
N LEU B 493 18.45 14.33 36.37
CA LEU B 493 18.21 14.56 34.96
C LEU B 493 16.90 13.84 34.55
N ARG B 494 15.83 14.62 34.38
CA ARG B 494 14.46 14.10 34.15
C ARG B 494 13.81 14.75 32.95
N ASP B 495 13.04 13.96 32.19
CA ASP B 495 12.19 14.53 31.15
C ASP B 495 10.79 14.53 31.65
N GLU B 496 10.23 15.69 31.96
CA GLU B 496 8.89 15.75 32.51
C GLU B 496 7.89 16.24 31.46
N THR B 497 8.27 16.10 30.21
CA THR B 497 7.40 16.46 29.12
C THR B 497 6.07 15.80 29.31
N SER B 498 5.03 16.60 29.18
CA SER B 498 3.71 16.05 29.05
C SER B 498 2.97 16.82 27.97
N LEU B 499 2.19 16.08 27.19
CA LEU B 499 1.24 16.67 26.28
C LEU B 499 0.46 17.86 26.93
N ARG B 500 0.15 17.74 28.22
CA ARG B 500 -0.63 18.74 29.01
C ARG B 500 0.18 19.97 29.36
N THR B 501 1.40 19.75 29.82
CA THR B 501 2.34 20.80 30.15
C THR B 501 3.32 21.12 29.00
N GLY B 502 3.37 20.28 27.97
CA GLY B 502 4.35 20.46 26.88
C GLY B 502 5.79 20.19 27.30
N VAL B 503 6.73 20.46 26.42
CA VAL B 503 8.11 20.09 26.64
C VAL B 503 8.67 20.67 27.93
N ARG B 504 9.38 19.83 28.70
CA ARG B 504 9.92 20.18 29.99
C ARG B 504 11.05 19.26 30.44
N VAL B 505 12.30 19.68 30.25
CA VAL B 505 13.46 18.93 30.69
C VAL B 505 14.14 19.58 31.89
N VAL B 506 14.26 18.84 32.98
CA VAL B 506 14.74 19.39 34.26
C VAL B 506 16.13 18.83 34.60
N ILE B 507 16.99 19.70 35.13
CA ILE B 507 18.35 19.33 35.49
C ILE B 507 18.71 19.94 36.84
N ASP B 508 18.82 19.06 37.84
CA ASP B 508 18.99 19.41 39.27
C ASP B 508 20.43 19.72 39.74
N VAL B 509 20.71 20.99 39.99
CA VAL B 509 22.02 21.39 40.40
C VAL B 509 22.31 21.04 41.89
N ARG B 510 23.49 20.45 42.11
CA ARG B 510 24.03 20.21 43.44
C ARG B 510 24.03 21.51 44.23
N LYS B 511 23.56 21.45 45.45
CA LYS B 511 23.47 22.65 46.27
C LYS B 511 24.79 23.39 46.24
N ASP B 512 24.67 24.71 46.31
CA ASP B 512 25.81 25.61 46.40
C ASP B 512 26.60 25.75 45.06
N ALA B 513 26.64 24.69 44.23
CA ALA B 513 27.12 24.79 42.84
C ALA B 513 26.50 25.97 42.06
N ASN B 514 27.20 26.51 41.05
CA ASN B 514 26.65 27.60 40.25
C ASN B 514 25.90 26.94 39.13
N ALA B 515 24.66 27.40 38.94
CA ALA B 515 23.74 26.82 37.95
C ALA B 515 23.97 27.40 36.57
N SER B 516 24.34 28.67 36.53
CA SER B 516 24.61 29.37 35.28
C SER B 516 25.92 28.89 34.59
N VAL B 517 26.81 28.23 35.33
CA VAL B 517 28.08 27.75 34.80
C VAL B 517 27.85 26.36 34.17
N ILE B 518 27.30 25.42 34.94
CA ILE B 518 26.78 24.14 34.40
C ILE B 518 26.03 24.36 33.09
N LEU B 519 25.15 25.35 33.08
CA LEU B 519 24.34 25.71 31.92
C LEU B 519 25.19 26.00 30.71
N ASN B 520 26.13 26.93 30.89
CA ASN B 520 27.05 27.33 29.82
C ASN B 520 28.05 26.25 29.61
N ASN B 521 28.05 25.26 30.47
CA ASN B 521 28.77 24.04 30.22
C ASN B 521 27.89 23.07 29.42
N LEU B 522 26.58 23.15 29.62
CA LEU B 522 25.69 22.31 28.82
C LEU B 522 25.64 22.72 27.36
N TYR B 523 25.71 24.02 27.15
CA TYR B 523 25.68 24.60 25.82
C TYR B 523 26.95 24.36 25.00
N LYS B 524 28.10 24.18 25.65
CA LYS B 524 29.36 23.88 24.96
C LYS B 524 29.43 22.42 24.43
N GLN B 525 28.93 21.48 25.24
CA GLN B 525 29.19 20.05 25.08
C GLN B 525 28.08 19.19 24.45
N THR B 526 26.85 19.69 24.48
CA THR B 526 25.67 18.93 24.07
C THR B 526 24.82 19.78 23.16
N PRO B 527 23.87 19.13 22.41
CA PRO B 527 23.01 19.79 21.38
C PRO B 527 22.10 20.93 21.85
N LEU B 528 21.89 21.06 23.16
CA LEU B 528 21.27 22.24 23.75
C LEU B 528 21.50 23.53 22.98
N GLN B 529 22.76 23.72 22.58
CA GLN B 529 23.12 24.60 21.50
C GLN B 529 23.46 23.76 20.26
N THR B 530 22.91 24.14 19.12
CA THR B 530 23.29 23.54 17.87
C THR B 530 23.34 24.67 16.88
N SER B 531 23.99 24.44 15.76
CA SER B 531 24.04 25.40 14.68
C SER B 531 23.21 24.90 13.50
N PHE B 532 22.48 25.81 12.86
CA PHE B 532 21.94 25.57 11.56
C PHE B 532 22.90 26.15 10.53
N GLY B 533 23.40 25.33 9.64
CA GLY B 533 24.26 25.82 8.60
C GLY B 533 23.43 26.08 7.35
N VAL B 534 23.09 27.36 7.12
CA VAL B 534 22.18 27.72 6.02
C VAL B 534 22.89 27.53 4.71
N ASN B 535 22.25 26.83 3.78
CA ASN B 535 22.81 26.70 2.44
C ASN B 535 21.65 26.65 1.46
N MET B 536 21.36 27.77 0.84
CA MET B 536 20.08 27.90 0.12
C MET B 536 20.25 27.54 -1.39
N ILE B 537 20.37 26.24 -1.67
CA ILE B 537 20.31 25.72 -3.08
C ILE B 537 18.88 25.22 -3.47
N ALA B 538 18.26 25.91 -4.43
CA ALA B 538 16.97 25.49 -4.95
C ALA B 538 17.04 25.43 -6.46
N LEU B 539 15.91 25.02 -7.05
CA LEU B 539 15.78 24.90 -8.49
C LEU B 539 15.10 26.13 -9.03
N VAL B 540 15.87 26.83 -9.85
CA VAL B 540 15.49 28.05 -10.51
C VAL B 540 15.51 27.67 -12.00
N ASN B 541 14.35 27.71 -12.63
CA ASN B 541 14.23 27.24 -13.99
C ASN B 541 14.89 25.85 -14.20
N GLY B 542 14.54 24.90 -13.33
CA GLY B 542 14.94 23.51 -13.54
C GLY B 542 16.43 23.30 -13.41
N ARG B 543 17.11 24.24 -12.76
CA ARG B 543 18.54 24.22 -12.63
C ARG B 543 18.90 24.59 -11.21
N PRO B 544 19.87 23.88 -10.62
CA PRO B 544 20.16 24.10 -9.20
C PRO B 544 20.93 25.36 -8.97
N LYS B 545 20.56 26.16 -8.01
CA LYS B 545 21.25 27.42 -7.85
C LYS B 545 21.33 27.79 -6.37
N LEU B 546 22.46 28.38 -6.01
CA LEU B 546 22.58 29.01 -4.71
C LEU B 546 21.98 30.39 -4.79
N ILE B 547 20.86 30.58 -4.09
CA ILE B 547 20.17 31.87 -4.04
C ILE B 547 20.20 32.51 -2.66
N ASN B 548 19.73 33.74 -2.63
CA ASN B 548 19.71 34.55 -1.44
C ASN B 548 18.29 35.03 -1.19
N LEU B 549 18.04 35.76 -0.09
CA LEU B 549 16.67 36.16 0.31
C LEU B 549 15.90 36.92 -0.75
N LYS B 550 16.53 37.91 -1.38
CA LYS B 550 15.81 38.75 -2.35
C LYS B 550 15.43 37.99 -3.62
N GLU B 551 16.30 37.09 -4.09
CA GLU B 551 15.97 36.09 -5.13
C GLU B 551 14.90 35.01 -4.78
N ALA B 552 14.84 34.61 -3.51
CA ALA B 552 13.85 33.61 -3.10
C ALA B 552 12.49 34.22 -3.17
N LEU B 553 12.42 35.49 -2.83
CA LEU B 553 11.17 36.20 -2.87
C LEU B 553 10.88 36.73 -4.28
N VAL B 554 11.89 37.13 -5.06
CA VAL B 554 11.66 37.58 -6.45
C VAL B 554 11.14 36.45 -7.37
N HIS B 555 11.68 35.25 -7.20
CA HIS B 555 11.18 34.13 -7.97
C HIS B 555 9.82 33.66 -7.49
N TYR B 556 9.40 34.02 -6.28
CA TYR B 556 8.04 33.66 -5.81
C TYR B 556 6.96 34.57 -6.36
N LEU B 557 7.24 35.86 -6.34
CA LEU B 557 6.35 36.89 -6.81
C LEU B 557 6.12 36.66 -8.29
N GLU B 558 7.20 36.49 -9.04
CA GLU B 558 7.08 36.26 -10.47
C GLU B 558 6.18 35.05 -10.74
N HIS B 559 6.24 34.07 -9.86
CA HIS B 559 5.33 32.94 -9.92
C HIS B 559 3.86 33.27 -9.55
N GLN B 560 3.65 34.19 -8.62
CA GLN B 560 2.31 34.66 -8.33
C GLN B 560 1.78 35.46 -9.54
N LYS B 561 2.56 36.38 -10.08
CA LYS B 561 2.07 37.15 -11.20
C LYS B 561 1.50 36.21 -12.25
N THR B 562 2.28 35.18 -12.58
CA THR B 562 1.90 34.23 -13.64
C THR B 562 0.73 33.30 -13.25
N VAL B 563 0.72 32.84 -12.03
CA VAL B 563 -0.34 31.97 -11.57
C VAL B 563 -1.67 32.66 -11.71
N VAL B 564 -1.69 33.94 -11.37
CA VAL B 564 -2.95 34.68 -11.28
C VAL B 564 -3.39 35.17 -12.65
N ARG B 565 -2.42 35.59 -13.47
CA ARG B 565 -2.64 36.01 -14.86
C ARG B 565 -3.21 34.90 -15.67
N ARG B 566 -2.80 33.66 -15.38
CA ARG B 566 -3.26 32.52 -16.21
C ARG B 566 -4.65 32.06 -15.82
N ARG B 567 -4.93 32.15 -14.52
CA ARG B 567 -6.23 31.80 -14.00
C ARG B 567 -7.26 32.73 -14.60
N THR B 568 -6.96 34.03 -14.50
CA THR B 568 -7.87 35.09 -14.98
C THR B 568 -8.01 35.05 -16.51
N GLN B 569 -6.95 34.73 -17.23
CA GLN B 569 -7.15 34.31 -18.60
C GLN B 569 -8.07 33.10 -18.64
N TYR B 570 -7.79 32.06 -17.85
CA TYR B 570 -8.54 30.81 -17.99
C TYR B 570 -10.02 31.11 -17.76
N ASN B 571 -10.30 31.63 -16.58
CA ASN B 571 -11.62 32.08 -16.24
C ASN B 571 -12.35 32.92 -17.26
N LEU B 572 -11.63 33.65 -18.10
CA LEU B 572 -12.29 34.43 -19.16
C LEU B 572 -12.69 33.56 -20.38
N ARG B 573 -11.77 32.69 -20.84
CA ARG B 573 -12.09 31.74 -21.90
C ARG B 573 -13.37 30.97 -21.57
N LYS B 574 -13.56 30.62 -20.29
CA LYS B 574 -14.65 29.71 -19.85
C LYS B 574 -15.99 30.38 -19.70
N ALA B 575 -15.94 31.65 -19.36
CA ALA B 575 -17.13 32.46 -19.22
C ALA B 575 -17.62 32.74 -20.62
N LYS B 576 -16.73 33.24 -21.47
CA LYS B 576 -17.03 33.57 -22.87
C LYS B 576 -17.61 32.40 -23.63
N ASP B 577 -17.20 31.17 -23.27
CA ASP B 577 -17.75 29.94 -23.85
C ASP B 577 -19.14 29.68 -23.25
N ARG B 578 -19.26 29.91 -21.95
CA ARG B 578 -20.48 29.65 -21.23
C ARG B 578 -21.50 30.74 -21.63
N ALA B 579 -21.04 31.97 -21.75
CA ALA B 579 -21.87 33.07 -22.21
C ALA B 579 -22.47 32.64 -23.49
N HIS B 580 -21.60 32.25 -24.39
CA HIS B 580 -21.96 31.90 -25.74
C HIS B 580 -23.13 30.89 -25.80
N ILE B 581 -22.90 29.72 -25.25
CA ILE B 581 -23.94 28.72 -25.04
C ILE B 581 -25.21 29.29 -24.46
N LEU B 582 -25.07 30.19 -23.49
CA LEU B 582 -26.24 30.76 -22.82
C LEU B 582 -27.02 31.71 -23.72
N GLU B 583 -26.32 32.39 -24.63
CA GLU B 583 -26.95 33.16 -25.70
C GLU B 583 -27.69 32.24 -26.63
N GLY B 584 -27.24 30.98 -26.67
CA GLY B 584 -27.92 29.93 -27.40
C GLY B 584 -29.20 29.57 -26.71
N LEU B 585 -29.11 29.16 -25.44
CA LEU B 585 -30.33 28.82 -24.70
C LEU B 585 -31.36 29.95 -24.73
N ARG B 586 -30.84 31.18 -24.74
CA ARG B 586 -31.66 32.39 -24.72
C ARG B 586 -32.49 32.59 -25.97
N ILE B 587 -31.90 32.23 -27.12
CA ILE B 587 -32.60 32.27 -28.40
C ILE B 587 -33.60 31.15 -28.43
N ALA B 588 -33.30 30.04 -27.76
CA ALA B 588 -34.24 28.95 -27.76
C ALA B 588 -35.52 29.37 -27.06
N LEU B 589 -35.36 29.94 -25.88
CA LEU B 589 -36.47 30.37 -25.04
C LEU B 589 -37.35 31.41 -25.75
N ASP B 590 -36.71 32.19 -26.61
CA ASP B 590 -37.41 33.24 -27.34
C ASP B 590 -38.34 32.65 -28.38
N HIS B 591 -37.86 31.65 -29.09
CA HIS B 591 -38.53 31.12 -30.26
C HIS B 591 -38.89 29.67 -29.97
N ILE B 592 -39.28 29.38 -28.73
CA ILE B 592 -39.32 27.98 -28.29
C ILE B 592 -40.19 27.10 -29.15
N ASP B 593 -41.36 27.60 -29.51
CA ASP B 593 -42.22 26.85 -30.41
C ASP B 593 -41.64 26.74 -31.80
N GLU B 594 -40.84 27.69 -32.23
CA GLU B 594 -40.15 27.52 -33.52
C GLU B 594 -39.16 26.38 -33.42
N ILE B 595 -38.47 26.34 -32.27
CA ILE B 595 -37.44 25.36 -32.00
C ILE B 595 -38.14 24.01 -32.03
N ILE B 596 -39.22 23.90 -31.25
CA ILE B 596 -39.98 22.63 -31.20
C ILE B 596 -40.19 22.11 -32.62
N SER B 597 -40.94 22.94 -33.35
CA SER B 597 -41.23 22.74 -34.74
C SER B 597 -40.01 22.19 -35.46
N THR B 598 -38.89 22.88 -35.34
CA THR B 598 -37.72 22.48 -36.12
C THR B 598 -37.24 21.09 -35.82
N ILE B 599 -37.32 20.73 -34.54
CA ILE B 599 -36.70 19.51 -34.07
C ILE B 599 -37.61 18.36 -34.37
N ARG B 600 -38.91 18.58 -34.19
CA ARG B 600 -39.85 17.53 -34.48
C ARG B 600 -39.81 17.11 -35.92
N GLU B 601 -39.59 18.06 -36.83
CA GLU B 601 -39.53 17.75 -38.25
C GLU B 601 -38.16 17.36 -38.85
N SER B 602 -37.21 16.97 -37.99
CA SER B 602 -35.95 16.39 -38.47
C SER B 602 -36.00 14.96 -37.98
N ASP B 603 -35.70 14.02 -38.89
CA ASP B 603 -35.83 12.58 -38.58
C ASP B 603 -34.76 12.16 -37.56
N THR B 604 -33.59 12.76 -37.73
CA THR B 604 -32.39 12.42 -36.99
C THR B 604 -31.89 13.63 -36.24
N ASP B 605 -31.10 13.38 -35.21
CA ASP B 605 -30.34 14.40 -34.51
C ASP B 605 -29.48 15.26 -35.47
N LYS B 606 -28.62 14.64 -36.26
CA LYS B 606 -27.74 15.38 -37.21
C LYS B 606 -28.53 16.32 -38.14
N VAL B 607 -29.73 15.94 -38.52
CA VAL B 607 -30.53 16.79 -39.41
C VAL B 607 -31.21 17.91 -38.62
N ALA B 608 -31.64 17.65 -37.38
CA ALA B 608 -31.94 18.73 -36.43
C ALA B 608 -30.76 19.72 -36.22
N MET B 609 -29.55 19.17 -36.04
CA MET B 609 -28.33 19.97 -35.79
C MET B 609 -28.04 20.93 -36.92
N GLU B 610 -28.21 20.46 -38.15
CA GLU B 610 -27.91 21.34 -39.28
C GLU B 610 -28.99 22.42 -39.44
N SER B 611 -30.24 22.00 -39.27
CA SER B 611 -31.39 22.89 -39.40
C SER B 611 -31.37 23.94 -38.33
N LEU B 612 -31.07 23.55 -37.09
CA LEU B 612 -31.01 24.51 -36.01
C LEU B 612 -29.90 25.55 -36.19
N GLN B 613 -28.76 25.13 -36.75
CA GLN B 613 -27.69 26.07 -37.01
C GLN B 613 -28.08 26.99 -38.16
N GLN B 614 -28.48 26.37 -39.27
CA GLN B 614 -29.06 27.05 -40.43
C GLN B 614 -30.17 28.00 -40.01
N ARG B 615 -31.13 27.47 -39.27
CA ARG B 615 -32.32 28.24 -39.00
C ARG B 615 -31.99 29.47 -38.14
N PHE B 616 -31.43 29.28 -36.95
CA PHE B 616 -31.29 30.43 -35.99
C PHE B 616 -29.89 31.05 -35.90
N LYS B 617 -29.05 30.82 -36.90
CA LYS B 617 -27.71 31.38 -36.85
C LYS B 617 -26.91 31.01 -35.59
N LEU B 618 -26.89 29.75 -35.26
CA LEU B 618 -26.25 29.26 -34.10
C LEU B 618 -24.94 28.57 -34.50
N SER B 619 -23.96 28.56 -33.60
CA SER B 619 -22.73 27.78 -33.79
C SER B 619 -23.05 26.31 -33.55
N GLU B 620 -22.14 25.42 -33.94
CA GLU B 620 -22.35 24.00 -33.71
C GLU B 620 -22.61 23.73 -32.22
N LYS B 621 -21.97 24.46 -31.32
CA LYS B 621 -22.09 24.15 -29.86
C LYS B 621 -23.39 24.66 -29.22
N GLN B 622 -23.98 25.71 -29.78
CA GLN B 622 -25.21 26.24 -29.20
C GLN B 622 -26.38 25.30 -29.47
N ALA B 623 -26.30 24.68 -30.66
CA ALA B 623 -27.21 23.65 -31.09
C ALA B 623 -27.16 22.36 -30.28
N GLN B 624 -25.97 21.80 -30.00
CA GLN B 624 -25.92 20.56 -29.20
C GLN B 624 -26.51 20.79 -27.81
N ALA B 625 -26.18 21.94 -27.24
CA ALA B 625 -26.60 22.35 -25.91
C ALA B 625 -28.14 22.55 -25.85
N ILE B 626 -28.70 23.07 -26.95
CA ILE B 626 -30.14 23.11 -27.12
C ILE B 626 -30.76 21.71 -27.34
N LEU B 627 -30.11 20.90 -28.14
CA LEU B 627 -30.55 19.55 -28.21
C LEU B 627 -30.44 18.89 -26.82
N ASP B 628 -29.36 19.18 -26.10
CA ASP B 628 -29.23 18.62 -24.74
C ASP B 628 -30.31 19.14 -23.72
N MET B 629 -30.61 20.42 -23.70
CA MET B 629 -31.54 20.90 -22.69
C MET B 629 -32.67 19.91 -22.41
N ARG B 630 -32.83 19.54 -21.14
CA ARG B 630 -33.99 18.77 -20.66
C ARG B 630 -35.23 19.66 -20.65
N LEU B 631 -36.41 19.07 -20.48
CA LEU B 631 -37.63 19.91 -20.43
C LEU B 631 -37.74 20.72 -19.15
N ARG B 632 -37.42 20.10 -18.02
CA ARG B 632 -37.52 20.80 -16.74
C ARG B 632 -37.00 22.22 -16.77
N ARG B 633 -36.23 22.54 -17.82
CA ARG B 633 -35.64 23.86 -17.98
C ARG B 633 -36.58 24.77 -18.77
N LEU B 634 -37.79 24.30 -19.04
CA LEU B 634 -38.82 25.21 -19.60
C LEU B 634 -39.70 25.84 -18.53
N THR B 635 -39.57 25.43 -17.26
CA THR B 635 -40.35 26.04 -16.17
C THR B 635 -39.90 27.44 -15.87
N GLY B 636 -40.77 28.21 -15.23
CA GLY B 636 -40.56 29.65 -15.07
C GLY B 636 -39.32 30.04 -14.29
N LEU B 637 -39.09 29.33 -13.20
CA LEU B 637 -37.92 29.54 -12.38
C LEU B 637 -36.71 29.29 -13.21
N GLU B 638 -36.66 28.09 -13.79
CA GLU B 638 -35.53 27.67 -14.63
C GLU B 638 -35.20 28.68 -15.72
N ARG B 639 -36.24 29.23 -16.35
CA ARG B 639 -36.07 30.26 -17.39
C ARG B 639 -35.27 31.45 -16.84
N ASP B 640 -35.68 31.88 -15.66
CA ASP B 640 -35.11 33.00 -14.97
C ASP B 640 -33.69 32.62 -14.56
N LYS B 641 -33.50 31.41 -14.07
CA LYS B 641 -32.16 30.89 -13.78
C LYS B 641 -31.09 31.11 -14.88
N ILE B 642 -31.47 30.84 -16.13
CA ILE B 642 -30.69 31.08 -17.34
C ILE B 642 -30.41 32.58 -17.53
N GLU B 643 -31.37 33.42 -17.19
CA GLU B 643 -31.19 34.86 -17.46
C GLU B 643 -30.24 35.46 -16.41
N ALA B 644 -30.44 35.05 -15.16
CA ALA B 644 -29.53 35.36 -14.09
C ALA B 644 -28.08 34.98 -14.45
N GLU B 645 -27.85 33.73 -14.87
CA GLU B 645 -26.47 33.26 -15.13
C GLU B 645 -25.71 34.20 -16.12
N TYR B 646 -26.38 34.59 -17.21
CA TYR B 646 -25.80 35.39 -18.31
C TYR B 646 -25.51 36.86 -17.97
N ASN B 647 -26.36 37.47 -17.14
CA ASN B 647 -26.18 38.87 -16.81
C ASN B 647 -25.00 38.96 -15.85
N GLU B 648 -24.97 37.94 -14.97
CA GLU B 648 -23.98 37.81 -13.91
C GLU B 648 -22.66 37.53 -14.56
N LEU B 649 -22.66 36.55 -15.43
CA LEU B 649 -21.46 36.20 -16.13
C LEU B 649 -20.98 37.29 -17.04
N LEU B 650 -21.90 38.08 -17.60
CA LEU B 650 -21.53 39.18 -18.52
C LEU B 650 -20.70 40.20 -17.81
N ASN B 651 -21.10 40.39 -16.57
CA ASN B 651 -20.58 41.39 -15.68
C ASN B 651 -19.25 40.90 -15.13
N TYR B 652 -19.19 39.59 -14.84
CA TYR B 652 -17.96 38.93 -14.43
C TYR B 652 -16.94 39.08 -15.54
N ILE B 653 -17.40 38.91 -16.78
CA ILE B 653 -16.48 38.87 -17.87
C ILE B 653 -15.78 40.17 -17.91
N SER B 654 -16.52 41.25 -17.94
CA SER B 654 -15.89 42.59 -18.01
C SER B 654 -14.98 42.92 -16.79
N GLU B 655 -15.19 42.24 -15.66
CA GLU B 655 -14.25 42.32 -14.56
C GLU B 655 -12.93 41.57 -14.91
N LEU B 656 -12.99 40.31 -15.30
CA LEU B 656 -11.81 39.67 -15.81
C LEU B 656 -11.10 40.60 -16.85
N GLU B 657 -11.84 41.10 -17.82
CA GLU B 657 -11.26 41.91 -18.90
C GLU B 657 -10.51 43.13 -18.33
N THR B 658 -10.99 43.69 -17.20
CA THR B 658 -10.38 44.87 -16.53
C THR B 658 -8.98 44.51 -16.08
N ILE B 659 -8.92 43.52 -15.22
CA ILE B 659 -7.65 43.03 -14.69
C ILE B 659 -6.60 42.82 -15.76
N LEU B 660 -6.95 42.12 -16.82
CA LEU B 660 -5.97 41.76 -17.84
C LEU B 660 -5.43 42.94 -18.60
N ALA B 661 -6.24 43.98 -18.73
CA ALA B 661 -5.87 45.23 -19.37
C ALA B 661 -4.73 46.01 -18.69
N ASP B 662 -4.54 45.83 -17.38
CA ASP B 662 -3.60 46.65 -16.61
C ASP B 662 -2.73 45.81 -15.66
N GLU B 663 -1.42 45.90 -15.80
CA GLU B 663 -0.48 45.12 -14.94
C GLU B 663 -0.63 45.48 -13.47
N GLU B 664 -1.06 46.70 -13.21
CA GLU B 664 -1.13 47.19 -11.86
C GLU B 664 -2.40 46.64 -11.19
N VAL B 665 -3.54 46.67 -11.87
CA VAL B 665 -4.77 46.15 -11.25
C VAL B 665 -4.44 44.72 -10.90
N LEU B 666 -3.80 44.05 -11.86
CA LEU B 666 -3.32 42.66 -11.70
C LEU B 666 -2.44 42.45 -10.45
N LEU B 667 -1.34 43.18 -10.39
CA LEU B 667 -0.44 43.10 -9.27
C LEU B 667 -1.22 43.37 -7.96
N GLN B 668 -2.10 44.36 -7.98
CA GLN B 668 -2.79 44.72 -6.76
C GLN B 668 -3.63 43.53 -6.31
N LEU B 669 -4.06 42.72 -7.26
CA LEU B 669 -4.84 41.52 -6.94
C LEU B 669 -4.00 40.51 -6.21
N VAL B 670 -2.77 40.31 -6.66
CA VAL B 670 -1.86 39.37 -5.99
C VAL B 670 -1.66 39.83 -4.55
N ARG B 671 -1.37 41.10 -4.36
CA ARG B 671 -1.38 41.69 -3.00
C ARG B 671 -2.69 41.47 -2.16
N ASP B 672 -3.86 41.73 -2.73
CA ASP B 672 -5.11 41.50 -1.98
C ASP B 672 -5.29 40.01 -1.68
N GLU B 673 -4.70 39.13 -2.48
CA GLU B 673 -4.81 37.71 -2.17
C GLU B 673 -3.73 37.27 -1.18
N LEU B 674 -2.51 37.73 -1.41
CA LEU B 674 -1.49 37.53 -0.44
C LEU B 674 -1.92 38.06 0.93
N THR B 675 -2.41 39.30 0.99
CA THR B 675 -2.88 39.88 2.26
C THR B 675 -3.97 39.05 2.95
N GLU B 676 -4.92 38.52 2.16
CA GLU B 676 -5.95 37.68 2.75
C GLU B 676 -5.31 36.48 3.50
N ILE B 677 -4.41 35.75 2.83
CA ILE B 677 -3.77 34.57 3.41
C ILE B 677 -2.95 34.88 4.67
N ARG B 678 -2.06 35.86 4.62
CA ARG B 678 -1.45 36.38 5.84
C ARG B 678 -2.47 36.58 6.93
N ASP B 679 -3.52 37.31 6.63
CA ASP B 679 -4.55 37.55 7.62
C ASP B 679 -5.02 36.24 8.22
N ARG B 680 -5.34 35.28 7.35
CA ARG B 680 -6.06 34.05 7.78
C ARG B 680 -5.18 33.04 8.56
N PHE B 681 -3.93 32.81 8.09
CA PHE B 681 -2.93 31.83 8.64
C PHE B 681 -1.67 32.43 9.30
N GLY B 682 -1.48 33.75 9.13
CA GLY B 682 -0.33 34.47 9.68
C GLY B 682 -0.48 34.35 11.17
N ASP B 683 0.64 34.08 11.86
CA ASP B 683 0.65 33.61 13.22
C ASP B 683 1.81 34.21 13.96
N ASP B 684 1.89 33.93 15.25
CA ASP B 684 2.95 34.52 16.04
C ASP B 684 4.33 33.85 15.84
N ARG B 685 5.34 34.73 15.93
CA ARG B 685 6.71 34.35 16.06
C ARG B 685 6.89 33.36 17.22
N ARG B 686 7.72 32.35 16.99
CA ARG B 686 8.03 31.34 18.00
C ARG B 686 9.52 31.43 18.48
N THR B 687 10.44 31.71 17.56
CA THR B 687 11.85 31.87 17.87
C THR B 687 12.27 33.34 18.09
N GLU B 688 12.93 33.56 19.21
CA GLU B 688 13.35 34.87 19.59
C GLU B 688 14.78 35.09 19.09
N ILE B 689 15.04 36.28 18.60
CA ILE B 689 16.37 36.64 18.17
C ILE B 689 16.96 37.61 19.18
N GLN B 690 17.96 37.11 19.91
CA GLN B 690 18.65 37.88 20.90
C GLN B 690 19.83 38.61 20.34
N LEU B 691 19.82 39.93 20.55
CA LEU B 691 20.90 40.82 20.12
C LEU B 691 22.04 40.75 21.15
MN MN E . 6.21 -41.25 1.33
MN MN F . -3.11 -5.07 16.50
OP1 5UA G . 7.97 -29.89 16.38
O5' 5UA G . 8.42 -32.11 15.76
C5' 5UA G . 9.56 -32.94 15.44
C4' 5UA G . 10.52 -32.56 14.28
O4' 5UA G . 10.24 -33.37 13.13
C1' 5UA G . 9.71 -32.57 12.05
N9 5UA G . 8.46 -33.16 11.48
C8 5UA G . 8.23 -33.43 10.19
N7 5UA G . 6.99 -34.00 10.03
C5 5UA G . 6.44 -34.09 11.26
C6 5UA G . 5.16 -34.58 11.78
N6 5UA G . 4.23 -35.10 10.98
N1 5UA G . 4.96 -34.50 13.09
C2 5UA G . 5.93 -33.96 14.03
N3 5UA G . 7.17 -33.50 13.44
C4 5UA G . 7.38 -33.57 12.12
C3' 5UA G . 10.49 -31.13 13.74
C2' 5UA G . 9.47 -31.17 12.64
O3' 5UA G . 11.76 -30.79 13.18
C6' 5UA G . 8.43 -30.99 16.73
OP3 5UA G . 8.94 -31.12 17.87
CAJ DU5 H . 12.86 -6.62 8.75
CAJ DU5 H . 12.63 -6.47 8.61
CAE DU5 H . 12.33 -5.92 9.82
CAE DU5 H . 12.10 -5.80 9.69
CAF DU5 H . 11.23 -5.08 9.62
CAF DU5 H . 11.00 -4.97 9.52
CAK DU5 H . 10.67 -4.93 8.35
CAK DU5 H . 10.43 -4.80 8.25
CAZ DU5 H . 11.20 -5.63 7.27
CAZ DU5 H . 10.96 -5.47 7.15
CAY DU5 H . 12.29 -6.47 7.49
CAY DU5 H . 12.06 -6.31 7.35
CAL DU5 H . 12.83 -7.18 6.42
CAL DU5 H . 12.60 -6.99 6.27
CAG DU5 H . 12.27 -7.02 5.16
CAG DU5 H . 12.03 -6.81 5.02
NAT DU5 H . 11.18 -6.16 4.97
NAT DU5 H . 10.92 -5.97 4.84
CAX DU5 H . 10.64 -5.49 6.00
CAX DU5 H . 10.39 -5.32 5.89
NBB DU5 H . 9.59 -4.69 5.75
NBB DU5 H . 9.34 -4.53 5.64
CAS DU5 H . 9.35 -4.31 4.33
CAS DU5 H . 9.13 -4.13 4.21
CAQ DU5 H . 7.93 -3.85 4.00
CAQ DU5 H . 7.71 -3.66 3.84
CAR DU5 H . 8.80 -4.17 6.87
CAR DU5 H . 8.49 -4.07 6.75
CAP DU5 H . 7.39 -3.88 6.40
CAP DU5 H . 7.10 -3.74 6.21
NBA DU5 H . 7.47 -3.12 5.15
NBA DU5 H . 7.23 -2.95 5.01
CAO DU5 H . 6.05 -3.14 4.80
CAO DU5 H . 5.83 -2.89 4.60
CAM DU5 H . 5.64 -1.76 4.35
CAM DU5 H . 5.53 -1.46 4.19
CAN DU5 H . 4.11 -1.86 4.48
CAN DU5 H . 4.31 -1.60 3.24
NAU DU5 H . 3.41 -1.53 3.22
NAU DU5 H . 3.07 -1.68 4.04
CAV DU5 H . 2.05 -1.39 3.18
CAV DU5 H . 1.80 -1.47 3.60
OAA DU5 H . 1.32 -1.49 4.18
OAA DU5 H . 0.83 -1.54 4.35
CAW DU5 H . 1.48 -1.03 1.96
CAW DU5 H . 1.61 -1.10 2.26
CAH DU5 H . 0.10 -1.07 1.83
CAH DU5 H . 0.31 -0.86 1.82
CAC DU5 H . -0.50 -0.70 0.64
CAC DU5 H . 0.06 -0.46 0.51
CAB DU5 H . 0.28 -0.29 -0.43
CAB DU5 H . 1.10 -0.29 -0.38
CAD DU5 H . 1.65 -0.23 -0.32
CAD DU5 H . 2.41 -0.52 0.04
CAI DU5 H . 2.26 -0.61 0.88
CAI DU5 H . 2.66 -0.93 1.35
MN MN I . 15.83 -1.28 -8.28
OP1 5UA J . 34.69 7.86 11.75
O5' 5UA J . 34.97 9.00 13.76
C5' 5UA J . 34.42 8.90 15.08
C4' 5UA J . 33.03 9.51 15.23
O4' 5UA J . 33.04 10.91 14.91
C1' 5UA J . 31.93 11.18 14.05
N9 5UA J . 32.23 12.31 13.13
C8 5UA J . 31.63 13.52 13.08
N7 5UA J . 32.19 14.29 12.10
C5 5UA J . 33.15 13.54 11.52
C6 5UA J . 34.12 13.76 10.42
N6 5UA J . 34.16 14.91 9.76
N1 5UA J . 34.95 12.77 10.11
C2 5UA J . 34.95 11.47 10.79
N3 5UA J . 33.98 11.33 11.86
C4 5UA J . 33.14 12.34 12.17
C3' 5UA J . 32.00 8.86 14.32
C2' 5UA J . 31.72 9.89 13.27
O3' 5UA J . 30.83 8.66 15.09
C6' 5UA J . 35.21 7.83 12.89
OP3 5UA J . 35.89 6.87 13.27
#